data_1LZR
# 
_entry.id   1LZR 
# 
_audit_conform.dict_name       mmcif_pdbx.dic 
_audit_conform.dict_version    5.397 
_audit_conform.dict_location   http://mmcif.pdb.org/dictionaries/ascii/mmcif_pdbx.dic 
# 
loop_
_database_2.database_id 
_database_2.database_code 
_database_2.pdbx_database_accession 
_database_2.pdbx_DOI 
PDB   1LZR         pdb_00001lzr 10.2210/pdb1lzr/pdb 
WWPDB D_1000174888 ?            ?                   
# 
loop_
_pdbx_audit_revision_history.ordinal 
_pdbx_audit_revision_history.data_content_type 
_pdbx_audit_revision_history.major_revision 
_pdbx_audit_revision_history.minor_revision 
_pdbx_audit_revision_history.revision_date 
1 'Structure model' 1 0 1995-04-20 
2 'Structure model' 1 1 2008-03-24 
3 'Structure model' 1 2 2011-07-13 
4 'Structure model' 1 3 2017-11-29 
5 'Structure model' 2 0 2020-07-29 
6 'Structure model' 2 1 2024-10-09 
# 
loop_
_pdbx_audit_revision_details.ordinal 
_pdbx_audit_revision_details.revision_ordinal 
_pdbx_audit_revision_details.data_content_type 
_pdbx_audit_revision_details.provider 
_pdbx_audit_revision_details.type 
_pdbx_audit_revision_details.description 
_pdbx_audit_revision_details.details 
1 1 'Structure model' repository 'Initial release' ?                          ? 
2 5 'Structure model' repository Remediation       'Carbohydrate remediation' ? 
# 
loop_
_pdbx_audit_revision_group.ordinal 
_pdbx_audit_revision_group.revision_ordinal 
_pdbx_audit_revision_group.data_content_type 
_pdbx_audit_revision_group.group 
1  2 'Structure model' 'Version format compliance' 
2  3 'Structure model' 'Non-polymer description'   
3  3 'Structure model' 'Version format compliance' 
4  4 'Structure model' 'Derived calculations'      
5  4 'Structure model' Other                       
6  5 'Structure model' 'Atomic model'              
7  5 'Structure model' 'Data collection'           
8  5 'Structure model' 'Derived calculations'      
9  5 'Structure model' 'Structure summary'         
10 6 'Structure model' 'Data collection'           
11 6 'Structure model' 'Database references'       
12 6 'Structure model' 'Structure summary'         
# 
loop_
_pdbx_audit_revision_category.ordinal 
_pdbx_audit_revision_category.revision_ordinal 
_pdbx_audit_revision_category.data_content_type 
_pdbx_audit_revision_category.category 
1  4 'Structure model' pdbx_database_status          
2  4 'Structure model' struct_conf                   
3  4 'Structure model' struct_conf_type              
4  5 'Structure model' atom_site                     
5  5 'Structure model' chem_comp                     
6  5 'Structure model' entity                        
7  5 'Structure model' pdbx_branch_scheme            
8  5 'Structure model' pdbx_chem_comp_identifier     
9  5 'Structure model' pdbx_entity_branch            
10 5 'Structure model' pdbx_entity_branch_descriptor 
11 5 'Structure model' pdbx_entity_branch_link       
12 5 'Structure model' pdbx_entity_branch_list       
13 5 'Structure model' pdbx_entity_nonpoly           
14 5 'Structure model' pdbx_nonpoly_scheme           
15 5 'Structure model' pdbx_struct_assembly_gen      
16 5 'Structure model' struct_asym                   
17 5 'Structure model' struct_conn                   
18 5 'Structure model' struct_site                   
19 5 'Structure model' struct_site_gen               
20 6 'Structure model' chem_comp                     
21 6 'Structure model' chem_comp_atom                
22 6 'Structure model' chem_comp_bond                
23 6 'Structure model' database_2                    
24 6 'Structure model' pdbx_entry_details            
25 6 'Structure model' pdbx_modification_feature     
# 
loop_
_pdbx_audit_revision_item.ordinal 
_pdbx_audit_revision_item.revision_ordinal 
_pdbx_audit_revision_item.data_content_type 
_pdbx_audit_revision_item.item 
1  4 'Structure model' '_pdbx_database_status.process_site'     
2  5 'Structure model' '_atom_site.B_iso_or_equiv'              
3  5 'Structure model' '_atom_site.Cartn_x'                     
4  5 'Structure model' '_atom_site.Cartn_y'                     
5  5 'Structure model' '_atom_site.Cartn_z'                     
6  5 'Structure model' '_atom_site.auth_asym_id'                
7  5 'Structure model' '_atom_site.auth_atom_id'                
8  5 'Structure model' '_atom_site.auth_seq_id'                 
9  5 'Structure model' '_atom_site.label_asym_id'               
10 5 'Structure model' '_atom_site.label_atom_id'               
11 5 'Structure model' '_chem_comp.name'                        
12 5 'Structure model' '_chem_comp.type'                        
13 5 'Structure model' '_entity.formula_weight'                 
14 5 'Structure model' '_entity.pdbx_description'               
15 5 'Structure model' '_entity.pdbx_number_of_molecules'       
16 5 'Structure model' '_entity.type'                           
17 5 'Structure model' '_pdbx_struct_assembly_gen.asym_id_list' 
18 5 'Structure model' '_struct_conn.pdbx_dist_value'           
19 5 'Structure model' '_struct_conn.pdbx_leaving_atom_flag'    
20 5 'Structure model' '_struct_conn.pdbx_value_order'          
21 5 'Structure model' '_struct_conn.ptnr1_auth_asym_id'        
22 5 'Structure model' '_struct_conn.ptnr1_auth_seq_id'         
23 5 'Structure model' '_struct_conn.ptnr1_label_asym_id'       
24 5 'Structure model' '_struct_conn.ptnr1_label_atom_id'       
25 5 'Structure model' '_struct_conn.ptnr2_auth_asym_id'        
26 5 'Structure model' '_struct_conn.ptnr2_auth_seq_id'         
27 5 'Structure model' '_struct_conn.ptnr2_label_asym_id'       
28 5 'Structure model' '_struct_conn.ptnr2_label_atom_id'       
29 6 'Structure model' '_chem_comp.pdbx_synonyms'               
30 6 'Structure model' '_database_2.pdbx_DOI'                   
31 6 'Structure model' '_database_2.pdbx_database_accession'    
# 
_pdbx_database_status.status_code                     REL 
_pdbx_database_status.entry_id                        1LZR 
_pdbx_database_status.recvd_initial_deposition_date   1994-09-14 
_pdbx_database_status.deposit_site                    ? 
_pdbx_database_status.process_site                    BNL 
_pdbx_database_status.status_code_sf                  REL 
_pdbx_database_status.status_code_mr                  ? 
_pdbx_database_status.SG_entry                        ? 
_pdbx_database_status.pdb_format_compatible           Y 
_pdbx_database_status.status_code_cs                  ? 
_pdbx_database_status.methods_development_category    ? 
_pdbx_database_status.status_code_nmr_data            ? 
# 
loop_
_audit_author.name 
_audit_author.pdbx_ordinal 
'Matsushima, M.' 1 
'Inaka, K.'      2 
# 
_citation.id                        primary 
_citation.title                     
;Structural changes of active site cleft and different saccharide binding modes in human lysozyme co-crystallized with hexa-N-acetyl-chitohexaose at pH 4.0.
;
_citation.journal_abbrev            J.Mol.Biol. 
_citation.journal_volume            244 
_citation.page_first                522 
_citation.page_last                 540 
_citation.year                      1994 
_citation.journal_id_ASTM           JMOBAK 
_citation.country                   UK 
_citation.journal_id_ISSN           0022-2836 
_citation.journal_id_CSD            0070 
_citation.book_publisher            ? 
_citation.pdbx_database_id_PubMed   7990138 
_citation.pdbx_database_id_DOI      10.1006/jmbi.1994.1750 
# 
loop_
_citation_author.citation_id 
_citation_author.name 
_citation_author.ordinal 
_citation_author.identifier_ORCID 
primary 'Song, H.'       1 ? 
primary 'Inaka, K.'      2 ? 
primary 'Maenaka, K.'    3 ? 
primary 'Matsushima, M.' 4 ? 
# 
loop_
_entity.id 
_entity.type 
_entity.src_method 
_entity.pdbx_description 
_entity.formula_weight 
_entity.pdbx_number_of_molecules 
_entity.pdbx_ec 
_entity.pdbx_mutation 
_entity.pdbx_fragment 
_entity.details 
1 polymer     man 'HUMAN LYSOZYME' 14720.693 1   3.2.1.17 ? ? ? 
2 branched    man 
;2-acetamido-2-deoxy-beta-D-glucopyranose-(1-4)-2-acetamido-2-deoxy-beta-D-glucopyranose-(1-4)-2-acetamido-2-deoxy-beta-D-glucopyranose-(1-4)-2-acetamido-2-deoxy-beta-D-glucopyranose
;
830.786   1   ?        ? ? ? 
3 non-polymer syn 'CHLORIDE ION' 35.453    2   ?        ? ? ? 
4 water       nat water 18.015    163 ?        ? ? ? 
# 
_entity_poly.entity_id                      1 
_entity_poly.type                           'polypeptide(L)' 
_entity_poly.nstd_linkage                   no 
_entity_poly.nstd_monomer                   no 
_entity_poly.pdbx_seq_one_letter_code       
;KVFERCELARTLKRLGMDGYRGISLANWMCLAKWESGYNTRATNYNAGDRSTDYGIFQINSRYWCNDGKTPGAVNACHLS
CSALLQDNIADAVACAKRVVRDPQGIRAWVAWRNRCQNRDVRQYVQGCGV
;
_entity_poly.pdbx_seq_one_letter_code_can   
;KVFERCELARTLKRLGMDGYRGISLANWMCLAKWESGYNTRATNYNAGDRSTDYGIFQINSRYWCNDGKTPGAVNACHLS
CSALLQDNIADAVACAKRVVRDPQGIRAWVAWRNRCQNRDVRQYVQGCGV
;
_entity_poly.pdbx_strand_id                 A 
_entity_poly.pdbx_target_identifier         ? 
# 
loop_
_pdbx_entity_nonpoly.entity_id 
_pdbx_entity_nonpoly.name 
_pdbx_entity_nonpoly.comp_id 
3 'CHLORIDE ION' CL  
4 water          HOH 
# 
loop_
_entity_poly_seq.entity_id 
_entity_poly_seq.num 
_entity_poly_seq.mon_id 
_entity_poly_seq.hetero 
1 1   LYS n 
1 2   VAL n 
1 3   PHE n 
1 4   GLU n 
1 5   ARG n 
1 6   CYS n 
1 7   GLU n 
1 8   LEU n 
1 9   ALA n 
1 10  ARG n 
1 11  THR n 
1 12  LEU n 
1 13  LYS n 
1 14  ARG n 
1 15  LEU n 
1 16  GLY n 
1 17  MET n 
1 18  ASP n 
1 19  GLY n 
1 20  TYR n 
1 21  ARG n 
1 22  GLY n 
1 23  ILE n 
1 24  SER n 
1 25  LEU n 
1 26  ALA n 
1 27  ASN n 
1 28  TRP n 
1 29  MET n 
1 30  CYS n 
1 31  LEU n 
1 32  ALA n 
1 33  LYS n 
1 34  TRP n 
1 35  GLU n 
1 36  SER n 
1 37  GLY n 
1 38  TYR n 
1 39  ASN n 
1 40  THR n 
1 41  ARG n 
1 42  ALA n 
1 43  THR n 
1 44  ASN n 
1 45  TYR n 
1 46  ASN n 
1 47  ALA n 
1 48  GLY n 
1 49  ASP n 
1 50  ARG n 
1 51  SER n 
1 52  THR n 
1 53  ASP n 
1 54  TYR n 
1 55  GLY n 
1 56  ILE n 
1 57  PHE n 
1 58  GLN n 
1 59  ILE n 
1 60  ASN n 
1 61  SER n 
1 62  ARG n 
1 63  TYR n 
1 64  TRP n 
1 65  CYS n 
1 66  ASN n 
1 67  ASP n 
1 68  GLY n 
1 69  LYS n 
1 70  THR n 
1 71  PRO n 
1 72  GLY n 
1 73  ALA n 
1 74  VAL n 
1 75  ASN n 
1 76  ALA n 
1 77  CYS n 
1 78  HIS n 
1 79  LEU n 
1 80  SER n 
1 81  CYS n 
1 82  SER n 
1 83  ALA n 
1 84  LEU n 
1 85  LEU n 
1 86  GLN n 
1 87  ASP n 
1 88  ASN n 
1 89  ILE n 
1 90  ALA n 
1 91  ASP n 
1 92  ALA n 
1 93  VAL n 
1 94  ALA n 
1 95  CYS n 
1 96  ALA n 
1 97  LYS n 
1 98  ARG n 
1 99  VAL n 
1 100 VAL n 
1 101 ARG n 
1 102 ASP n 
1 103 PRO n 
1 104 GLN n 
1 105 GLY n 
1 106 ILE n 
1 107 ARG n 
1 108 ALA n 
1 109 TRP n 
1 110 VAL n 
1 111 ALA n 
1 112 TRP n 
1 113 ARG n 
1 114 ASN n 
1 115 ARG n 
1 116 CYS n 
1 117 GLN n 
1 118 ASN n 
1 119 ARG n 
1 120 ASP n 
1 121 VAL n 
1 122 ARG n 
1 123 GLN n 
1 124 TYR n 
1 125 VAL n 
1 126 GLN n 
1 127 GLY n 
1 128 CYS n 
1 129 GLY n 
1 130 VAL n 
# 
_entity_src_gen.entity_id                          1 
_entity_src_gen.pdbx_src_id                        1 
_entity_src_gen.pdbx_alt_source_flag               sample 
_entity_src_gen.pdbx_seq_type                      ? 
_entity_src_gen.pdbx_beg_seq_num                   ? 
_entity_src_gen.pdbx_end_seq_num                   ? 
_entity_src_gen.gene_src_common_name               human 
_entity_src_gen.gene_src_genus                     ? 
_entity_src_gen.pdbx_gene_src_gene                 ? 
_entity_src_gen.gene_src_species                   ? 
_entity_src_gen.gene_src_strain                    ? 
_entity_src_gen.gene_src_tissue                    ? 
_entity_src_gen.gene_src_tissue_fraction           ? 
_entity_src_gen.gene_src_details                   ? 
_entity_src_gen.pdbx_gene_src_fragment             ? 
_entity_src_gen.pdbx_gene_src_scientific_name      'Homo sapiens' 
_entity_src_gen.pdbx_gene_src_ncbi_taxonomy_id     9606 
_entity_src_gen.pdbx_gene_src_variant              ? 
_entity_src_gen.pdbx_gene_src_cell_line            ? 
_entity_src_gen.pdbx_gene_src_atcc                 ? 
_entity_src_gen.pdbx_gene_src_organ                ? 
_entity_src_gen.pdbx_gene_src_organelle            ? 
_entity_src_gen.pdbx_gene_src_cell                 ? 
_entity_src_gen.pdbx_gene_src_cellular_location    ? 
_entity_src_gen.host_org_common_name               ? 
_entity_src_gen.pdbx_host_org_scientific_name      ? 
_entity_src_gen.pdbx_host_org_ncbi_taxonomy_id     ? 
_entity_src_gen.host_org_genus                     ? 
_entity_src_gen.pdbx_host_org_gene                 ? 
_entity_src_gen.pdbx_host_org_organ                ? 
_entity_src_gen.host_org_species                   ? 
_entity_src_gen.pdbx_host_org_tissue               ? 
_entity_src_gen.pdbx_host_org_tissue_fraction      ? 
_entity_src_gen.pdbx_host_org_strain               ? 
_entity_src_gen.pdbx_host_org_variant              ? 
_entity_src_gen.pdbx_host_org_cell_line            ? 
_entity_src_gen.pdbx_host_org_atcc                 ? 
_entity_src_gen.pdbx_host_org_culture_collection   ? 
_entity_src_gen.pdbx_host_org_cell                 ? 
_entity_src_gen.pdbx_host_org_organelle            ? 
_entity_src_gen.pdbx_host_org_cellular_location    ? 
_entity_src_gen.pdbx_host_org_vector_type          ? 
_entity_src_gen.pdbx_host_org_vector               ? 
_entity_src_gen.host_org_details                   ? 
_entity_src_gen.expression_system_id               ? 
_entity_src_gen.plasmid_name                       ? 
_entity_src_gen.plasmid_details                    ? 
_entity_src_gen.pdbx_description                   ? 
# 
_pdbx_entity_branch.entity_id   2 
_pdbx_entity_branch.type        oligosaccharide 
# 
loop_
_pdbx_entity_branch_descriptor.ordinal 
_pdbx_entity_branch_descriptor.entity_id 
_pdbx_entity_branch_descriptor.descriptor 
_pdbx_entity_branch_descriptor.type 
_pdbx_entity_branch_descriptor.program 
_pdbx_entity_branch_descriptor.program_version 
1 2 DGlcpNAcb1-4DGlcpNAcb1-4DGlcpNAcb1-4DGlcpNAcb1-ROH                                    'Glycam Condensed Sequence' GMML       
1.0   
2 2 'WURCS=2.0/1,4,3/[a2122h-1b_1-5_2*NCC/3=O]/1-1-1-1/a4-b1_b4-c1_c4-d1'                 WURCS                       PDB2Glycan 
1.1.0 
3 2 '[][b-D-GlcpNAc]{[(4+1)][b-D-GlcpNAc]{[(4+1)][b-D-GlcpNAc]{[(4+1)][b-D-GlcpNAc]{}}}}' LINUCS                      PDB-CARE   ? 
# 
loop_
_pdbx_entity_branch_link.link_id 
_pdbx_entity_branch_link.entity_id 
_pdbx_entity_branch_link.entity_branch_list_num_1 
_pdbx_entity_branch_link.comp_id_1 
_pdbx_entity_branch_link.atom_id_1 
_pdbx_entity_branch_link.leaving_atom_id_1 
_pdbx_entity_branch_link.entity_branch_list_num_2 
_pdbx_entity_branch_link.comp_id_2 
_pdbx_entity_branch_link.atom_id_2 
_pdbx_entity_branch_link.leaving_atom_id_2 
_pdbx_entity_branch_link.value_order 
_pdbx_entity_branch_link.details 
1 2 2 NAG C1 O1 1 NAG O4 HO4 sing ? 
2 2 3 NAG C1 O1 2 NAG O4 HO4 sing ? 
3 2 4 NAG C1 O1 3 NAG O4 HO4 sing ? 
# 
loop_
_chem_comp.id 
_chem_comp.type 
_chem_comp.mon_nstd_flag 
_chem_comp.name 
_chem_comp.pdbx_synonyms 
_chem_comp.formula 
_chem_comp.formula_weight 
ALA 'L-peptide linking'          y ALANINE                                  ? 'C3 H7 N O2'     89.093  
ARG 'L-peptide linking'          y ARGININE                                 ? 'C6 H15 N4 O2 1' 175.209 
ASN 'L-peptide linking'          y ASPARAGINE                               ? 'C4 H8 N2 O3'    132.118 
ASP 'L-peptide linking'          y 'ASPARTIC ACID'                          ? 'C4 H7 N O4'     133.103 
CL  non-polymer                  . 'CHLORIDE ION'                           ? 'Cl -1'          35.453  
CYS 'L-peptide linking'          y CYSTEINE                                 ? 'C3 H7 N O2 S'   121.158 
GLN 'L-peptide linking'          y GLUTAMINE                                ? 'C5 H10 N2 O3'   146.144 
GLU 'L-peptide linking'          y 'GLUTAMIC ACID'                          ? 'C5 H9 N O4'     147.129 
GLY 'peptide linking'            y GLYCINE                                  ? 'C2 H5 N O2'     75.067  
HIS 'L-peptide linking'          y HISTIDINE                                ? 'C6 H10 N3 O2 1' 156.162 
HOH non-polymer                  . WATER                                    ? 'H2 O'           18.015  
ILE 'L-peptide linking'          y ISOLEUCINE                               ? 'C6 H13 N O2'    131.173 
LEU 'L-peptide linking'          y LEUCINE                                  ? 'C6 H13 N O2'    131.173 
LYS 'L-peptide linking'          y LYSINE                                   ? 'C6 H15 N2 O2 1' 147.195 
MET 'L-peptide linking'          y METHIONINE                               ? 'C5 H11 N O2 S'  149.211 
NAG 'D-saccharide, beta linking' . 2-acetamido-2-deoxy-beta-D-glucopyranose 
;N-acetyl-beta-D-glucosamine; 2-acetamido-2-deoxy-beta-D-glucose; 2-acetamido-2-deoxy-D-glucose; 2-acetamido-2-deoxy-glucose; N-ACETYL-D-GLUCOSAMINE
;
'C8 H15 N O6'    221.208 
PHE 'L-peptide linking'          y PHENYLALANINE                            ? 'C9 H11 N O2'    165.189 
PRO 'L-peptide linking'          y PROLINE                                  ? 'C5 H9 N O2'     115.130 
SER 'L-peptide linking'          y SERINE                                   ? 'C3 H7 N O3'     105.093 
THR 'L-peptide linking'          y THREONINE                                ? 'C4 H9 N O3'     119.119 
TRP 'L-peptide linking'          y TRYPTOPHAN                               ? 'C11 H12 N2 O2'  204.225 
TYR 'L-peptide linking'          y TYROSINE                                 ? 'C9 H11 N O3'    181.189 
VAL 'L-peptide linking'          y VALINE                                   ? 'C5 H11 N O2'    117.146 
# 
loop_
_pdbx_chem_comp_identifier.comp_id 
_pdbx_chem_comp_identifier.type 
_pdbx_chem_comp_identifier.program 
_pdbx_chem_comp_identifier.program_version 
_pdbx_chem_comp_identifier.identifier 
NAG 'CONDENSED IUPAC CARBOHYDRATE SYMBOL' GMML     1.0 DGlcpNAcb                      
NAG 'COMMON NAME'                         GMML     1.0 N-acetyl-b-D-glucopyranosamine 
NAG 'IUPAC CARBOHYDRATE SYMBOL'           PDB-CARE 1.0 b-D-GlcpNAc                    
NAG 'SNFG CARBOHYDRATE SYMBOL'            GMML     1.0 GlcNAc                         
# 
loop_
_pdbx_poly_seq_scheme.asym_id 
_pdbx_poly_seq_scheme.entity_id 
_pdbx_poly_seq_scheme.seq_id 
_pdbx_poly_seq_scheme.mon_id 
_pdbx_poly_seq_scheme.ndb_seq_num 
_pdbx_poly_seq_scheme.pdb_seq_num 
_pdbx_poly_seq_scheme.auth_seq_num 
_pdbx_poly_seq_scheme.pdb_mon_id 
_pdbx_poly_seq_scheme.auth_mon_id 
_pdbx_poly_seq_scheme.pdb_strand_id 
_pdbx_poly_seq_scheme.pdb_ins_code 
_pdbx_poly_seq_scheme.hetero 
A 1 1   LYS 1   1   1   LYS LYS A . n 
A 1 2   VAL 2   2   2   VAL VAL A . n 
A 1 3   PHE 3   3   3   PHE PHE A . n 
A 1 4   GLU 4   4   4   GLU GLU A . n 
A 1 5   ARG 5   5   5   ARG ARG A . n 
A 1 6   CYS 6   6   6   CYS CYS A . n 
A 1 7   GLU 7   7   7   GLU GLU A . n 
A 1 8   LEU 8   8   8   LEU LEU A . n 
A 1 9   ALA 9   9   9   ALA ALA A . n 
A 1 10  ARG 10  10  10  ARG ARG A . n 
A 1 11  THR 11  11  11  THR THR A . n 
A 1 12  LEU 12  12  12  LEU LEU A . n 
A 1 13  LYS 13  13  13  LYS LYS A . n 
A 1 14  ARG 14  14  14  ARG ARG A . n 
A 1 15  LEU 15  15  15  LEU LEU A . n 
A 1 16  GLY 16  16  16  GLY GLY A . n 
A 1 17  MET 17  17  17  MET MET A . n 
A 1 18  ASP 18  18  18  ASP ASP A . n 
A 1 19  GLY 19  19  19  GLY GLY A . n 
A 1 20  TYR 20  20  20  TYR TYR A . n 
A 1 21  ARG 21  21  21  ARG ARG A . n 
A 1 22  GLY 22  22  22  GLY GLY A . n 
A 1 23  ILE 23  23  23  ILE ILE A . n 
A 1 24  SER 24  24  24  SER SER A . n 
A 1 25  LEU 25  25  25  LEU LEU A . n 
A 1 26  ALA 26  26  26  ALA ALA A . n 
A 1 27  ASN 27  27  27  ASN ASN A . n 
A 1 28  TRP 28  28  28  TRP TRP A . n 
A 1 29  MET 29  29  29  MET MET A . n 
A 1 30  CYS 30  30  30  CYS CYS A . n 
A 1 31  LEU 31  31  31  LEU LEU A . n 
A 1 32  ALA 32  32  32  ALA ALA A . n 
A 1 33  LYS 33  33  33  LYS LYS A . n 
A 1 34  TRP 34  34  34  TRP TRP A . n 
A 1 35  GLU 35  35  35  GLU GLU A . n 
A 1 36  SER 36  36  36  SER SER A . n 
A 1 37  GLY 37  37  37  GLY GLY A . n 
A 1 38  TYR 38  38  38  TYR TYR A . n 
A 1 39  ASN 39  39  39  ASN ASN A . n 
A 1 40  THR 40  40  40  THR THR A . n 
A 1 41  ARG 41  41  41  ARG ARG A . n 
A 1 42  ALA 42  42  42  ALA ALA A . n 
A 1 43  THR 43  43  43  THR THR A . n 
A 1 44  ASN 44  44  44  ASN ASN A . n 
A 1 45  TYR 45  45  45  TYR TYR A . n 
A 1 46  ASN 46  46  46  ASN ASN A . n 
A 1 47  ALA 47  47  47  ALA ALA A . n 
A 1 48  GLY 48  48  48  GLY GLY A . n 
A 1 49  ASP 49  49  49  ASP ASP A . n 
A 1 50  ARG 50  50  50  ARG ARG A . n 
A 1 51  SER 51  51  51  SER SER A . n 
A 1 52  THR 52  52  52  THR THR A . n 
A 1 53  ASP 53  53  53  ASP ASP A . n 
A 1 54  TYR 54  54  54  TYR TYR A . n 
A 1 55  GLY 55  55  55  GLY GLY A . n 
A 1 56  ILE 56  56  56  ILE ILE A . n 
A 1 57  PHE 57  57  57  PHE PHE A . n 
A 1 58  GLN 58  58  58  GLN GLN A . n 
A 1 59  ILE 59  59  59  ILE ILE A . n 
A 1 60  ASN 60  60  60  ASN ASN A . n 
A 1 61  SER 61  61  61  SER SER A . n 
A 1 62  ARG 62  62  62  ARG ARG A . n 
A 1 63  TYR 63  63  63  TYR TYR A . n 
A 1 64  TRP 64  64  64  TRP TRP A . n 
A 1 65  CYS 65  65  65  CYS CYS A . n 
A 1 66  ASN 66  66  66  ASN ASN A . n 
A 1 67  ASP 67  67  67  ASP ASP A . n 
A 1 68  GLY 68  68  68  GLY GLY A . n 
A 1 69  LYS 69  69  69  LYS LYS A . n 
A 1 70  THR 70  70  70  THR THR A . n 
A 1 71  PRO 71  71  71  PRO PRO A . n 
A 1 72  GLY 72  72  72  GLY GLY A . n 
A 1 73  ALA 73  73  73  ALA ALA A . n 
A 1 74  VAL 74  74  74  VAL VAL A . n 
A 1 75  ASN 75  75  75  ASN ASN A . n 
A 1 76  ALA 76  76  76  ALA ALA A . n 
A 1 77  CYS 77  77  77  CYS CYS A . n 
A 1 78  HIS 78  78  78  HIS HIS A . n 
A 1 79  LEU 79  79  79  LEU LEU A . n 
A 1 80  SER 80  80  80  SER SER A . n 
A 1 81  CYS 81  81  81  CYS CYS A . n 
A 1 82  SER 82  82  82  SER SER A . n 
A 1 83  ALA 83  83  83  ALA ALA A . n 
A 1 84  LEU 84  84  84  LEU LEU A . n 
A 1 85  LEU 85  85  85  LEU LEU A . n 
A 1 86  GLN 86  86  86  GLN GLN A . n 
A 1 87  ASP 87  87  87  ASP ASP A . n 
A 1 88  ASN 88  88  88  ASN ASN A . n 
A 1 89  ILE 89  89  89  ILE ILE A . n 
A 1 90  ALA 90  90  90  ALA ALA A . n 
A 1 91  ASP 91  91  91  ASP ASP A . n 
A 1 92  ALA 92  92  92  ALA ALA A . n 
A 1 93  VAL 93  93  93  VAL VAL A . n 
A 1 94  ALA 94  94  94  ALA ALA A . n 
A 1 95  CYS 95  95  95  CYS CYS A . n 
A 1 96  ALA 96  96  96  ALA ALA A . n 
A 1 97  LYS 97  97  97  LYS LYS A . n 
A 1 98  ARG 98  98  98  ARG ARG A . n 
A 1 99  VAL 99  99  99  VAL VAL A . n 
A 1 100 VAL 100 100 100 VAL VAL A . n 
A 1 101 ARG 101 101 101 ARG ARG A . n 
A 1 102 ASP 102 102 102 ASP ASP A . n 
A 1 103 PRO 103 103 103 PRO PRO A . n 
A 1 104 GLN 104 104 104 GLN GLN A . n 
A 1 105 GLY 105 105 105 GLY GLY A . n 
A 1 106 ILE 106 106 106 ILE ILE A . n 
A 1 107 ARG 107 107 107 ARG ARG A . n 
A 1 108 ALA 108 108 108 ALA ALA A . n 
A 1 109 TRP 109 109 109 TRP TRP A . n 
A 1 110 VAL 110 110 110 VAL VAL A . n 
A 1 111 ALA 111 111 111 ALA ALA A . n 
A 1 112 TRP 112 112 112 TRP TRP A . n 
A 1 113 ARG 113 113 113 ARG ARG A . n 
A 1 114 ASN 114 114 114 ASN ASN A . n 
A 1 115 ARG 115 115 115 ARG ARG A . n 
A 1 116 CYS 116 116 116 CYS CYS A . n 
A 1 117 GLN 117 117 117 GLN GLN A . n 
A 1 118 ASN 118 118 118 ASN ASN A . n 
A 1 119 ARG 119 119 119 ARG ARG A . n 
A 1 120 ASP 120 120 120 ASP ASP A . n 
A 1 121 VAL 121 121 121 VAL VAL A . n 
A 1 122 ARG 122 122 122 ARG ARG A . n 
A 1 123 GLN 123 123 123 GLN GLN A . n 
A 1 124 TYR 124 124 124 TYR TYR A . n 
A 1 125 VAL 125 125 125 VAL VAL A . n 
A 1 126 GLN 126 126 126 GLN GLN A . n 
A 1 127 GLY 127 127 127 GLY GLY A . n 
A 1 128 CYS 128 128 128 CYS CYS A . n 
A 1 129 GLY 129 129 129 GLY GLY A . n 
A 1 130 VAL 130 130 130 VAL VAL A . n 
# 
loop_
_pdbx_branch_scheme.asym_id 
_pdbx_branch_scheme.entity_id 
_pdbx_branch_scheme.mon_id 
_pdbx_branch_scheme.num 
_pdbx_branch_scheme.pdb_asym_id 
_pdbx_branch_scheme.pdb_mon_id 
_pdbx_branch_scheme.pdb_seq_num 
_pdbx_branch_scheme.auth_asym_id 
_pdbx_branch_scheme.auth_mon_id 
_pdbx_branch_scheme.auth_seq_num 
_pdbx_branch_scheme.hetero 
B 2 NAG 1 B NAG 1 ? NAG 139 n 
B 2 NAG 2 B NAG 2 ? NAG 138 n 
B 2 NAG 3 B NAG 3 ? NAG 137 n 
B 2 NAG 4 B NAG 4 ? NAG 136 n 
# 
loop_
_pdbx_nonpoly_scheme.asym_id 
_pdbx_nonpoly_scheme.entity_id 
_pdbx_nonpoly_scheme.mon_id 
_pdbx_nonpoly_scheme.ndb_seq_num 
_pdbx_nonpoly_scheme.pdb_seq_num 
_pdbx_nonpoly_scheme.auth_seq_num 
_pdbx_nonpoly_scheme.pdb_mon_id 
_pdbx_nonpoly_scheme.auth_mon_id 
_pdbx_nonpoly_scheme.pdb_strand_id 
_pdbx_nonpoly_scheme.pdb_ins_code 
C 3 CL  1   131 131 CL  CL  A . 
D 3 CL  1   132 132 CL  CL  A . 
E 4 HOH 1   140 140 HOH HOH A . 
E 4 HOH 2   141 141 HOH HOH A . 
E 4 HOH 3   142 142 HOH HOH A . 
E 4 HOH 4   143 143 HOH HOH A . 
E 4 HOH 5   144 144 HOH HOH A . 
E 4 HOH 6   145 145 HOH HOH A . 
E 4 HOH 7   146 146 HOH HOH A . 
E 4 HOH 8   147 147 HOH HOH A . 
E 4 HOH 9   148 148 HOH HOH A . 
E 4 HOH 10  149 149 HOH HOH A . 
E 4 HOH 11  150 150 HOH HOH A . 
E 4 HOH 12  151 151 HOH HOH A . 
E 4 HOH 13  152 152 HOH HOH A . 
E 4 HOH 14  153 153 HOH HOH A . 
E 4 HOH 15  154 154 HOH HOH A . 
E 4 HOH 16  155 155 HOH HOH A . 
E 4 HOH 17  156 156 HOH HOH A . 
E 4 HOH 18  157 157 HOH HOH A . 
E 4 HOH 19  158 158 HOH HOH A . 
E 4 HOH 20  159 159 HOH HOH A . 
E 4 HOH 21  160 160 HOH HOH A . 
E 4 HOH 22  161 161 HOH HOH A . 
E 4 HOH 23  162 162 HOH HOH A . 
E 4 HOH 24  163 163 HOH HOH A . 
E 4 HOH 25  164 164 HOH HOH A . 
E 4 HOH 26  165 165 HOH HOH A . 
E 4 HOH 27  166 166 HOH HOH A . 
E 4 HOH 28  167 167 HOH HOH A . 
E 4 HOH 29  168 168 HOH HOH A . 
E 4 HOH 30  169 169 HOH HOH A . 
E 4 HOH 31  170 170 HOH HOH A . 
E 4 HOH 32  171 171 HOH HOH A . 
E 4 HOH 33  172 172 HOH HOH A . 
E 4 HOH 34  173 173 HOH HOH A . 
E 4 HOH 35  174 174 HOH HOH A . 
E 4 HOH 36  175 175 HOH HOH A . 
E 4 HOH 37  176 176 HOH HOH A . 
E 4 HOH 38  177 177 HOH HOH A . 
E 4 HOH 39  178 178 HOH HOH A . 
E 4 HOH 40  179 179 HOH HOH A . 
E 4 HOH 41  180 180 HOH HOH A . 
E 4 HOH 42  181 181 HOH HOH A . 
E 4 HOH 43  182 182 HOH HOH A . 
E 4 HOH 44  183 183 HOH HOH A . 
E 4 HOH 45  184 184 HOH HOH A . 
E 4 HOH 46  185 185 HOH HOH A . 
E 4 HOH 47  186 186 HOH HOH A . 
E 4 HOH 48  187 187 HOH HOH A . 
E 4 HOH 49  188 188 HOH HOH A . 
E 4 HOH 50  189 189 HOH HOH A . 
E 4 HOH 51  190 190 HOH HOH A . 
E 4 HOH 52  191 191 HOH HOH A . 
E 4 HOH 53  192 192 HOH HOH A . 
E 4 HOH 54  193 193 HOH HOH A . 
E 4 HOH 55  194 194 HOH HOH A . 
E 4 HOH 56  195 195 HOH HOH A . 
E 4 HOH 57  196 196 HOH HOH A . 
E 4 HOH 58  197 197 HOH HOH A . 
E 4 HOH 59  198 198 HOH HOH A . 
E 4 HOH 60  199 199 HOH HOH A . 
E 4 HOH 61  200 200 HOH HOH A . 
E 4 HOH 62  201 201 HOH HOH A . 
E 4 HOH 63  202 202 HOH HOH A . 
E 4 HOH 64  203 203 HOH HOH A . 
E 4 HOH 65  204 204 HOH HOH A . 
E 4 HOH 66  205 205 HOH HOH A . 
E 4 HOH 67  206 206 HOH HOH A . 
E 4 HOH 68  207 207 HOH HOH A . 
E 4 HOH 69  208 208 HOH HOH A . 
E 4 HOH 70  209 209 HOH HOH A . 
E 4 HOH 71  210 210 HOH HOH A . 
E 4 HOH 72  211 211 HOH HOH A . 
E 4 HOH 73  212 212 HOH HOH A . 
E 4 HOH 74  213 213 HOH HOH A . 
E 4 HOH 75  214 214 HOH HOH A . 
E 4 HOH 76  215 215 HOH HOH A . 
E 4 HOH 77  216 216 HOH HOH A . 
E 4 HOH 78  217 217 HOH HOH A . 
E 4 HOH 79  218 218 HOH HOH A . 
E 4 HOH 80  219 219 HOH HOH A . 
E 4 HOH 81  220 220 HOH HOH A . 
E 4 HOH 82  221 221 HOH HOH A . 
E 4 HOH 83  222 222 HOH HOH A . 
E 4 HOH 84  223 223 HOH HOH A . 
E 4 HOH 85  224 224 HOH HOH A . 
E 4 HOH 86  225 225 HOH HOH A . 
E 4 HOH 87  226 226 HOH HOH A . 
E 4 HOH 88  227 227 HOH HOH A . 
E 4 HOH 89  228 228 HOH HOH A . 
E 4 HOH 90  229 229 HOH HOH A . 
E 4 HOH 91  230 230 HOH HOH A . 
E 4 HOH 92  231 231 HOH HOH A . 
E 4 HOH 93  232 232 HOH HOH A . 
E 4 HOH 94  233 233 HOH HOH A . 
E 4 HOH 95  234 234 HOH HOH A . 
E 4 HOH 96  235 235 HOH HOH A . 
E 4 HOH 97  236 236 HOH HOH A . 
E 4 HOH 98  237 237 HOH HOH A . 
E 4 HOH 99  238 238 HOH HOH A . 
E 4 HOH 100 239 239 HOH HOH A . 
E 4 HOH 101 240 240 HOH HOH A . 
E 4 HOH 102 241 241 HOH HOH A . 
E 4 HOH 103 242 242 HOH HOH A . 
E 4 HOH 104 243 243 HOH HOH A . 
E 4 HOH 105 244 244 HOH HOH A . 
E 4 HOH 106 245 245 HOH HOH A . 
E 4 HOH 107 246 246 HOH HOH A . 
E 4 HOH 108 247 247 HOH HOH A . 
E 4 HOH 109 248 248 HOH HOH A . 
E 4 HOH 110 249 249 HOH HOH A . 
E 4 HOH 111 250 250 HOH HOH A . 
E 4 HOH 112 251 251 HOH HOH A . 
E 4 HOH 113 252 252 HOH HOH A . 
E 4 HOH 114 253 253 HOH HOH A . 
E 4 HOH 115 254 254 HOH HOH A . 
E 4 HOH 116 255 255 HOH HOH A . 
E 4 HOH 117 256 256 HOH HOH A . 
E 4 HOH 118 257 257 HOH HOH A . 
E 4 HOH 119 258 258 HOH HOH A . 
E 4 HOH 120 259 259 HOH HOH A . 
E 4 HOH 121 260 260 HOH HOH A . 
E 4 HOH 122 261 261 HOH HOH A . 
E 4 HOH 123 262 262 HOH HOH A . 
E 4 HOH 124 263 263 HOH HOH A . 
E 4 HOH 125 264 264 HOH HOH A . 
E 4 HOH 126 265 265 HOH HOH A . 
E 4 HOH 127 266 266 HOH HOH A . 
E 4 HOH 128 267 267 HOH HOH A . 
E 4 HOH 129 268 268 HOH HOH A . 
E 4 HOH 130 269 269 HOH HOH A . 
E 4 HOH 131 270 270 HOH HOH A . 
E 4 HOH 132 271 271 HOH HOH A . 
E 4 HOH 133 272 272 HOH HOH A . 
E 4 HOH 134 273 273 HOH HOH A . 
E 4 HOH 135 274 274 HOH HOH A . 
E 4 HOH 136 275 275 HOH HOH A . 
E 4 HOH 137 276 276 HOH HOH A . 
E 4 HOH 138 277 277 HOH HOH A . 
E 4 HOH 139 278 278 HOH HOH A . 
E 4 HOH 140 279 279 HOH HOH A . 
E 4 HOH 141 280 280 HOH HOH A . 
E 4 HOH 142 281 281 HOH HOH A . 
E 4 HOH 143 282 282 HOH HOH A . 
E 4 HOH 144 283 283 HOH HOH A . 
E 4 HOH 145 284 284 HOH HOH A . 
E 4 HOH 146 285 285 HOH HOH A . 
E 4 HOH 147 286 286 HOH HOH A . 
E 4 HOH 148 287 287 HOH HOH A . 
E 4 HOH 149 288 288 HOH HOH A . 
E 4 HOH 150 289 289 HOH HOH A . 
E 4 HOH 151 290 290 HOH HOH A . 
E 4 HOH 152 291 291 HOH HOH A . 
E 4 HOH 153 292 292 HOH HOH A . 
E 4 HOH 154 293 293 HOH HOH A . 
E 4 HOH 155 294 294 HOH HOH A . 
E 4 HOH 156 295 295 HOH HOH A . 
E 4 HOH 157 296 296 HOH HOH A . 
E 4 HOH 158 297 297 HOH HOH A . 
E 4 HOH 159 298 298 HOH HOH A . 
E 4 HOH 160 299 299 HOH HOH A . 
E 4 HOH 161 300 300 HOH HOH A . 
E 4 HOH 162 301 301 HOH HOH A . 
E 4 HOH 163 302 302 HOH HOH A . 
# 
_software.name             PROLSQ 
_software.classification   refinement 
_software.version          . 
_software.citation_id      ? 
_software.pdbx_ordinal     1 
# 
_cell.entry_id           1LZR 
_cell.length_a           56.510 
_cell.length_b           60.910 
_cell.length_c           34.010 
_cell.angle_alpha        90.00 
_cell.angle_beta         90.00 
_cell.angle_gamma        90.00 
_cell.Z_PDB              4 
_cell.pdbx_unique_axis   ? 
# 
_symmetry.entry_id                         1LZR 
_symmetry.space_group_name_H-M             'P 21 21 21' 
_symmetry.pdbx_full_space_group_name_H-M   ? 
_symmetry.cell_setting                     ? 
_symmetry.Int_Tables_number                19 
# 
_exptl.entry_id          1LZR 
_exptl.method            'X-RAY DIFFRACTION' 
_exptl.crystals_number   ? 
# 
_exptl_crystal.id                    1 
_exptl_crystal.density_meas          ? 
_exptl_crystal.density_Matthews      1.99 
_exptl_crystal.density_percent_sol   38.12 
_exptl_crystal.description           ? 
# 
_diffrn.id                     1 
_diffrn.ambient_temp           ? 
_diffrn.ambient_temp_details   ? 
_diffrn.crystal_id             1 
# 
_diffrn_radiation.diffrn_id                        1 
_diffrn_radiation.wavelength_id                    1 
_diffrn_radiation.pdbx_monochromatic_or_laue_m_l   ? 
_diffrn_radiation.monochromator                    ? 
_diffrn_radiation.pdbx_diffrn_protocol             ? 
_diffrn_radiation.pdbx_scattering_type             x-ray 
# 
_diffrn_radiation_wavelength.id           1 
_diffrn_radiation_wavelength.wavelength   . 
_diffrn_radiation_wavelength.wt           1.0 
# 
_refine.entry_id                                 1LZR 
_refine.ls_number_reflns_obs                     17500 
_refine.ls_number_reflns_all                     ? 
_refine.pdbx_ls_sigma_I                          ? 
_refine.pdbx_ls_sigma_F                          ? 
_refine.pdbx_data_cutoff_high_absF               ? 
_refine.pdbx_data_cutoff_low_absF                ? 
_refine.pdbx_data_cutoff_high_rms_absF           ? 
_refine.ls_d_res_low                             5.0 
_refine.ls_d_res_high                            1.5 
_refine.ls_percent_reflns_obs                    ? 
_refine.ls_R_factor_obs                          0.14 
_refine.ls_R_factor_all                          ? 
_refine.ls_R_factor_R_work                       ? 
_refine.ls_R_factor_R_free                       ? 
_refine.ls_R_factor_R_free_error                 ? 
_refine.ls_R_factor_R_free_error_details         ? 
_refine.ls_percent_reflns_R_free                 ? 
_refine.ls_number_reflns_R_free                  ? 
_refine.ls_number_parameters                     ? 
_refine.ls_number_restraints                     ? 
_refine.occupancy_min                            ? 
_refine.occupancy_max                            ? 
_refine.B_iso_mean                               ? 
_refine.aniso_B[1][1]                            ? 
_refine.aniso_B[2][2]                            ? 
_refine.aniso_B[3][3]                            ? 
_refine.aniso_B[1][2]                            ? 
_refine.aniso_B[1][3]                            ? 
_refine.aniso_B[2][3]                            ? 
_refine.solvent_model_details                    ? 
_refine.solvent_model_param_ksol                 ? 
_refine.solvent_model_param_bsol                 ? 
_refine.pdbx_ls_cross_valid_method               ? 
_refine.details                                  ? 
_refine.pdbx_starting_model                      ? 
_refine.pdbx_method_to_determine_struct          ? 
_refine.pdbx_isotropic_thermal_model             ? 
_refine.pdbx_stereochemistry_target_values       ? 
_refine.pdbx_stereochem_target_val_spec_case     ? 
_refine.pdbx_R_Free_selection_details            ? 
_refine.pdbx_overall_ESU_R                       ? 
_refine.pdbx_overall_ESU_R_Free                  ? 
_refine.overall_SU_ML                            ? 
_refine.overall_SU_B                             ? 
_refine.pdbx_refine_id                           'X-RAY DIFFRACTION' 
_refine.pdbx_diffrn_id                           1 
_refine.pdbx_TLS_residual_ADP_flag               ? 
_refine.correlation_coeff_Fo_to_Fc               ? 
_refine.correlation_coeff_Fo_to_Fc_free          ? 
_refine.pdbx_solvent_vdw_probe_radii             ? 
_refine.pdbx_solvent_ion_probe_radii             ? 
_refine.pdbx_solvent_shrinkage_radii             ? 
_refine.pdbx_overall_phase_error                 ? 
_refine.overall_SU_R_Cruickshank_DPI             ? 
_refine.pdbx_overall_SU_R_free_Cruickshank_DPI   ? 
_refine.pdbx_overall_SU_R_Blow_DPI               ? 
_refine.pdbx_overall_SU_R_free_Blow_DPI          ? 
# 
_refine_hist.pdbx_refine_id                   'X-RAY DIFFRACTION' 
_refine_hist.cycle_id                         LAST 
_refine_hist.pdbx_number_atoms_protein        1029 
_refine_hist.pdbx_number_atoms_nucleic_acid   0 
_refine_hist.pdbx_number_atoms_ligand         59 
_refine_hist.number_atoms_solvent             163 
_refine_hist.number_atoms_total               1251 
_refine_hist.d_res_high                       1.5 
_refine_hist.d_res_low                        5.0 
# 
loop_
_refine_ls_restr.type 
_refine_ls_restr.dev_ideal 
_refine_ls_restr.dev_ideal_target 
_refine_ls_restr.weight 
_refine_ls_restr.number 
_refine_ls_restr.pdbx_refine_id 
_refine_ls_restr.pdbx_restraint_function 
p_bond_d            0.016 0.020 ? ? 'X-RAY DIFFRACTION' ? 
p_angle_d           0.034 0.035 ? ? 'X-RAY DIFFRACTION' ? 
p_angle_deg         ?     ?     ? ? 'X-RAY DIFFRACTION' ? 
p_planar_d          0.050 0.050 ? ? 'X-RAY DIFFRACTION' ? 
p_hb_or_metal_coord ?     ?     ? ? 'X-RAY DIFFRACTION' ? 
p_mcbond_it         1.141 1.500 ? ? 'X-RAY DIFFRACTION' ? 
p_mcangle_it        1.694 2.000 ? ? 'X-RAY DIFFRACTION' ? 
p_scbond_it         2.176 2.000 ? ? 'X-RAY DIFFRACTION' ? 
p_scangle_it        3.491 2.500 ? ? 'X-RAY DIFFRACTION' ? 
p_plane_restr       0.015 0.020 ? ? 'X-RAY DIFFRACTION' ? 
p_chiral_restr      0.149 0.150 ? ? 'X-RAY DIFFRACTION' ? 
p_singtor_nbd       0.175 0.300 ? ? 'X-RAY DIFFRACTION' ? 
p_multtor_nbd       0.176 0.300 ? ? 'X-RAY DIFFRACTION' ? 
p_xhyhbond_nbd      0.181 0.300 ? ? 'X-RAY DIFFRACTION' ? 
p_xyhbond_nbd       ?     ?     ? ? 'X-RAY DIFFRACTION' ? 
p_planar_tor        3.1   3.0   ? ? 'X-RAY DIFFRACTION' ? 
p_staggered_tor     13.7  15.0  ? ? 'X-RAY DIFFRACTION' ? 
p_orthonormal_tor   22.3  20.0  ? ? 'X-RAY DIFFRACTION' ? 
p_transverse_tor    ?     ?     ? ? 'X-RAY DIFFRACTION' ? 
p_special_tor       ?     ?     ? ? 'X-RAY DIFFRACTION' ? 
# 
_struct.entry_id                  1LZR 
_struct.title                     
;STRUCTURAL CHANGES OF THE ACTIVE SITE CLEFT AND DIFFERENT SACCHARIDE BINDING MODES IN HUMAN LYSOZYME CO-CRYSTALLIZED WITH HEXA-N-ACETYL-CHITOHEXAOSE AT PH 4.0
;
_struct.pdbx_model_details        ? 
_struct.pdbx_CASP_flag            ? 
_struct.pdbx_model_type_details   ? 
# 
_struct_keywords.entry_id        1LZR 
_struct_keywords.pdbx_keywords   'HYDROLASE (O-GLYCOSYL)' 
_struct_keywords.text            'HYDROLASE (O-GLYCOSYL)' 
# 
loop_
_struct_asym.id 
_struct_asym.pdbx_blank_PDB_chainid_flag 
_struct_asym.pdbx_modified 
_struct_asym.entity_id 
_struct_asym.details 
A N N 1 ? 
B N N 2 ? 
C N N 3 ? 
D N N 3 ? 
E N N 4 ? 
# 
_struct_ref.id                         1 
_struct_ref.db_name                    UNP 
_struct_ref.db_code                    LYC_HUMAN 
_struct_ref.entity_id                  1 
_struct_ref.pdbx_db_accession          P00695 
_struct_ref.pdbx_align_begin           1 
_struct_ref.pdbx_seq_one_letter_code   
;MKALIVLGLVLLSVTVQGKVFERCELARTLKRLGMDGYRGISLANWMCLAKWESGYNTRATNYNAGDRSTDYGIFQINSR
YWCNDGKTPGAVNACHLSCSALLQDNIADAVACAKRVVRDPQGIRAWVAWRNRCQNRDVRQYVQGCGV
;
_struct_ref.pdbx_db_isoform            ? 
# 
_struct_ref_seq.align_id                      1 
_struct_ref_seq.ref_id                        1 
_struct_ref_seq.pdbx_PDB_id_code              1LZR 
_struct_ref_seq.pdbx_strand_id                A 
_struct_ref_seq.seq_align_beg                 1 
_struct_ref_seq.pdbx_seq_align_beg_ins_code   ? 
_struct_ref_seq.seq_align_end                 130 
_struct_ref_seq.pdbx_seq_align_end_ins_code   ? 
_struct_ref_seq.pdbx_db_accession             P00695 
_struct_ref_seq.db_align_beg                  19 
_struct_ref_seq.pdbx_db_align_beg_ins_code    ? 
_struct_ref_seq.db_align_end                  148 
_struct_ref_seq.pdbx_db_align_end_ins_code    ? 
_struct_ref_seq.pdbx_auth_seq_align_beg       1 
_struct_ref_seq.pdbx_auth_seq_align_end       130 
# 
_pdbx_struct_assembly.id                   1 
_pdbx_struct_assembly.details              author_defined_assembly 
_pdbx_struct_assembly.method_details       ? 
_pdbx_struct_assembly.oligomeric_details   monomeric 
_pdbx_struct_assembly.oligomeric_count     1 
# 
_pdbx_struct_assembly_gen.assembly_id       1 
_pdbx_struct_assembly_gen.oper_expression   1 
_pdbx_struct_assembly_gen.asym_id_list      A,B,C,D,E 
# 
_pdbx_struct_oper_list.id                   1 
_pdbx_struct_oper_list.type                 'identity operation' 
_pdbx_struct_oper_list.name                 1_555 
_pdbx_struct_oper_list.symmetry_operation   x,y,z 
_pdbx_struct_oper_list.matrix[1][1]         1.0000000000 
_pdbx_struct_oper_list.matrix[1][2]         0.0000000000 
_pdbx_struct_oper_list.matrix[1][3]         0.0000000000 
_pdbx_struct_oper_list.vector[1]            0.0000000000 
_pdbx_struct_oper_list.matrix[2][1]         0.0000000000 
_pdbx_struct_oper_list.matrix[2][2]         1.0000000000 
_pdbx_struct_oper_list.matrix[2][3]         0.0000000000 
_pdbx_struct_oper_list.vector[2]            0.0000000000 
_pdbx_struct_oper_list.matrix[3][1]         0.0000000000 
_pdbx_struct_oper_list.matrix[3][2]         0.0000000000 
_pdbx_struct_oper_list.matrix[3][3]         1.0000000000 
_pdbx_struct_oper_list.vector[3]            0.0000000000 
# 
_struct_biol.id   1 
# 
loop_
_struct_conf.conf_type_id 
_struct_conf.id 
_struct_conf.pdbx_PDB_helix_id 
_struct_conf.beg_label_comp_id 
_struct_conf.beg_label_asym_id 
_struct_conf.beg_label_seq_id 
_struct_conf.pdbx_beg_PDB_ins_code 
_struct_conf.end_label_comp_id 
_struct_conf.end_label_asym_id 
_struct_conf.end_label_seq_id 
_struct_conf.pdbx_end_PDB_ins_code 
_struct_conf.beg_auth_comp_id 
_struct_conf.beg_auth_asym_id 
_struct_conf.beg_auth_seq_id 
_struct_conf.end_auth_comp_id 
_struct_conf.end_auth_asym_id 
_struct_conf.end_auth_seq_id 
_struct_conf.pdbx_PDB_helix_class 
_struct_conf.details 
_struct_conf.pdbx_PDB_helix_length 
HELX_P HELX_P1 A ARG A 5   ? ARG A 14  ? ARG A 5   ARG A 14  1 ? 10 
HELX_P HELX_P2 B LEU A 25  ? GLU A 35  ? LEU A 25  GLU A 35  1 ? 11 
HELX_P HELX_P3 E SER A 80  ? LEU A 85  ? SER A 80  LEU A 85  5 ? 6  
HELX_P HELX_P4 C ALA A 90  ? VAL A 99  ? ALA A 90  VAL A 99  1 ? 10 
HELX_P HELX_P5 D VAL A 110 ? CYS A 116 ? VAL A 110 CYS A 116 1 ? 7  
# 
_struct_conf_type.id          HELX_P 
_struct_conf_type.criteria    ? 
_struct_conf_type.reference   ? 
# 
loop_
_struct_conn.id 
_struct_conn.conn_type_id 
_struct_conn.pdbx_leaving_atom_flag 
_struct_conn.pdbx_PDB_id 
_struct_conn.ptnr1_label_asym_id 
_struct_conn.ptnr1_label_comp_id 
_struct_conn.ptnr1_label_seq_id 
_struct_conn.ptnr1_label_atom_id 
_struct_conn.pdbx_ptnr1_label_alt_id 
_struct_conn.pdbx_ptnr1_PDB_ins_code 
_struct_conn.pdbx_ptnr1_standard_comp_id 
_struct_conn.ptnr1_symmetry 
_struct_conn.ptnr2_label_asym_id 
_struct_conn.ptnr2_label_comp_id 
_struct_conn.ptnr2_label_seq_id 
_struct_conn.ptnr2_label_atom_id 
_struct_conn.pdbx_ptnr2_label_alt_id 
_struct_conn.pdbx_ptnr2_PDB_ins_code 
_struct_conn.ptnr1_auth_asym_id 
_struct_conn.ptnr1_auth_comp_id 
_struct_conn.ptnr1_auth_seq_id 
_struct_conn.ptnr2_auth_asym_id 
_struct_conn.ptnr2_auth_comp_id 
_struct_conn.ptnr2_auth_seq_id 
_struct_conn.ptnr2_symmetry 
_struct_conn.pdbx_ptnr3_label_atom_id 
_struct_conn.pdbx_ptnr3_label_seq_id 
_struct_conn.pdbx_ptnr3_label_comp_id 
_struct_conn.pdbx_ptnr3_label_asym_id 
_struct_conn.pdbx_ptnr3_label_alt_id 
_struct_conn.pdbx_ptnr3_PDB_ins_code 
_struct_conn.details 
_struct_conn.pdbx_dist_value 
_struct_conn.pdbx_value_order 
_struct_conn.pdbx_role 
disulf1 disulf ?    ? A CYS 6  SG ? ? ? 1_555 A CYS 128 SG ? ? A CYS 6  A CYS 128 1_555 ? ? ? ? ? ? ? 1.996 ?    ? 
disulf2 disulf ?    ? A CYS 30 SG ? ? ? 1_555 A CYS 116 SG ? ? A CYS 30 A CYS 116 1_555 ? ? ? ? ? ? ? 2.048 ?    ? 
disulf3 disulf ?    ? A CYS 65 SG ? ? ? 1_555 A CYS 81  SG ? ? A CYS 65 A CYS 81  1_555 ? ? ? ? ? ? ? 2.044 ?    ? 
disulf4 disulf ?    ? A CYS 77 SG ? ? ? 1_555 A CYS 95  SG ? ? A CYS 77 A CYS 95  1_555 ? ? ? ? ? ? ? 2.050 ?    ? 
covale1 covale both ? B NAG .  O4 ? ? ? 1_555 B NAG .   C1 ? ? B NAG 1  B NAG 2   1_555 ? ? ? ? ? ? ? 1.377 sing ? 
covale2 covale both ? B NAG .  O4 ? ? ? 1_555 B NAG .   C1 ? ? B NAG 2  B NAG 3   1_555 ? ? ? ? ? ? ? 1.393 sing ? 
covale3 covale both ? B NAG .  O4 ? ? ? 1_555 B NAG .   C1 ? ? B NAG 3  B NAG 4   1_555 ? ? ? ? ? ? ? 1.405 sing ? 
# 
loop_
_struct_conn_type.id 
_struct_conn_type.criteria 
_struct_conn_type.reference 
disulf ? ? 
covale ? ? 
# 
loop_
_pdbx_modification_feature.ordinal 
_pdbx_modification_feature.label_comp_id 
_pdbx_modification_feature.label_asym_id 
_pdbx_modification_feature.label_seq_id 
_pdbx_modification_feature.label_alt_id 
_pdbx_modification_feature.modified_residue_label_comp_id 
_pdbx_modification_feature.modified_residue_label_asym_id 
_pdbx_modification_feature.modified_residue_label_seq_id 
_pdbx_modification_feature.modified_residue_label_alt_id 
_pdbx_modification_feature.auth_comp_id 
_pdbx_modification_feature.auth_asym_id 
_pdbx_modification_feature.auth_seq_id 
_pdbx_modification_feature.PDB_ins_code 
_pdbx_modification_feature.symmetry 
_pdbx_modification_feature.modified_residue_auth_comp_id 
_pdbx_modification_feature.modified_residue_auth_asym_id 
_pdbx_modification_feature.modified_residue_auth_seq_id 
_pdbx_modification_feature.modified_residue_PDB_ins_code 
_pdbx_modification_feature.modified_residue_symmetry 
_pdbx_modification_feature.comp_id_linking_atom 
_pdbx_modification_feature.modified_residue_id_linking_atom 
_pdbx_modification_feature.modified_residue_id 
_pdbx_modification_feature.ref_pcm_id 
_pdbx_modification_feature.ref_comp_id 
_pdbx_modification_feature.type 
_pdbx_modification_feature.category 
1 CYS A 6  ? CYS A 128 ? CYS A 6  ? 1_555 CYS A 128 ? 1_555 SG SG . . . None 'Disulfide bridge' 
2 CYS A 30 ? CYS A 116 ? CYS A 30 ? 1_555 CYS A 116 ? 1_555 SG SG . . . None 'Disulfide bridge' 
3 CYS A 65 ? CYS A 81  ? CYS A 65 ? 1_555 CYS A 81  ? 1_555 SG SG . . . None 'Disulfide bridge' 
4 CYS A 77 ? CYS A 95  ? CYS A 77 ? 1_555 CYS A 95  ? 1_555 SG SG . . . None 'Disulfide bridge' 
# 
loop_
_struct_sheet.id 
_struct_sheet.type 
_struct_sheet.number_strands 
_struct_sheet.details 
A ? 2 ? 
B ? 3 ? 
# 
loop_
_struct_sheet_order.sheet_id 
_struct_sheet_order.range_id_1 
_struct_sheet_order.range_id_2 
_struct_sheet_order.offset 
_struct_sheet_order.sense 
A 1 2 ? anti-parallel 
B 1 2 ? anti-parallel 
B 2 3 ? anti-parallel 
# 
loop_
_struct_sheet_range.sheet_id 
_struct_sheet_range.id 
_struct_sheet_range.beg_label_comp_id 
_struct_sheet_range.beg_label_asym_id 
_struct_sheet_range.beg_label_seq_id 
_struct_sheet_range.pdbx_beg_PDB_ins_code 
_struct_sheet_range.end_label_comp_id 
_struct_sheet_range.end_label_asym_id 
_struct_sheet_range.end_label_seq_id 
_struct_sheet_range.pdbx_end_PDB_ins_code 
_struct_sheet_range.beg_auth_comp_id 
_struct_sheet_range.beg_auth_asym_id 
_struct_sheet_range.beg_auth_seq_id 
_struct_sheet_range.end_auth_comp_id 
_struct_sheet_range.end_auth_asym_id 
_struct_sheet_range.end_auth_seq_id 
A 1 LYS A 1  ? PHE A 3  ? LYS A 1  PHE A 3  
A 2 TYR A 38 ? THR A 40 ? TYR A 38 THR A 40 
B 1 ALA A 42 ? ASN A 46 ? ALA A 42 ASN A 46 
B 2 SER A 51 ? GLY A 55 ? SER A 51 GLY A 55 
B 3 ILE A 59 ? SER A 61 ? ILE A 59 SER A 61 
# 
loop_
_pdbx_struct_sheet_hbond.sheet_id 
_pdbx_struct_sheet_hbond.range_id_1 
_pdbx_struct_sheet_hbond.range_id_2 
_pdbx_struct_sheet_hbond.range_1_label_atom_id 
_pdbx_struct_sheet_hbond.range_1_label_comp_id 
_pdbx_struct_sheet_hbond.range_1_label_asym_id 
_pdbx_struct_sheet_hbond.range_1_label_seq_id 
_pdbx_struct_sheet_hbond.range_1_PDB_ins_code 
_pdbx_struct_sheet_hbond.range_1_auth_atom_id 
_pdbx_struct_sheet_hbond.range_1_auth_comp_id 
_pdbx_struct_sheet_hbond.range_1_auth_asym_id 
_pdbx_struct_sheet_hbond.range_1_auth_seq_id 
_pdbx_struct_sheet_hbond.range_2_label_atom_id 
_pdbx_struct_sheet_hbond.range_2_label_comp_id 
_pdbx_struct_sheet_hbond.range_2_label_asym_id 
_pdbx_struct_sheet_hbond.range_2_label_seq_id 
_pdbx_struct_sheet_hbond.range_2_PDB_ins_code 
_pdbx_struct_sheet_hbond.range_2_auth_atom_id 
_pdbx_struct_sheet_hbond.range_2_auth_comp_id 
_pdbx_struct_sheet_hbond.range_2_auth_asym_id 
_pdbx_struct_sheet_hbond.range_2_auth_seq_id 
A 1 2 O LYS A 1  ? O LYS A 1  N THR A 40 ? N THR A 40 
B 1 2 O ALA A 42 ? O ALA A 42 N GLY A 55 ? N GLY A 55 
B 2 3 O THR A 52 ? O THR A 52 N SER A 61 ? N SER A 61 
# 
_pdbx_entry_details.entry_id                   1LZR 
_pdbx_entry_details.compound_details           ? 
_pdbx_entry_details.source_details             ? 
_pdbx_entry_details.nonpolymer_details         ? 
_pdbx_entry_details.sequence_details           ? 
_pdbx_entry_details.has_ligand_of_interest     ? 
_pdbx_entry_details.has_protein_modification   Y 
# 
loop_
_pdbx_validate_rmsd_angle.id 
_pdbx_validate_rmsd_angle.PDB_model_num 
_pdbx_validate_rmsd_angle.auth_atom_id_1 
_pdbx_validate_rmsd_angle.auth_asym_id_1 
_pdbx_validate_rmsd_angle.auth_comp_id_1 
_pdbx_validate_rmsd_angle.auth_seq_id_1 
_pdbx_validate_rmsd_angle.PDB_ins_code_1 
_pdbx_validate_rmsd_angle.label_alt_id_1 
_pdbx_validate_rmsd_angle.auth_atom_id_2 
_pdbx_validate_rmsd_angle.auth_asym_id_2 
_pdbx_validate_rmsd_angle.auth_comp_id_2 
_pdbx_validate_rmsd_angle.auth_seq_id_2 
_pdbx_validate_rmsd_angle.PDB_ins_code_2 
_pdbx_validate_rmsd_angle.label_alt_id_2 
_pdbx_validate_rmsd_angle.auth_atom_id_3 
_pdbx_validate_rmsd_angle.auth_asym_id_3 
_pdbx_validate_rmsd_angle.auth_comp_id_3 
_pdbx_validate_rmsd_angle.auth_seq_id_3 
_pdbx_validate_rmsd_angle.PDB_ins_code_3 
_pdbx_validate_rmsd_angle.label_alt_id_3 
_pdbx_validate_rmsd_angle.angle_value 
_pdbx_validate_rmsd_angle.angle_target_value 
_pdbx_validate_rmsd_angle.angle_deviation 
_pdbx_validate_rmsd_angle.angle_standard_deviation 
_pdbx_validate_rmsd_angle.linker_flag 
1  1 CG  A GLU 7   ? ? CD A GLU 7   ? ? OE2 A GLU 7   ? ? 104.61 118.30 -13.69 2.00 N 
2  1 NH1 A ARG 14  ? ? CZ A ARG 14  ? ? NH2 A ARG 14  ? ? 126.17 119.40 6.77   1.10 N 
3  1 NE  A ARG 14  ? ? CZ A ARG 14  ? ? NH2 A ARG 14  ? ? 113.85 120.30 -6.45  0.50 N 
4  1 CB  A ASP 18  ? ? CG A ASP 18  ? ? OD1 A ASP 18  ? ? 125.34 118.30 7.04   0.90 N 
5  1 NE  A ARG 41  ? ? CZ A ARG 41  ? ? NH1 A ARG 41  ? ? 123.96 120.30 3.66   0.50 N 
6  1 CD  A ARG 50  ? ? NE A ARG 50  ? ? CZ  A ARG 50  ? ? 140.02 123.60 16.42  1.40 N 
7  1 NE  A ARG 50  ? ? CZ A ARG 50  ? ? NH1 A ARG 50  ? ? 127.58 120.30 7.28   0.50 N 
8  1 NE  A ARG 50  ? ? CZ A ARG 50  ? ? NH2 A ARG 50  ? ? 115.48 120.30 -4.82  0.50 N 
9  1 CB  A ASP 87  ? ? CG A ASP 87  ? ? OD1 A ASP 87  ? ? 126.17 118.30 7.87   0.90 N 
10 1 NE  A ARG 101 ? ? CZ A ARG 101 ? ? NH1 A ARG 101 ? ? 125.03 120.30 4.73   0.50 N 
11 1 NE  A ARG 101 ? ? CZ A ARG 101 ? ? NH2 A ARG 101 ? ? 116.46 120.30 -3.84  0.50 N 
12 1 CD  A ARG 107 ? ? NE A ARG 107 ? ? CZ  A ARG 107 ? ? 132.37 123.60 8.77   1.40 N 
13 1 NE  A ARG 107 ? ? CZ A ARG 107 ? ? NH1 A ARG 107 ? ? 126.85 120.30 6.55   0.50 N 
14 1 NE  A ARG 107 ? ? CZ A ARG 107 ? ? NH2 A ARG 107 ? ? 114.79 120.30 -5.51  0.50 N 
15 1 NE  A ARG 115 ? ? CZ A ARG 115 ? ? NH2 A ARG 115 ? ? 116.98 120.30 -3.32  0.50 N 
16 1 CB  A ASP 120 ? ? CG A ASP 120 ? ? OD2 A ASP 120 ? ? 112.54 118.30 -5.76  0.90 N 
# 
loop_
_chem_comp_atom.comp_id 
_chem_comp_atom.atom_id 
_chem_comp_atom.type_symbol 
_chem_comp_atom.pdbx_aromatic_flag 
_chem_comp_atom.pdbx_stereo_config 
_chem_comp_atom.pdbx_ordinal 
ALA N    N  N N 1   
ALA CA   C  N S 2   
ALA C    C  N N 3   
ALA O    O  N N 4   
ALA CB   C  N N 5   
ALA OXT  O  N N 6   
ALA H    H  N N 7   
ALA H2   H  N N 8   
ALA HA   H  N N 9   
ALA HB1  H  N N 10  
ALA HB2  H  N N 11  
ALA HB3  H  N N 12  
ALA HXT  H  N N 13  
ARG N    N  N N 14  
ARG CA   C  N S 15  
ARG C    C  N N 16  
ARG O    O  N N 17  
ARG CB   C  N N 18  
ARG CG   C  N N 19  
ARG CD   C  N N 20  
ARG NE   N  N N 21  
ARG CZ   C  N N 22  
ARG NH1  N  N N 23  
ARG NH2  N  N N 24  
ARG OXT  O  N N 25  
ARG H    H  N N 26  
ARG H2   H  N N 27  
ARG HA   H  N N 28  
ARG HB2  H  N N 29  
ARG HB3  H  N N 30  
ARG HG2  H  N N 31  
ARG HG3  H  N N 32  
ARG HD2  H  N N 33  
ARG HD3  H  N N 34  
ARG HE   H  N N 35  
ARG HH11 H  N N 36  
ARG HH12 H  N N 37  
ARG HH21 H  N N 38  
ARG HH22 H  N N 39  
ARG HXT  H  N N 40  
ASN N    N  N N 41  
ASN CA   C  N S 42  
ASN C    C  N N 43  
ASN O    O  N N 44  
ASN CB   C  N N 45  
ASN CG   C  N N 46  
ASN OD1  O  N N 47  
ASN ND2  N  N N 48  
ASN OXT  O  N N 49  
ASN H    H  N N 50  
ASN H2   H  N N 51  
ASN HA   H  N N 52  
ASN HB2  H  N N 53  
ASN HB3  H  N N 54  
ASN HD21 H  N N 55  
ASN HD22 H  N N 56  
ASN HXT  H  N N 57  
ASP N    N  N N 58  
ASP CA   C  N S 59  
ASP C    C  N N 60  
ASP O    O  N N 61  
ASP CB   C  N N 62  
ASP CG   C  N N 63  
ASP OD1  O  N N 64  
ASP OD2  O  N N 65  
ASP OXT  O  N N 66  
ASP H    H  N N 67  
ASP H2   H  N N 68  
ASP HA   H  N N 69  
ASP HB2  H  N N 70  
ASP HB3  H  N N 71  
ASP HD2  H  N N 72  
ASP HXT  H  N N 73  
CL  CL   CL N N 74  
CYS N    N  N N 75  
CYS CA   C  N R 76  
CYS C    C  N N 77  
CYS O    O  N N 78  
CYS CB   C  N N 79  
CYS SG   S  N N 80  
CYS OXT  O  N N 81  
CYS H    H  N N 82  
CYS H2   H  N N 83  
CYS HA   H  N N 84  
CYS HB2  H  N N 85  
CYS HB3  H  N N 86  
CYS HG   H  N N 87  
CYS HXT  H  N N 88  
GLN N    N  N N 89  
GLN CA   C  N S 90  
GLN C    C  N N 91  
GLN O    O  N N 92  
GLN CB   C  N N 93  
GLN CG   C  N N 94  
GLN CD   C  N N 95  
GLN OE1  O  N N 96  
GLN NE2  N  N N 97  
GLN OXT  O  N N 98  
GLN H    H  N N 99  
GLN H2   H  N N 100 
GLN HA   H  N N 101 
GLN HB2  H  N N 102 
GLN HB3  H  N N 103 
GLN HG2  H  N N 104 
GLN HG3  H  N N 105 
GLN HE21 H  N N 106 
GLN HE22 H  N N 107 
GLN HXT  H  N N 108 
GLU N    N  N N 109 
GLU CA   C  N S 110 
GLU C    C  N N 111 
GLU O    O  N N 112 
GLU CB   C  N N 113 
GLU CG   C  N N 114 
GLU CD   C  N N 115 
GLU OE1  O  N N 116 
GLU OE2  O  N N 117 
GLU OXT  O  N N 118 
GLU H    H  N N 119 
GLU H2   H  N N 120 
GLU HA   H  N N 121 
GLU HB2  H  N N 122 
GLU HB3  H  N N 123 
GLU HG2  H  N N 124 
GLU HG3  H  N N 125 
GLU HE2  H  N N 126 
GLU HXT  H  N N 127 
GLY N    N  N N 128 
GLY CA   C  N N 129 
GLY C    C  N N 130 
GLY O    O  N N 131 
GLY OXT  O  N N 132 
GLY H    H  N N 133 
GLY H2   H  N N 134 
GLY HA2  H  N N 135 
GLY HA3  H  N N 136 
GLY HXT  H  N N 137 
HIS N    N  N N 138 
HIS CA   C  N S 139 
HIS C    C  N N 140 
HIS O    O  N N 141 
HIS CB   C  N N 142 
HIS CG   C  Y N 143 
HIS ND1  N  Y N 144 
HIS CD2  C  Y N 145 
HIS CE1  C  Y N 146 
HIS NE2  N  Y N 147 
HIS OXT  O  N N 148 
HIS H    H  N N 149 
HIS H2   H  N N 150 
HIS HA   H  N N 151 
HIS HB2  H  N N 152 
HIS HB3  H  N N 153 
HIS HD1  H  N N 154 
HIS HD2  H  N N 155 
HIS HE1  H  N N 156 
HIS HE2  H  N N 157 
HIS HXT  H  N N 158 
HOH O    O  N N 159 
HOH H1   H  N N 160 
HOH H2   H  N N 161 
ILE N    N  N N 162 
ILE CA   C  N S 163 
ILE C    C  N N 164 
ILE O    O  N N 165 
ILE CB   C  N S 166 
ILE CG1  C  N N 167 
ILE CG2  C  N N 168 
ILE CD1  C  N N 169 
ILE OXT  O  N N 170 
ILE H    H  N N 171 
ILE H2   H  N N 172 
ILE HA   H  N N 173 
ILE HB   H  N N 174 
ILE HG12 H  N N 175 
ILE HG13 H  N N 176 
ILE HG21 H  N N 177 
ILE HG22 H  N N 178 
ILE HG23 H  N N 179 
ILE HD11 H  N N 180 
ILE HD12 H  N N 181 
ILE HD13 H  N N 182 
ILE HXT  H  N N 183 
LEU N    N  N N 184 
LEU CA   C  N S 185 
LEU C    C  N N 186 
LEU O    O  N N 187 
LEU CB   C  N N 188 
LEU CG   C  N N 189 
LEU CD1  C  N N 190 
LEU CD2  C  N N 191 
LEU OXT  O  N N 192 
LEU H    H  N N 193 
LEU H2   H  N N 194 
LEU HA   H  N N 195 
LEU HB2  H  N N 196 
LEU HB3  H  N N 197 
LEU HG   H  N N 198 
LEU HD11 H  N N 199 
LEU HD12 H  N N 200 
LEU HD13 H  N N 201 
LEU HD21 H  N N 202 
LEU HD22 H  N N 203 
LEU HD23 H  N N 204 
LEU HXT  H  N N 205 
LYS N    N  N N 206 
LYS CA   C  N S 207 
LYS C    C  N N 208 
LYS O    O  N N 209 
LYS CB   C  N N 210 
LYS CG   C  N N 211 
LYS CD   C  N N 212 
LYS CE   C  N N 213 
LYS NZ   N  N N 214 
LYS OXT  O  N N 215 
LYS H    H  N N 216 
LYS H2   H  N N 217 
LYS HA   H  N N 218 
LYS HB2  H  N N 219 
LYS HB3  H  N N 220 
LYS HG2  H  N N 221 
LYS HG3  H  N N 222 
LYS HD2  H  N N 223 
LYS HD3  H  N N 224 
LYS HE2  H  N N 225 
LYS HE3  H  N N 226 
LYS HZ1  H  N N 227 
LYS HZ2  H  N N 228 
LYS HZ3  H  N N 229 
LYS HXT  H  N N 230 
MET N    N  N N 231 
MET CA   C  N S 232 
MET C    C  N N 233 
MET O    O  N N 234 
MET CB   C  N N 235 
MET CG   C  N N 236 
MET SD   S  N N 237 
MET CE   C  N N 238 
MET OXT  O  N N 239 
MET H    H  N N 240 
MET H2   H  N N 241 
MET HA   H  N N 242 
MET HB2  H  N N 243 
MET HB3  H  N N 244 
MET HG2  H  N N 245 
MET HG3  H  N N 246 
MET HE1  H  N N 247 
MET HE2  H  N N 248 
MET HE3  H  N N 249 
MET HXT  H  N N 250 
NAG C1   C  N R 251 
NAG C2   C  N R 252 
NAG C3   C  N R 253 
NAG C4   C  N S 254 
NAG C5   C  N R 255 
NAG C6   C  N N 256 
NAG C7   C  N N 257 
NAG C8   C  N N 258 
NAG N2   N  N N 259 
NAG O1   O  N N 260 
NAG O3   O  N N 261 
NAG O4   O  N N 262 
NAG O5   O  N N 263 
NAG O6   O  N N 264 
NAG O7   O  N N 265 
NAG H1   H  N N 266 
NAG H2   H  N N 267 
NAG H3   H  N N 268 
NAG H4   H  N N 269 
NAG H5   H  N N 270 
NAG H61  H  N N 271 
NAG H62  H  N N 272 
NAG H81  H  N N 273 
NAG H82  H  N N 274 
NAG H83  H  N N 275 
NAG HN2  H  N N 276 
NAG HO1  H  N N 277 
NAG HO3  H  N N 278 
NAG HO4  H  N N 279 
NAG HO6  H  N N 280 
PHE N    N  N N 281 
PHE CA   C  N S 282 
PHE C    C  N N 283 
PHE O    O  N N 284 
PHE CB   C  N N 285 
PHE CG   C  Y N 286 
PHE CD1  C  Y N 287 
PHE CD2  C  Y N 288 
PHE CE1  C  Y N 289 
PHE CE2  C  Y N 290 
PHE CZ   C  Y N 291 
PHE OXT  O  N N 292 
PHE H    H  N N 293 
PHE H2   H  N N 294 
PHE HA   H  N N 295 
PHE HB2  H  N N 296 
PHE HB3  H  N N 297 
PHE HD1  H  N N 298 
PHE HD2  H  N N 299 
PHE HE1  H  N N 300 
PHE HE2  H  N N 301 
PHE HZ   H  N N 302 
PHE HXT  H  N N 303 
PRO N    N  N N 304 
PRO CA   C  N S 305 
PRO C    C  N N 306 
PRO O    O  N N 307 
PRO CB   C  N N 308 
PRO CG   C  N N 309 
PRO CD   C  N N 310 
PRO OXT  O  N N 311 
PRO H    H  N N 312 
PRO HA   H  N N 313 
PRO HB2  H  N N 314 
PRO HB3  H  N N 315 
PRO HG2  H  N N 316 
PRO HG3  H  N N 317 
PRO HD2  H  N N 318 
PRO HD3  H  N N 319 
PRO HXT  H  N N 320 
SER N    N  N N 321 
SER CA   C  N S 322 
SER C    C  N N 323 
SER O    O  N N 324 
SER CB   C  N N 325 
SER OG   O  N N 326 
SER OXT  O  N N 327 
SER H    H  N N 328 
SER H2   H  N N 329 
SER HA   H  N N 330 
SER HB2  H  N N 331 
SER HB3  H  N N 332 
SER HG   H  N N 333 
SER HXT  H  N N 334 
THR N    N  N N 335 
THR CA   C  N S 336 
THR C    C  N N 337 
THR O    O  N N 338 
THR CB   C  N R 339 
THR OG1  O  N N 340 
THR CG2  C  N N 341 
THR OXT  O  N N 342 
THR H    H  N N 343 
THR H2   H  N N 344 
THR HA   H  N N 345 
THR HB   H  N N 346 
THR HG1  H  N N 347 
THR HG21 H  N N 348 
THR HG22 H  N N 349 
THR HG23 H  N N 350 
THR HXT  H  N N 351 
TRP N    N  N N 352 
TRP CA   C  N S 353 
TRP C    C  N N 354 
TRP O    O  N N 355 
TRP CB   C  N N 356 
TRP CG   C  Y N 357 
TRP CD1  C  Y N 358 
TRP CD2  C  Y N 359 
TRP NE1  N  Y N 360 
TRP CE2  C  Y N 361 
TRP CE3  C  Y N 362 
TRP CZ2  C  Y N 363 
TRP CZ3  C  Y N 364 
TRP CH2  C  Y N 365 
TRP OXT  O  N N 366 
TRP H    H  N N 367 
TRP H2   H  N N 368 
TRP HA   H  N N 369 
TRP HB2  H  N N 370 
TRP HB3  H  N N 371 
TRP HD1  H  N N 372 
TRP HE1  H  N N 373 
TRP HE3  H  N N 374 
TRP HZ2  H  N N 375 
TRP HZ3  H  N N 376 
TRP HH2  H  N N 377 
TRP HXT  H  N N 378 
TYR N    N  N N 379 
TYR CA   C  N S 380 
TYR C    C  N N 381 
TYR O    O  N N 382 
TYR CB   C  N N 383 
TYR CG   C  Y N 384 
TYR CD1  C  Y N 385 
TYR CD2  C  Y N 386 
TYR CE1  C  Y N 387 
TYR CE2  C  Y N 388 
TYR CZ   C  Y N 389 
TYR OH   O  N N 390 
TYR OXT  O  N N 391 
TYR H    H  N N 392 
TYR H2   H  N N 393 
TYR HA   H  N N 394 
TYR HB2  H  N N 395 
TYR HB3  H  N N 396 
TYR HD1  H  N N 397 
TYR HD2  H  N N 398 
TYR HE1  H  N N 399 
TYR HE2  H  N N 400 
TYR HH   H  N N 401 
TYR HXT  H  N N 402 
VAL N    N  N N 403 
VAL CA   C  N S 404 
VAL C    C  N N 405 
VAL O    O  N N 406 
VAL CB   C  N N 407 
VAL CG1  C  N N 408 
VAL CG2  C  N N 409 
VAL OXT  O  N N 410 
VAL H    H  N N 411 
VAL H2   H  N N 412 
VAL HA   H  N N 413 
VAL HB   H  N N 414 
VAL HG11 H  N N 415 
VAL HG12 H  N N 416 
VAL HG13 H  N N 417 
VAL HG21 H  N N 418 
VAL HG22 H  N N 419 
VAL HG23 H  N N 420 
VAL HXT  H  N N 421 
# 
loop_
_chem_comp_bond.comp_id 
_chem_comp_bond.atom_id_1 
_chem_comp_bond.atom_id_2 
_chem_comp_bond.value_order 
_chem_comp_bond.pdbx_aromatic_flag 
_chem_comp_bond.pdbx_stereo_config 
_chem_comp_bond.pdbx_ordinal 
ALA N   CA   sing N N 1   
ALA N   H    sing N N 2   
ALA N   H2   sing N N 3   
ALA CA  C    sing N N 4   
ALA CA  CB   sing N N 5   
ALA CA  HA   sing N N 6   
ALA C   O    doub N N 7   
ALA C   OXT  sing N N 8   
ALA CB  HB1  sing N N 9   
ALA CB  HB2  sing N N 10  
ALA CB  HB3  sing N N 11  
ALA OXT HXT  sing N N 12  
ARG N   CA   sing N N 13  
ARG N   H    sing N N 14  
ARG N   H2   sing N N 15  
ARG CA  C    sing N N 16  
ARG CA  CB   sing N N 17  
ARG CA  HA   sing N N 18  
ARG C   O    doub N N 19  
ARG C   OXT  sing N N 20  
ARG CB  CG   sing N N 21  
ARG CB  HB2  sing N N 22  
ARG CB  HB3  sing N N 23  
ARG CG  CD   sing N N 24  
ARG CG  HG2  sing N N 25  
ARG CG  HG3  sing N N 26  
ARG CD  NE   sing N N 27  
ARG CD  HD2  sing N N 28  
ARG CD  HD3  sing N N 29  
ARG NE  CZ   sing N N 30  
ARG NE  HE   sing N N 31  
ARG CZ  NH1  sing N N 32  
ARG CZ  NH2  doub N N 33  
ARG NH1 HH11 sing N N 34  
ARG NH1 HH12 sing N N 35  
ARG NH2 HH21 sing N N 36  
ARG NH2 HH22 sing N N 37  
ARG OXT HXT  sing N N 38  
ASN N   CA   sing N N 39  
ASN N   H    sing N N 40  
ASN N   H2   sing N N 41  
ASN CA  C    sing N N 42  
ASN CA  CB   sing N N 43  
ASN CA  HA   sing N N 44  
ASN C   O    doub N N 45  
ASN C   OXT  sing N N 46  
ASN CB  CG   sing N N 47  
ASN CB  HB2  sing N N 48  
ASN CB  HB3  sing N N 49  
ASN CG  OD1  doub N N 50  
ASN CG  ND2  sing N N 51  
ASN ND2 HD21 sing N N 52  
ASN ND2 HD22 sing N N 53  
ASN OXT HXT  sing N N 54  
ASP N   CA   sing N N 55  
ASP N   H    sing N N 56  
ASP N   H2   sing N N 57  
ASP CA  C    sing N N 58  
ASP CA  CB   sing N N 59  
ASP CA  HA   sing N N 60  
ASP C   O    doub N N 61  
ASP C   OXT  sing N N 62  
ASP CB  CG   sing N N 63  
ASP CB  HB2  sing N N 64  
ASP CB  HB3  sing N N 65  
ASP CG  OD1  doub N N 66  
ASP CG  OD2  sing N N 67  
ASP OD2 HD2  sing N N 68  
ASP OXT HXT  sing N N 69  
CYS N   CA   sing N N 70  
CYS N   H    sing N N 71  
CYS N   H2   sing N N 72  
CYS CA  C    sing N N 73  
CYS CA  CB   sing N N 74  
CYS CA  HA   sing N N 75  
CYS C   O    doub N N 76  
CYS C   OXT  sing N N 77  
CYS CB  SG   sing N N 78  
CYS CB  HB2  sing N N 79  
CYS CB  HB3  sing N N 80  
CYS SG  HG   sing N N 81  
CYS OXT HXT  sing N N 82  
GLN N   CA   sing N N 83  
GLN N   H    sing N N 84  
GLN N   H2   sing N N 85  
GLN CA  C    sing N N 86  
GLN CA  CB   sing N N 87  
GLN CA  HA   sing N N 88  
GLN C   O    doub N N 89  
GLN C   OXT  sing N N 90  
GLN CB  CG   sing N N 91  
GLN CB  HB2  sing N N 92  
GLN CB  HB3  sing N N 93  
GLN CG  CD   sing N N 94  
GLN CG  HG2  sing N N 95  
GLN CG  HG3  sing N N 96  
GLN CD  OE1  doub N N 97  
GLN CD  NE2  sing N N 98  
GLN NE2 HE21 sing N N 99  
GLN NE2 HE22 sing N N 100 
GLN OXT HXT  sing N N 101 
GLU N   CA   sing N N 102 
GLU N   H    sing N N 103 
GLU N   H2   sing N N 104 
GLU CA  C    sing N N 105 
GLU CA  CB   sing N N 106 
GLU CA  HA   sing N N 107 
GLU C   O    doub N N 108 
GLU C   OXT  sing N N 109 
GLU CB  CG   sing N N 110 
GLU CB  HB2  sing N N 111 
GLU CB  HB3  sing N N 112 
GLU CG  CD   sing N N 113 
GLU CG  HG2  sing N N 114 
GLU CG  HG3  sing N N 115 
GLU CD  OE1  doub N N 116 
GLU CD  OE2  sing N N 117 
GLU OE2 HE2  sing N N 118 
GLU OXT HXT  sing N N 119 
GLY N   CA   sing N N 120 
GLY N   H    sing N N 121 
GLY N   H2   sing N N 122 
GLY CA  C    sing N N 123 
GLY CA  HA2  sing N N 124 
GLY CA  HA3  sing N N 125 
GLY C   O    doub N N 126 
GLY C   OXT  sing N N 127 
GLY OXT HXT  sing N N 128 
HIS N   CA   sing N N 129 
HIS N   H    sing N N 130 
HIS N   H2   sing N N 131 
HIS CA  C    sing N N 132 
HIS CA  CB   sing N N 133 
HIS CA  HA   sing N N 134 
HIS C   O    doub N N 135 
HIS C   OXT  sing N N 136 
HIS CB  CG   sing N N 137 
HIS CB  HB2  sing N N 138 
HIS CB  HB3  sing N N 139 
HIS CG  ND1  sing Y N 140 
HIS CG  CD2  doub Y N 141 
HIS ND1 CE1  doub Y N 142 
HIS ND1 HD1  sing N N 143 
HIS CD2 NE2  sing Y N 144 
HIS CD2 HD2  sing N N 145 
HIS CE1 NE2  sing Y N 146 
HIS CE1 HE1  sing N N 147 
HIS NE2 HE2  sing N N 148 
HIS OXT HXT  sing N N 149 
HOH O   H1   sing N N 150 
HOH O   H2   sing N N 151 
ILE N   CA   sing N N 152 
ILE N   H    sing N N 153 
ILE N   H2   sing N N 154 
ILE CA  C    sing N N 155 
ILE CA  CB   sing N N 156 
ILE CA  HA   sing N N 157 
ILE C   O    doub N N 158 
ILE C   OXT  sing N N 159 
ILE CB  CG1  sing N N 160 
ILE CB  CG2  sing N N 161 
ILE CB  HB   sing N N 162 
ILE CG1 CD1  sing N N 163 
ILE CG1 HG12 sing N N 164 
ILE CG1 HG13 sing N N 165 
ILE CG2 HG21 sing N N 166 
ILE CG2 HG22 sing N N 167 
ILE CG2 HG23 sing N N 168 
ILE CD1 HD11 sing N N 169 
ILE CD1 HD12 sing N N 170 
ILE CD1 HD13 sing N N 171 
ILE OXT HXT  sing N N 172 
LEU N   CA   sing N N 173 
LEU N   H    sing N N 174 
LEU N   H2   sing N N 175 
LEU CA  C    sing N N 176 
LEU CA  CB   sing N N 177 
LEU CA  HA   sing N N 178 
LEU C   O    doub N N 179 
LEU C   OXT  sing N N 180 
LEU CB  CG   sing N N 181 
LEU CB  HB2  sing N N 182 
LEU CB  HB3  sing N N 183 
LEU CG  CD1  sing N N 184 
LEU CG  CD2  sing N N 185 
LEU CG  HG   sing N N 186 
LEU CD1 HD11 sing N N 187 
LEU CD1 HD12 sing N N 188 
LEU CD1 HD13 sing N N 189 
LEU CD2 HD21 sing N N 190 
LEU CD2 HD22 sing N N 191 
LEU CD2 HD23 sing N N 192 
LEU OXT HXT  sing N N 193 
LYS N   CA   sing N N 194 
LYS N   H    sing N N 195 
LYS N   H2   sing N N 196 
LYS CA  C    sing N N 197 
LYS CA  CB   sing N N 198 
LYS CA  HA   sing N N 199 
LYS C   O    doub N N 200 
LYS C   OXT  sing N N 201 
LYS CB  CG   sing N N 202 
LYS CB  HB2  sing N N 203 
LYS CB  HB3  sing N N 204 
LYS CG  CD   sing N N 205 
LYS CG  HG2  sing N N 206 
LYS CG  HG3  sing N N 207 
LYS CD  CE   sing N N 208 
LYS CD  HD2  sing N N 209 
LYS CD  HD3  sing N N 210 
LYS CE  NZ   sing N N 211 
LYS CE  HE2  sing N N 212 
LYS CE  HE3  sing N N 213 
LYS NZ  HZ1  sing N N 214 
LYS NZ  HZ2  sing N N 215 
LYS NZ  HZ3  sing N N 216 
LYS OXT HXT  sing N N 217 
MET N   CA   sing N N 218 
MET N   H    sing N N 219 
MET N   H2   sing N N 220 
MET CA  C    sing N N 221 
MET CA  CB   sing N N 222 
MET CA  HA   sing N N 223 
MET C   O    doub N N 224 
MET C   OXT  sing N N 225 
MET CB  CG   sing N N 226 
MET CB  HB2  sing N N 227 
MET CB  HB3  sing N N 228 
MET CG  SD   sing N N 229 
MET CG  HG2  sing N N 230 
MET CG  HG3  sing N N 231 
MET SD  CE   sing N N 232 
MET CE  HE1  sing N N 233 
MET CE  HE2  sing N N 234 
MET CE  HE3  sing N N 235 
MET OXT HXT  sing N N 236 
NAG C1  C2   sing N N 237 
NAG C1  O1   sing N N 238 
NAG C1  O5   sing N N 239 
NAG C1  H1   sing N N 240 
NAG C2  C3   sing N N 241 
NAG C2  N2   sing N N 242 
NAG C2  H2   sing N N 243 
NAG C3  C4   sing N N 244 
NAG C3  O3   sing N N 245 
NAG C3  H3   sing N N 246 
NAG C4  C5   sing N N 247 
NAG C4  O4   sing N N 248 
NAG C4  H4   sing N N 249 
NAG C5  C6   sing N N 250 
NAG C5  O5   sing N N 251 
NAG C5  H5   sing N N 252 
NAG C6  O6   sing N N 253 
NAG C6  H61  sing N N 254 
NAG C6  H62  sing N N 255 
NAG C7  C8   sing N N 256 
NAG C7  N2   sing N N 257 
NAG C7  O7   doub N N 258 
NAG C8  H81  sing N N 259 
NAG C8  H82  sing N N 260 
NAG C8  H83  sing N N 261 
NAG N2  HN2  sing N N 262 
NAG O1  HO1  sing N N 263 
NAG O3  HO3  sing N N 264 
NAG O4  HO4  sing N N 265 
NAG O6  HO6  sing N N 266 
PHE N   CA   sing N N 267 
PHE N   H    sing N N 268 
PHE N   H2   sing N N 269 
PHE CA  C    sing N N 270 
PHE CA  CB   sing N N 271 
PHE CA  HA   sing N N 272 
PHE C   O    doub N N 273 
PHE C   OXT  sing N N 274 
PHE CB  CG   sing N N 275 
PHE CB  HB2  sing N N 276 
PHE CB  HB3  sing N N 277 
PHE CG  CD1  doub Y N 278 
PHE CG  CD2  sing Y N 279 
PHE CD1 CE1  sing Y N 280 
PHE CD1 HD1  sing N N 281 
PHE CD2 CE2  doub Y N 282 
PHE CD2 HD2  sing N N 283 
PHE CE1 CZ   doub Y N 284 
PHE CE1 HE1  sing N N 285 
PHE CE2 CZ   sing Y N 286 
PHE CE2 HE2  sing N N 287 
PHE CZ  HZ   sing N N 288 
PHE OXT HXT  sing N N 289 
PRO N   CA   sing N N 290 
PRO N   CD   sing N N 291 
PRO N   H    sing N N 292 
PRO CA  C    sing N N 293 
PRO CA  CB   sing N N 294 
PRO CA  HA   sing N N 295 
PRO C   O    doub N N 296 
PRO C   OXT  sing N N 297 
PRO CB  CG   sing N N 298 
PRO CB  HB2  sing N N 299 
PRO CB  HB3  sing N N 300 
PRO CG  CD   sing N N 301 
PRO CG  HG2  sing N N 302 
PRO CG  HG3  sing N N 303 
PRO CD  HD2  sing N N 304 
PRO CD  HD3  sing N N 305 
PRO OXT HXT  sing N N 306 
SER N   CA   sing N N 307 
SER N   H    sing N N 308 
SER N   H2   sing N N 309 
SER CA  C    sing N N 310 
SER CA  CB   sing N N 311 
SER CA  HA   sing N N 312 
SER C   O    doub N N 313 
SER C   OXT  sing N N 314 
SER CB  OG   sing N N 315 
SER CB  HB2  sing N N 316 
SER CB  HB3  sing N N 317 
SER OG  HG   sing N N 318 
SER OXT HXT  sing N N 319 
THR N   CA   sing N N 320 
THR N   H    sing N N 321 
THR N   H2   sing N N 322 
THR CA  C    sing N N 323 
THR CA  CB   sing N N 324 
THR CA  HA   sing N N 325 
THR C   O    doub N N 326 
THR C   OXT  sing N N 327 
THR CB  OG1  sing N N 328 
THR CB  CG2  sing N N 329 
THR CB  HB   sing N N 330 
THR OG1 HG1  sing N N 331 
THR CG2 HG21 sing N N 332 
THR CG2 HG22 sing N N 333 
THR CG2 HG23 sing N N 334 
THR OXT HXT  sing N N 335 
TRP N   CA   sing N N 336 
TRP N   H    sing N N 337 
TRP N   H2   sing N N 338 
TRP CA  C    sing N N 339 
TRP CA  CB   sing N N 340 
TRP CA  HA   sing N N 341 
TRP C   O    doub N N 342 
TRP C   OXT  sing N N 343 
TRP CB  CG   sing N N 344 
TRP CB  HB2  sing N N 345 
TRP CB  HB3  sing N N 346 
TRP CG  CD1  doub Y N 347 
TRP CG  CD2  sing Y N 348 
TRP CD1 NE1  sing Y N 349 
TRP CD1 HD1  sing N N 350 
TRP CD2 CE2  doub Y N 351 
TRP CD2 CE3  sing Y N 352 
TRP NE1 CE2  sing Y N 353 
TRP NE1 HE1  sing N N 354 
TRP CE2 CZ2  sing Y N 355 
TRP CE3 CZ3  doub Y N 356 
TRP CE3 HE3  sing N N 357 
TRP CZ2 CH2  doub Y N 358 
TRP CZ2 HZ2  sing N N 359 
TRP CZ3 CH2  sing Y N 360 
TRP CZ3 HZ3  sing N N 361 
TRP CH2 HH2  sing N N 362 
TRP OXT HXT  sing N N 363 
TYR N   CA   sing N N 364 
TYR N   H    sing N N 365 
TYR N   H2   sing N N 366 
TYR CA  C    sing N N 367 
TYR CA  CB   sing N N 368 
TYR CA  HA   sing N N 369 
TYR C   O    doub N N 370 
TYR C   OXT  sing N N 371 
TYR CB  CG   sing N N 372 
TYR CB  HB2  sing N N 373 
TYR CB  HB3  sing N N 374 
TYR CG  CD1  doub Y N 375 
TYR CG  CD2  sing Y N 376 
TYR CD1 CE1  sing Y N 377 
TYR CD1 HD1  sing N N 378 
TYR CD2 CE2  doub Y N 379 
TYR CD2 HD2  sing N N 380 
TYR CE1 CZ   doub Y N 381 
TYR CE1 HE1  sing N N 382 
TYR CE2 CZ   sing Y N 383 
TYR CE2 HE2  sing N N 384 
TYR CZ  OH   sing N N 385 
TYR OH  HH   sing N N 386 
TYR OXT HXT  sing N N 387 
VAL N   CA   sing N N 388 
VAL N   H    sing N N 389 
VAL N   H2   sing N N 390 
VAL CA  C    sing N N 391 
VAL CA  CB   sing N N 392 
VAL CA  HA   sing N N 393 
VAL C   O    doub N N 394 
VAL C   OXT  sing N N 395 
VAL CB  CG1  sing N N 396 
VAL CB  CG2  sing N N 397 
VAL CB  HB   sing N N 398 
VAL CG1 HG11 sing N N 399 
VAL CG1 HG12 sing N N 400 
VAL CG1 HG13 sing N N 401 
VAL CG2 HG21 sing N N 402 
VAL CG2 HG22 sing N N 403 
VAL CG2 HG23 sing N N 404 
VAL OXT HXT  sing N N 405 
# 
loop_
_pdbx_entity_branch_list.entity_id 
_pdbx_entity_branch_list.comp_id 
_pdbx_entity_branch_list.num 
_pdbx_entity_branch_list.hetero 
2 NAG 1 n 
2 NAG 2 n 
2 NAG 3 n 
2 NAG 4 n 
# 
_atom_sites.entry_id                    1LZR 
_atom_sites.fract_transf_matrix[1][1]   0.01471152 
_atom_sites.fract_transf_matrix[1][2]   0.00173727 
_atom_sites.fract_transf_matrix[1][3]   0.00967995 
_atom_sites.fract_transf_matrix[2][1]   -0.00261647 
_atom_sites.fract_transf_matrix[2][2]   -0.01478976 
_atom_sites.fract_transf_matrix[2][3]   0.00663083 
_atom_sites.fract_transf_matrix[3][1]   0.01565456 
_atom_sites.fract_transf_matrix[3][2]   -0.01243559 
_atom_sites.fract_transf_matrix[3][3]   -0.02155985 
_atom_sites.fract_transf_vector[1]      0.225756 
_atom_sites.fract_transf_vector[2]      0.247675 
_atom_sites.fract_transf_vector[3]      0.862656 
# 
loop_
_atom_type.symbol 
C  
CL 
N  
O  
S  
# 
loop_
_atom_site.group_PDB 
_atom_site.id 
_atom_site.type_symbol 
_atom_site.label_atom_id 
_atom_site.label_alt_id 
_atom_site.label_comp_id 
_atom_site.label_asym_id 
_atom_site.label_entity_id 
_atom_site.label_seq_id 
_atom_site.pdbx_PDB_ins_code 
_atom_site.Cartn_x 
_atom_site.Cartn_y 
_atom_site.Cartn_z 
_atom_site.occupancy 
_atom_site.B_iso_or_equiv 
_atom_site.pdbx_formal_charge 
_atom_site.auth_seq_id 
_atom_site.auth_comp_id 
_atom_site.auth_asym_id 
_atom_site.auth_atom_id 
_atom_site.pdbx_PDB_model_num 
ATOM   1    N  N   . LYS A 1 1   ? -13.835 -2.592  -0.080  1.00 10.60 ? 1   LYS A N   1 
ATOM   2    C  CA  . LYS A 1 1   ? -14.206 -2.803  1.338   1.00 10.97 ? 1   LYS A CA  1 
ATOM   3    C  C   . LYS A 1 1   ? -13.380 -1.869  2.210   1.00 11.30 ? 1   LYS A C   1 
ATOM   4    O  O   . LYS A 1 1   ? -12.216 -1.514  1.851   1.00 10.95 ? 1   LYS A O   1 
ATOM   5    C  CB  . LYS A 1 1   ? -14.035 -4.244  1.706   1.00 14.11 ? 1   LYS A CB  1 
ATOM   6    C  CG  . LYS A 1 1   ? -12.800 -4.724  2.348   1.00 17.24 ? 1   LYS A CG  1 
ATOM   7    C  CD  . LYS A 1 1   ? -12.861 -6.133  2.902   1.00 17.56 ? 1   LYS A CD  1 
ATOM   8    C  CE  . LYS A 1 1   ? -12.888 -6.108  4.410   1.00 21.06 ? 1   LYS A CE  1 
ATOM   9    N  NZ  . LYS A 1 1   ? -12.781 -7.478  4.901   1.00 23.24 ? 1   LYS A NZ  1 
ATOM   10   N  N   . VAL A 1 2   ? -13.981 -1.457  3.313   1.00 9.45  ? 2   VAL A N   1 
ATOM   11   C  CA  . VAL A 1 2   ? -13.262 -0.593  4.281   1.00 9.16  ? 2   VAL A CA  1 
ATOM   12   C  C   . VAL A 1 2   ? -12.952 -1.507  5.460   1.00 8.73  ? 2   VAL A C   1 
ATOM   13   O  O   . VAL A 1 2   ? -13.863 -1.958  6.127   1.00 11.12 ? 2   VAL A O   1 
ATOM   14   C  CB  . VAL A 1 2   ? -14.140 0.602   4.679   1.00 9.32  ? 2   VAL A CB  1 
ATOM   15   C  CG1 . VAL A 1 2   ? -13.444 1.421   5.746   1.00 12.86 ? 2   VAL A CG1 1 
ATOM   16   C  CG2 . VAL A 1 2   ? -14.426 1.536   3.510   1.00 9.92  ? 2   VAL A CG2 1 
ATOM   17   N  N   . PHE A 1 3   ? -11.682 -1.837  5.672   1.00 9.85  ? 3   PHE A N   1 
ATOM   18   C  CA  . PHE A 1 3   ? -11.316 -2.701  6.807   1.00 10.11 ? 3   PHE A CA  1 
ATOM   19   C  C   . PHE A 1 3   ? -11.380 -1.916  8.122   1.00 9.65  ? 3   PHE A C   1 
ATOM   20   O  O   . PHE A 1 3   ? -11.155 -0.699  8.174   1.00 10.59 ? 3   PHE A O   1 
ATOM   21   C  CB  . PHE A 1 3   ? -9.811  -3.151  6.696   1.00 10.33 ? 3   PHE A CB  1 
ATOM   22   C  CG  . PHE A 1 3   ? -9.539  -4.287  5.768   1.00 9.70  ? 3   PHE A CG  1 
ATOM   23   C  CD1 . PHE A 1 3   ? -9.453  -4.057  4.391   1.00 11.49 ? 3   PHE A CD1 1 
ATOM   24   C  CD2 . PHE A 1 3   ? -9.332  -5.584  6.244   1.00 9.95  ? 3   PHE A CD2 1 
ATOM   25   C  CE1 . PHE A 1 3   ? -9.205  -5.122  3.510   1.00 13.64 ? 3   PHE A CE1 1 
ATOM   26   C  CE2 . PHE A 1 3   ? -9.062  -6.644  5.382   1.00 11.81 ? 3   PHE A CE2 1 
ATOM   27   C  CZ  . PHE A 1 3   ? -8.975  -6.418  4.004   1.00 11.30 ? 3   PHE A CZ  1 
ATOM   28   N  N   . GLU A 1 4   ? -11.611 -2.717  9.168   1.00 10.59 ? 4   GLU A N   1 
ATOM   29   C  CA  . GLU A 1 4   ? -11.539 -2.209  10.539  1.00 11.25 ? 4   GLU A CA  1 
ATOM   30   C  C   . GLU A 1 4   ? -10.042 -2.362  10.879  1.00 9.85  ? 4   GLU A C   1 
ATOM   31   O  O   . GLU A 1 4   ? -9.407  -3.317  10.356  1.00 11.03 ? 4   GLU A O   1 
ATOM   32   C  CB  . GLU A 1 4   ? -12.340 -3.002  11.584  1.00 13.89 ? 4   GLU A CB  1 
ATOM   33   C  CG  . GLU A 1 4   ? -12.088 -2.545  13.047  1.00 21.06 ? 4   GLU A CG  1 
ATOM   34   C  CD  . GLU A 1 4   ? -11.187 -3.401  13.935  1.00 24.46 ? 4   GLU A CD  1 
ATOM   35   O  OE1 . GLU A 1 4   ? -11.116 -4.631  13.700  1.00 23.78 ? 4   GLU A OE1 1 
ATOM   36   O  OE2 . GLU A 1 4   ? -10.597 -2.730  14.882  1.00 21.14 ? 4   GLU A OE2 1 
ATOM   37   N  N   . ARG A 1 5   ? -9.516  -1.515  11.712  1.00 9.89  ? 5   ARG A N   1 
ATOM   38   C  CA  . ARG A 1 5   ? -8.104  -1.518  12.047  1.00 8.85  ? 5   ARG A CA  1 
ATOM   39   C  C   . ARG A 1 5   ? -7.524  -2.886  12.402  1.00 9.67  ? 5   ARG A C   1 
ATOM   40   O  O   . ARG A 1 5   ? -6.560  -3.352  11.745  1.00 9.51  ? 5   ARG A O   1 
ATOM   41   C  CB  . ARG A 1 5   ? -7.810  -0.470  13.142  1.00 9.73  ? 5   ARG A CB  1 
ATOM   42   C  CG  . ARG A 1 5   ? -6.346  -0.388  13.540  1.00 12.33 ? 5   ARG A CG  1 
ATOM   43   C  CD  . ARG A 1 5   ? -6.129  0.641   14.622  1.00 13.73 ? 5   ARG A CD  1 
ATOM   44   N  NE  . ARG A 1 5   ? -6.820  0.304   15.864  1.00 15.36 ? 5   ARG A NE  1 
ATOM   45   C  CZ  . ARG A 1 5   ? -6.269  -0.343  16.912  1.00 16.37 ? 5   ARG A CZ  1 
ATOM   46   N  NH1 . ARG A 1 5   ? -4.993  -0.747  16.888  1.00 15.66 ? 5   ARG A NH1 1 
ATOM   47   N  NH2 . ARG A 1 5   ? -6.999  -0.573  18.027  1.00 16.63 ? 5   ARG A NH2 1 
ATOM   48   N  N   . CYS A 1 6   ? -8.073  -3.533  13.453  1.00 9.21  ? 6   CYS A N   1 
ATOM   49   C  CA  . CYS A 1 6   ? -7.491  -4.808  13.875  1.00 9.40  ? 6   CYS A CA  1 
ATOM   50   C  C   . CYS A 1 6   ? -7.719  -5.927  12.881  1.00 9.16  ? 6   CYS A C   1 
ATOM   51   O  O   . CYS A 1 6   ? -6.838  -6.830  12.780  1.00 10.14 ? 6   CYS A O   1 
ATOM   52   C  CB  . CYS A 1 6   ? -7.934  -5.177  15.294  1.00 10.50 ? 6   CYS A CB  1 
ATOM   53   S  SG  . CYS A 1 6   ? -7.182  -4.077  16.536  1.00 12.25 ? 6   CYS A SG  1 
ATOM   54   N  N   . GLU A 1 7   ? -8.822  -5.890  12.176  1.00 9.65  ? 7   GLU A N   1 
ATOM   55   C  CA  . GLU A 1 7   ? -9.091  -6.892  11.124  1.00 10.31 ? 7   GLU A CA  1 
ATOM   56   C  C   . GLU A 1 7   ? -7.965  -6.789  10.087  1.00 9.10  ? 7   GLU A C   1 
ATOM   57   O  O   . GLU A 1 7   ? -7.395  -7.826  9.668   1.00 10.05 ? 7   GLU A O   1 
ATOM   58   C  CB  . GLU A 1 7   ? -10.426 -6.579  10.470  1.00 13.05 ? 7   GLU A CB  1 
ATOM   59   C  CG  . GLU A 1 7   ? -10.907 -7.418  9.304   1.00 17.50 ? 7   GLU A CG  1 
ATOM   60   C  CD  . GLU A 1 7   ? -12.017 -6.782  8.470   1.00 19.62 ? 7   GLU A CD  1 
ATOM   61   O  OE1 . GLU A 1 7   ? -12.500 -5.645  8.550   1.00 18.30 ? 7   GLU A OE1 1 
ATOM   62   O  OE2 . GLU A 1 7   ? -12.351 -7.675  7.654   1.00 21.40 ? 7   GLU A OE2 1 
ATOM   63   N  N   . LEU A 1 8   ? -7.595  -5.571  9.703   1.00 9.28  ? 8   LEU A N   1 
ATOM   64   C  CA  . LEU A 1 8   ? -6.488  -5.458  8.712   1.00 8.71  ? 8   LEU A CA  1 
ATOM   65   C  C   . LEU A 1 8   ? -5.147  -5.940  9.297   1.00 8.35  ? 8   LEU A C   1 
ATOM   66   O  O   . LEU A 1 8   ? -4.402  -6.582  8.538   1.00 8.71  ? 8   LEU A O   1 
ATOM   67   C  CB  . LEU A 1 8   ? -6.423  -4.017  8.191   1.00 9.80  ? 8   LEU A CB  1 
ATOM   68   C  CG  . LEU A 1 8   ? -5.315  -3.777  7.142   1.00 7.32  ? 8   LEU A CG  1 
ATOM   69   C  CD1 . LEU A 1 8   ? -5.531  -4.582  5.884   1.00 8.14  ? 8   LEU A CD1 1 
ATOM   70   C  CD2 . LEU A 1 8   ? -5.281  -2.249  6.859   1.00 9.61  ? 8   LEU A CD2 1 
ATOM   71   N  N   . ALA A 1 9   ? -4.850  -5.553  10.526  1.00 6.65  ? 9   ALA A N   1 
ATOM   72   C  CA  . ALA A 1 9   ? -3.561  -5.958  11.099  1.00 7.96  ? 9   ALA A CA  1 
ATOM   73   C  C   . ALA A 1 9   ? -3.413  -7.478  11.080  1.00 8.30  ? 9   ALA A C   1 
ATOM   74   O  O   . ALA A 1 9   ? -2.348  -8.001  10.691  1.00 9.57  ? 9   ALA A O   1 
ATOM   75   C  CB  . ALA A 1 9   ? -3.490  -5.405  12.530  1.00 7.06  ? 9   ALA A CB  1 
ATOM   76   N  N   . ARG A 1 10  ? -4.493  -8.162  11.488  1.00 8.81  ? 10  ARG A N   1 
ATOM   77   C  CA  . ARG A 1 10  ? -4.395  -9.662  11.492  1.00 9.93  ? 10  ARG A CA  1 
ATOM   78   C  C   . ARG A 1 10  ? -4.272  -10.195 10.069  1.00 9.37  ? 10  ARG A C   1 
ATOM   79   O  O   . ARG A 1 10  ? -3.521  -11.186 9.854   1.00 10.71 ? 10  ARG A O   1 
ATOM   80   C  CB  . ARG A 1 10  ? -5.621  -10.253 12.233  1.00 10.65 ? 10  ARG A CB  1 
ATOM   81   C  CG  . ARG A 1 10  ? -5.560  -9.971  13.740  1.00 10.45 ? 10  ARG A CG  1 
ATOM   82   C  CD  . ARG A 1 10  ? -6.692  -10.698 14.448  1.00 13.10 ? 10  ARG A CD  1 
ATOM   83   N  NE  . ARG A 1 10  ? -8.000  -10.198 14.125  1.00 14.49 ? 10  ARG A NE  1 
ATOM   84   C  CZ  . ARG A 1 10  ? -8.660  -9.231  14.810  1.00 12.23 ? 10  ARG A CZ  1 
ATOM   85   N  NH1 . ARG A 1 10  ? -8.092  -8.639  15.855  1.00 11.72 ? 10  ARG A NH1 1 
ATOM   86   N  NH2 . ARG A 1 10  ? -9.889  -8.855  14.436  1.00 14.64 ? 10  ARG A NH2 1 
ATOM   87   N  N   . THR A 1 11  ? -4.945  -9.554  9.103   1.00 8.84  ? 11  THR A N   1 
ATOM   88   C  CA  . THR A 1 11  ? -4.860  -10.004 7.712   1.00 8.91  ? 11  THR A CA  1 
ATOM   89   C  C   . THR A 1 11  ? -3.429  -9.825  7.189   1.00 9.90  ? 11  THR A C   1 
ATOM   90   O  O   . THR A 1 11  ? -2.853  -10.733 6.537   1.00 10.27 ? 11  THR A O   1 
ATOM   91   C  CB  . THR A 1 11  ? -5.890  -9.240  6.808   1.00 11.66 ? 11  THR A CB  1 
ATOM   92   O  OG1 . THR A 1 11  ? -7.199  -9.520  7.386   1.00 12.58 ? 11  THR A OG1 1 
ATOM   93   C  CG2 . THR A 1 11  ? -5.864  -9.674  5.348   1.00 12.29 ? 11  THR A CG2 1 
ATOM   94   N  N   . LEU A 1 12  ? -2.886  -8.612  7.403   1.00 8.08  ? 12  LEU A N   1 
ATOM   95   C  CA  . LEU A 1 12  ? -1.503  -8.368  6.937   1.00 8.22  ? 12  LEU A CA  1 
ATOM   96   C  C   . LEU A 1 12  ? -0.469  -9.307  7.588   1.00 8.45  ? 12  LEU A C   1 
ATOM   97   O  O   . LEU A 1 12  ? 0.477   -9.742  6.934   1.00 9.76  ? 12  LEU A O   1 
ATOM   98   C  CB  . LEU A 1 12  ? -1.152  -6.912  7.188   1.00 8.24  ? 12  LEU A CB  1 
ATOM   99   C  CG  . LEU A 1 12  ? -1.896  -5.857  6.381   1.00 9.31  ? 12  LEU A CG  1 
ATOM   100  C  CD1 . LEU A 1 12  ? -1.304  -4.445  6.730   1.00 10.67 ? 12  LEU A CD1 1 
ATOM   101  C  CD2 . LEU A 1 12  ? -1.737  -6.129  4.877   1.00 9.94  ? 12  LEU A CD2 1 
ATOM   102  N  N   . LYS A 1 13  ? -0.691  -9.630  8.869   1.00 8.75  ? 13  LYS A N   1 
ATOM   103  C  CA  . LYS A 1 13  ? 0.257   -10.547 9.521   1.00 10.27 ? 13  LYS A CA  1 
ATOM   104  C  C   . LYS A 1 13  ? 0.224   -11.913 8.835   1.00 10.20 ? 13  LYS A C   1 
ATOM   105  O  O   . LYS A 1 13  ? 1.293   -12.490 8.575   1.00 10.47 ? 13  LYS A O   1 
ATOM   106  C  CB  . LYS A 1 13  ? -0.094  -10.735 11.016  1.00 14.16 ? 13  LYS A CB  1 
ATOM   107  C  CG  . LYS A 1 13  ? 1.019   -11.572 11.695  1.00 16.93 ? 13  LYS A CG  1 
ATOM   108  C  CD  . LYS A 1 13  ? 1.201   -11.203 13.140  1.00 22.86 ? 13  LYS A CD  1 
ATOM   109  C  CE  . LYS A 1 13  ? 2.003   -12.250 13.934  1.00 25.72 ? 13  LYS A CE  1 
ATOM   110  N  NZ  . LYS A 1 13  ? 3.323   -12.350 13.231  1.00 28.90 ? 13  LYS A NZ  1 
ATOM   111  N  N   . ARG A 1 14  ? -0.953  -12.433 8.538   1.00 9.99  ? 14  ARG A N   1 
ATOM   112  C  CA  . ARG A 1 14  ? -1.096  -13.748 7.868   1.00 11.33 ? 14  ARG A CA  1 
ATOM   113  C  C   . ARG A 1 14  ? -0.495  -13.727 6.480   1.00 9.89  ? 14  ARG A C   1 
ATOM   114  O  O   . ARG A 1 14  ? 0.000   -14.784 6.045   1.00 10.24 ? 14  ARG A O   1 
ATOM   115  C  CB  . ARG A 1 14  ? -2.573  -14.171 7.718   1.00 15.75 ? 14  ARG A CB  1 
ATOM   116  C  CG  . ARG A 1 14  ? -3.281  -14.319 9.030   1.00 23.25 ? 14  ARG A CG  1 
ATOM   117  C  CD  . ARG A 1 14  ? -4.534  -15.170 8.890   1.00 28.70 ? 14  ARG A CD  1 
ATOM   118  N  NE  . ARG A 1 14  ? -5.434  -14.538 7.951   1.00 32.47 ? 14  ARG A NE  1 
ATOM   119  C  CZ  . ARG A 1 14  ? -6.396  -13.650 8.185   1.00 32.33 ? 14  ARG A CZ  1 
ATOM   120  N  NH1 . ARG A 1 14  ? -6.673  -13.287 9.434   1.00 34.19 ? 14  ARG A NH1 1 
ATOM   121  N  NH2 . ARG A 1 14  ? -6.965  -13.163 7.077   1.00 31.15 ? 14  ARG A NH2 1 
ATOM   122  N  N   . LEU A 1 15  ? -0.515  -12.566 5.838   1.00 9.41  ? 15  LEU A N   1 
ATOM   123  C  CA  . LEU A 1 15  ? 0.060   -12.426 4.485   1.00 10.22 ? 15  LEU A CA  1 
ATOM   124  C  C   . LEU A 1 15  ? 1.578   -12.210 4.515   1.00 10.89 ? 15  LEU A C   1 
ATOM   125  O  O   . LEU A 1 15  ? 2.144   -12.000 3.424   1.00 11.00 ? 15  LEU A O   1 
ATOM   126  C  CB  . LEU A 1 15  ? -0.705  -11.328 3.718   1.00 10.86 ? 15  LEU A CB  1 
ATOM   127  C  CG  . LEU A 1 15  ? -2.158  -11.677 3.396   1.00 10.95 ? 15  LEU A CG  1 
ATOM   128  C  CD1 . LEU A 1 15  ? -2.834  -10.446 2.763   1.00 12.92 ? 15  LEU A CD1 1 
ATOM   129  C  CD2 . LEU A 1 15  ? -2.207  -12.838 2.423   1.00 13.65 ? 15  LEU A CD2 1 
ATOM   130  N  N   . GLY A 1 16  ? 2.168   -12.235 5.675   1.00 9.46  ? 16  GLY A N   1 
ATOM   131  C  CA  . GLY A 1 16  ? 3.628   -12.136 5.783   1.00 9.49  ? 16  GLY A CA  1 
ATOM   132  C  C   . GLY A 1 16  ? 4.233   -10.771 5.706   1.00 8.81  ? 16  GLY A C   1 
ATOM   133  O  O   . GLY A 1 16  ? 5.430   -10.691 5.384   1.00 11.08 ? 16  GLY A O   1 
ATOM   134  N  N   . MET A 1 17  ? 3.478   -9.740  6.055   1.00 8.39  ? 17  MET A N   1 
ATOM   135  C  CA  . MET A 1 17  ? 4.063   -8.368  5.966   1.00 8.80  ? 17  MET A CA  1 
ATOM   136  C  C   . MET A 1 17  ? 4.878   -7.971  7.185   1.00 9.75  ? 17  MET A C   1 
ATOM   137  O  O   . MET A 1 17  ? 5.652   -7.000  7.042   1.00 10.28 ? 17  MET A O   1 
ATOM   138  C  CB  . MET A 1 17  ? 2.876   -7.410  5.817   1.00 9.69  ? 17  MET A CB  1 
ATOM   139  C  CG  . MET A 1 17  ? 2.218   -7.649  4.472   1.00 13.75 ? 17  MET A CG  1 
ATOM   140  S  SD  . MET A 1 17  ? 3.302   -7.014  3.143   1.00 17.83 ? 17  MET A SD  1 
ATOM   141  C  CE  . MET A 1 17  ? 2.516   -5.381  2.904   1.00 16.99 ? 17  MET A CE  1 
ATOM   142  N  N   . ASP A 1 18  ? 4.687   -8.614  8.328   1.00 9.97  ? 18  ASP A N   1 
ATOM   143  C  CA  . ASP A 1 18  ? 5.470   -8.183  9.540   1.00 10.21 ? 18  ASP A CA  1 
ATOM   144  C  C   . ASP A 1 18  ? 6.966   -8.387  9.348   1.00 11.28 ? 18  ASP A C   1 
ATOM   145  O  O   . ASP A 1 18  ? 7.456   -9.553  9.401   1.00 12.90 ? 18  ASP A O   1 
ATOM   146  C  CB  . ASP A 1 18  ? 4.985   -8.900  10.795  1.00 12.52 ? 18  ASP A CB  1 
ATOM   147  C  CG  . ASP A 1 18  ? 5.542   -8.179  12.038  1.00 15.67 ? 18  ASP A CG  1 
ATOM   148  O  OD1 . ASP A 1 18  ? 6.011   -7.021  12.053  1.00 14.67 ? 18  ASP A OD1 1 
ATOM   149  O  OD2 . ASP A 1 18  ? 5.460   -8.847  13.114  1.00 17.99 ? 18  ASP A OD2 1 
ATOM   150  N  N   . GLY A 1 19  ? 7.740   -7.341  9.191   1.00 10.42 ? 19  GLY A N   1 
ATOM   151  C  CA  . GLY A 1 19  ? 9.206   -7.432  9.032   1.00 10.49 ? 19  GLY A CA  1 
ATOM   152  C  C   . GLY A 1 19  ? 9.640   -7.639  7.593   1.00 10.80 ? 19  GLY A C   1 
ATOM   153  O  O   . GLY A 1 19  ? 10.813  -7.899  7.337   1.00 11.75 ? 19  GLY A O   1 
ATOM   154  N  N   . TYR A 1 20  ? 8.680   -7.550  6.649   1.00 9.42  ? 20  TYR A N   1 
ATOM   155  C  CA  . TYR A 1 20  ? 9.066   -7.777  5.233   1.00 8.99  ? 20  TYR A CA  1 
ATOM   156  C  C   . TYR A 1 20  ? 10.050  -6.702  4.787   1.00 8.47  ? 20  TYR A C   1 
ATOM   157  O  O   . TYR A 1 20  ? 9.763   -5.495  4.858   1.00 8.08  ? 20  TYR A O   1 
ATOM   158  C  CB  . TYR A 1 20  ? 7.786   -7.820  4.338   1.00 8.87  ? 20  TYR A CB  1 
ATOM   159  C  CG  . TYR A 1 20  ? 8.202   -8.283  2.940   1.00 9.01  ? 20  TYR A CG  1 
ATOM   160  C  CD1 . TYR A 1 20  ? 8.316   -9.633  2.621   1.00 10.75 ? 20  TYR A CD1 1 
ATOM   161  C  CD2 . TYR A 1 20  ? 8.505   -7.347  1.970   1.00 8.62  ? 20  TYR A CD2 1 
ATOM   162  C  CE1 . TYR A 1 20  ? 8.717   -10.055 1.356   1.00 11.28 ? 20  TYR A CE1 1 
ATOM   163  C  CE2 . TYR A 1 20  ? 8.922   -7.729  0.701   1.00 9.84  ? 20  TYR A CE2 1 
ATOM   164  C  CZ  . TYR A 1 20  ? 9.046   -9.086  0.406   1.00 12.37 ? 20  TYR A CZ  1 
ATOM   165  O  OH  . TYR A 1 20  ? 9.432   -9.407  -0.872  1.00 14.29 ? 20  TYR A OH  1 
ATOM   166  N  N   . ARG A 1 21  ? 11.202  -7.141  4.322   1.00 9.41  ? 21  ARG A N   1 
ATOM   167  C  CA  . ARG A 1 21  ? 12.295  -6.254  3.909   1.00 11.44 ? 21  ARG A CA  1 
ATOM   168  C  C   . ARG A 1 21  ? 12.578  -5.193  4.983   1.00 10.16 ? 21  ARG A C   1 
ATOM   169  O  O   . ARG A 1 21  ? 12.850  -4.011  4.687   1.00 11.55 ? 21  ARG A O   1 
ATOM   170  C  CB  . ARG A 1 21  ? 12.121  -5.603  2.543   1.00 14.60 ? 21  ARG A CB  1 
ATOM   171  C  CG  . ARG A 1 21  ? 12.155  -6.554  1.364   1.00 19.89 ? 21  ARG A CG  1 
ATOM   172  C  CD  . ARG A 1 21  ? 13.469  -6.975  0.885   1.00 24.63 ? 21  ARG A CD  1 
ATOM   173  N  NE  . ARG A 1 21  ? 14.280  -5.862  0.325   1.00 28.84 ? 21  ARG A NE  1 
ATOM   174  C  CZ  . ARG A 1 21  ? 15.616  -6.029  0.191   1.00 29.55 ? 21  ARG A CZ  1 
ATOM   175  N  NH1 . ARG A 1 21  ? 16.218  -7.148  0.627   1.00 29.42 ? 21  ARG A NH1 1 
ATOM   176  N  NH2 . ARG A 1 21  ? 16.340  -5.074  -0.338  1.00 29.88 ? 21  ARG A NH2 1 
ATOM   177  N  N   . GLY A 1 22  ? 12.467  -5.643  6.251   1.00 8.80  ? 22  GLY A N   1 
ATOM   178  C  CA  . GLY A 1 22  ? 12.761  -4.799  7.413   1.00 8.13  ? 22  GLY A CA  1 
ATOM   179  C  C   . GLY A 1 22  ? 11.678  -3.875  7.892   1.00 9.29  ? 22  GLY A C   1 
ATOM   180  O  O   . GLY A 1 22  ? 11.950  -3.020  8.769   1.00 9.81  ? 22  GLY A O   1 
ATOM   181  N  N   . ILE A 1 23  ? 10.473  -4.014  7.346   1.00 7.80  ? 23  ILE A N   1 
ATOM   182  C  CA  . ILE A 1 23  ? 9.371   -3.077  7.717   1.00 7.51  ? 23  ILE A CA  1 
ATOM   183  C  C   . ILE A 1 23  ? 8.351   -3.756  8.633   1.00 7.66  ? 23  ILE A C   1 
ATOM   184  O  O   . ILE A 1 23  ? 7.722   -4.739  8.220   1.00 8.01  ? 23  ILE A O   1 
ATOM   185  C  CB  . ILE A 1 23  ? 8.663   -2.604  6.394   1.00 6.89  ? 23  ILE A CB  1 
ATOM   186  C  CG1 . ILE A 1 23  ? 9.706   -2.036  5.405   1.00 7.32  ? 23  ILE A CG1 1 
ATOM   187  C  CG2 . ILE A 1 23  ? 7.491   -1.669  6.744   1.00 9.15  ? 23  ILE A CG2 1 
ATOM   188  C  CD1 . ILE A 1 23  ? 9.088   -2.037  3.942   1.00 10.04 ? 23  ILE A CD1 1 
ATOM   189  N  N   . SER A 1 24  ? 8.234   -3.181  9.817   1.00 7.27  ? 24  SER A N   1 
ATOM   190  C  CA  . SER A 1 24  ? 7.308   -3.751  10.814  1.00 7.18  ? 24  SER A CA  1 
ATOM   191  C  C   . SER A 1 24  ? 5.852   -3.611  10.394  1.00 6.76  ? 24  SER A C   1 
ATOM   192  O  O   . SER A 1 24  ? 5.440   -2.704  9.633   1.00 6.96  ? 24  SER A O   1 
ATOM   193  C  CB  . SER A 1 24  ? 7.540   -3.073  12.199  1.00 7.26  ? 24  SER A CB  1 
ATOM   194  O  OG  . SER A 1 24  ? 7.016   -1.748  12.123  1.00 10.69 ? 24  SER A OG  1 
ATOM   195  N  N   . LEU A 1 25  ? 5.045   -4.509  10.953  1.00 7.11  ? 25  LEU A N   1 
ATOM   196  C  CA  . LEU A 1 25  ? 3.592   -4.444  10.648  1.00 8.20  ? 25  LEU A CA  1 
ATOM   197  C  C   . LEU A 1 25  ? 3.000   -3.077  10.962  1.00 8.26  ? 25  LEU A C   1 
ATOM   198  O  O   . LEU A 1 25  ? 2.168   -2.579  10.191  1.00 8.77  ? 25  LEU A O   1 
ATOM   199  C  CB  . LEU A 1 25  ? 2.934   -5.589  11.472  1.00 10.38 ? 25  LEU A CB  1 
ATOM   200  C  CG  . LEU A 1 25  ? 1.451   -5.749  11.229  1.00 14.03 ? 25  LEU A CG  1 
ATOM   201  C  CD1 . LEU A 1 25  ? 1.185   -6.204  9.811   1.00 15.38 ? 25  LEU A CD1 1 
ATOM   202  C  CD2 . LEU A 1 25  ? 0.964   -6.814  12.254  1.00 12.84 ? 25  LEU A CD2 1 
ATOM   203  N  N   . ALA A 1 26  ? 3.412   -2.462  12.083  1.00 7.26  ? 26  ALA A N   1 
ATOM   204  C  CA  . ALA A 1 26  ? 2.826   -1.137  12.409  1.00 7.55  ? 26  ALA A CA  1 
ATOM   205  C  C   . ALA A 1 26  ? 3.079   -0.093  11.338  1.00 7.94  ? 26  ALA A C   1 
ATOM   206  O  O   . ALA A 1 26  ? 2.265   0.838   11.135  1.00 8.46  ? 26  ALA A O   1 
ATOM   207  C  CB  . ALA A 1 26  ? 3.336   -0.667  13.787  1.00 9.02  ? 26  ALA A CB  1 
ATOM   208  N  N   . ASN A 1 27  ? 4.222   -0.167  10.694  1.00 7.31  ? 27  ASN A N   1 
ATOM   209  C  CA  . ASN A 1 27  ? 4.549   0.812   9.613   1.00 6.77  ? 27  ASN A CA  1 
ATOM   210  C  C   . ASN A 1 27  ? 3.610   0.571   8.430   1.00 7.57  ? 27  ASN A C   1 
ATOM   211  O  O   . ASN A 1 27  ? 3.147   1.551   7.829   1.00 7.46  ? 27  ASN A O   1 
ATOM   212  C  CB  . ASN A 1 27  ? 6.012   0.663   9.167   1.00 7.12  ? 27  ASN A CB  1 
ATOM   213  C  CG  . ASN A 1 27  ? 6.926   1.489   10.089  1.00 10.14 ? 27  ASN A CG  1 
ATOM   214  O  OD1 . ASN A 1 27  ? 6.898   2.710   9.983   1.00 10.34 ? 27  ASN A OD1 1 
ATOM   215  N  ND2 . ASN A 1 27  ? 7.679   0.833   10.968  1.00 11.51 ? 27  ASN A ND2 1 
ATOM   216  N  N   . TRP A 1 28  ? 3.349   -0.712  8.095   1.00 7.14  ? 28  TRP A N   1 
ATOM   217  C  CA  . TRP A 1 28  ? 2.390   -0.961  6.983   1.00 6.71  ? 28  TRP A CA  1 
ATOM   218  C  C   . TRP A 1 28  ? 0.999   -0.442  7.362   1.00 7.04  ? 28  TRP A C   1 
ATOM   219  O  O   . TRP A 1 28  ? 0.254   0.047   6.493   1.00 8.00  ? 28  TRP A O   1 
ATOM   220  C  CB  . TRP A 1 28  ? 2.290   -2.458  6.698   1.00 7.51  ? 28  TRP A CB  1 
ATOM   221  C  CG  . TRP A 1 28  ? 3.507   -3.069  6.085   1.00 7.81  ? 28  TRP A CG  1 
ATOM   222  C  CD1 . TRP A 1 28  ? 4.388   -3.965  6.668   1.00 9.54  ? 28  TRP A CD1 1 
ATOM   223  C  CD2 . TRP A 1 28  ? 3.990   -2.829  4.758   1.00 7.88  ? 28  TRP A CD2 1 
ATOM   224  N  NE1 . TRP A 1 28  ? 5.385   -4.337  5.774   1.00 8.35  ? 28  TRP A NE1 1 
ATOM   225  C  CE2 . TRP A 1 28  ? 5.153   -3.643  4.603   1.00 9.13  ? 28  TRP A CE2 1 
ATOM   226  C  CE3 . TRP A 1 28  ? 3.562   -2.021  3.730   1.00 9.19  ? 28  TRP A CE3 1 
ATOM   227  C  CZ2 . TRP A 1 28  ? 5.849   -3.657  3.415   1.00 9.91  ? 28  TRP A CZ2 1 
ATOM   228  C  CZ3 . TRP A 1 28  ? 4.271   -2.042  2.527   1.00 8.84  ? 28  TRP A CZ3 1 
ATOM   229  C  CH2 . TRP A 1 28  ? 5.407   -2.853  2.385   1.00 10.35 ? 28  TRP A CH2 1 
ATOM   230  N  N   . MET A 1 29  ? 0.626   -0.629  8.614   1.00 6.63  ? 29  MET A N   1 
ATOM   231  C  CA  . MET A 1 29  ? -0.698  -0.141  9.099   1.00 7.24  ? 29  MET A CA  1 
ATOM   232  C  C   . MET A 1 29  ? -0.780  1.392   8.997   1.00 7.47  ? 29  MET A C   1 
ATOM   233  O  O   . MET A 1 29  ? -1.753  1.984   8.495   1.00 8.99  ? 29  MET A O   1 
ATOM   234  C  CB  . MET A 1 29  ? -0.939  -0.599  10.551  1.00 7.57  ? 29  MET A CB  1 
ATOM   235  C  CG  . MET A 1 29  ? -1.214  -2.105  10.583  1.00 10.11 ? 29  MET A CG  1 
ATOM   236  S  SD  . MET A 1 29  ? -2.835  -2.525  9.813   1.00 11.30 ? 29  MET A SD  1 
ATOM   237  C  CE  . MET A 1 29  ? -3.996  -1.607  10.831  1.00 11.08 ? 29  MET A CE  1 
ATOM   238  N  N   . CYS A 1 30  ? 0.272   2.066   9.459   1.00 7.17  ? 30  CYS A N   1 
ATOM   239  C  CA  . CYS A 1 30  ? 0.316   3.533   9.383   1.00 6.67  ? 30  CYS A CA  1 
ATOM   240  C  C   . CYS A 1 30  ? 0.186   3.974   7.931   1.00 7.73  ? 30  CYS A C   1 
ATOM   241  O  O   . CYS A 1 30  ? -0.548  4.931   7.604   1.00 8.74  ? 30  CYS A O   1 
ATOM   242  C  CB  . CYS A 1 30  ? 1.652   3.971   9.993   1.00 7.98  ? 30  CYS A CB  1 
ATOM   243  S  SG  . CYS A 1 30  ? 1.757   5.815   10.093  1.00 9.15  ? 30  CYS A SG  1 
ATOM   244  N  N   . LEU A 1 31  ? 0.906   3.308   7.016   1.00 7.54  ? 31  LEU A N   1 
ATOM   245  C  CA  . LEU A 1 31  ? 0.829   3.658   5.593   1.00 7.78  ? 31  LEU A CA  1 
ATOM   246  C  C   . LEU A 1 31  ? -0.609  3.495   5.066   1.00 8.82  ? 31  LEU A C   1 
ATOM   247  O  O   . LEU A 1 31  ? -1.133  4.456   4.420   1.00 9.35  ? 31  LEU A O   1 
ATOM   248  C  CB  . LEU A 1 31  ? 1.797   2.692   4.867   1.00 10.47 ? 31  LEU A CB  1 
ATOM   249  C  CG  . LEU A 1 31  ? 1.792   2.869   3.338   1.00 10.69 ? 31  LEU A CG  1 
ATOM   250  C  CD1 . LEU A 1 31  ? 2.325   4.227   2.905   1.00 12.83 ? 31  LEU A CD1 1 
ATOM   251  C  CD2 . LEU A 1 31  ? 2.679   1.758   2.775   1.00 12.54 ? 31  LEU A CD2 1 
ATOM   252  N  N   . ALA A 1 32  ? -1.229  2.329   5.303   1.00 7.44  ? 32  ALA A N   1 
ATOM   253  C  CA  . ALA A 1 32  ? -2.603  2.110   4.772   1.00 7.65  ? 32  ALA A CA  1 
ATOM   254  C  C   . ALA A 1 32  ? -3.571  3.162   5.344   1.00 8.69  ? 32  ALA A C   1 
ATOM   255  O  O   . ALA A 1 32  ? -4.501  3.600   4.616   1.00 10.16 ? 32  ALA A O   1 
ATOM   256  C  CB  . ALA A 1 32  ? -3.049  0.691   5.087   1.00 8.10  ? 32  ALA A CB  1 
ATOM   257  N  N   . LYS A 1 33  ? -3.378  3.453   6.628   1.00 7.63  ? 33  LYS A N   1 
ATOM   258  C  CA  . LYS A 1 33  ? -4.283  4.438   7.233   1.00 8.42  ? 33  LYS A CA  1 
ATOM   259  C  C   . LYS A 1 33  ? -4.234  5.783   6.512   1.00 8.38  ? 33  LYS A C   1 
ATOM   260  O  O   . LYS A 1 33  ? -5.309  6.325   6.160   1.00 9.75  ? 33  LYS A O   1 
ATOM   261  C  CB  . LYS A 1 33  ? -3.936  4.649   8.708   1.00 9.63  ? 33  LYS A CB  1 
ATOM   262  C  CG  . LYS A 1 33  ? -5.039  5.410   9.466   1.00 14.68 ? 33  LYS A CG  1 
ATOM   263  C  CD  . LYS A 1 33  ? -4.784  6.898   9.460   1.00 18.77 ? 33  LYS A CD  1 
ATOM   264  C  CE  . LYS A 1 33  ? -5.890  7.614   10.259  1.00 20.55 ? 33  LYS A CE  1 
ATOM   265  N  NZ  . LYS A 1 33  ? -5.623  9.076   10.180  1.00 26.33 ? 33  LYS A NZ  1 
ATOM   266  N  N   . TRP A 1 34  ? -3.031  6.280   6.294   1.00 8.81  ? 34  TRP A N   1 
ATOM   267  C  CA  . TRP A 1 34  ? -2.902  7.632   5.670   1.00 9.43  ? 34  TRP A CA  1 
ATOM   268  C  C   . TRP A 1 34  ? -3.075  7.635   4.178   1.00 10.69 ? 34  TRP A C   1 
ATOM   269  O  O   . TRP A 1 34  ? -3.454  8.707   3.640   1.00 12.80 ? 34  TRP A O   1 
ATOM   270  C  CB  . TRP A 1 34  ? -1.562  8.297   6.117   1.00 10.57 ? 34  TRP A CB  1 
ATOM   271  C  CG  . TRP A 1 34  ? -1.602  8.572   7.593   1.00 11.25 ? 34  TRP A CG  1 
ATOM   272  C  CD1 . TRP A 1 34  ? -1.013  7.874   8.595   1.00 12.14 ? 34  TRP A CD1 1 
ATOM   273  C  CD2 . TRP A 1 34  ? -2.356  9.627   8.204   1.00 13.27 ? 34  TRP A CD2 1 
ATOM   274  N  NE1 . TRP A 1 34  ? -1.335  8.430   9.814   1.00 13.54 ? 34  TRP A NE1 1 
ATOM   275  C  CE2 . TRP A 1 34  ? -2.164  9.498   9.596   1.00 14.88 ? 34  TRP A CE2 1 
ATOM   276  C  CE3 . TRP A 1 34  ? -3.136  10.674  7.663   1.00 14.11 ? 34  TRP A CE3 1 
ATOM   277  C  CZ2 . TRP A 1 34  ? -2.742  10.399  10.501  1.00 15.81 ? 34  TRP A CZ2 1 
ATOM   278  C  CZ3 . TRP A 1 34  ? -3.679  11.557  8.572   1.00 15.21 ? 34  TRP A CZ3 1 
ATOM   279  C  CH2 . TRP A 1 34  ? -3.486  11.427  9.934   1.00 17.15 ? 34  TRP A CH2 1 
ATOM   280  N  N   . GLU A 1 35  ? -2.801  6.519   3.515   1.00 9.01  ? 35  GLU A N   1 
ATOM   281  C  CA  . GLU A 1 35  ? -3.010  6.497   2.088   1.00 9.03  ? 35  GLU A CA  1 
ATOM   282  C  C   . GLU A 1 35  ? -4.481  6.395   1.706   1.00 9.35  ? 35  GLU A C   1 
ATOM   283  O  O   . GLU A 1 35  ? -4.928  7.163   0.843   1.00 9.96  ? 35  GLU A O   1 
ATOM   284  C  CB  . GLU A 1 35  ? -2.241  5.344   1.422   1.00 8.91  ? 35  GLU A CB  1 
ATOM   285  C  CG  . GLU A 1 35  ? -0.733  5.608   1.380   1.00 9.71  ? 35  GLU A CG  1 
ATOM   286  C  CD  . GLU A 1 35  ? -0.313  6.718   0.467   1.00 11.66 ? 35  GLU A CD  1 
ATOM   287  O  OE1 . GLU A 1 35  ? -1.098  7.297   -0.258  1.00 12.86 ? 35  GLU A OE1 1 
ATOM   288  O  OE2 . GLU A 1 35  ? 0.917   6.957   0.586   1.00 14.93 ? 35  GLU A OE2 1 
ATOM   289  N  N   . SER A 1 36  ? -5.216  5.501   2.314   1.00 8.77  ? 36  SER A N   1 
ATOM   290  C  CA  . SER A 1 36  ? -6.618  5.264   1.915   1.00 8.86  ? 36  SER A CA  1 
ATOM   291  C  C   . SER A 1 36  ? -7.623  5.162   3.032   1.00 9.44  ? 36  SER A C   1 
ATOM   292  O  O   . SER A 1 36  ? -8.820  4.913   2.696   1.00 10.67 ? 36  SER A O   1 
ATOM   293  C  CB  . SER A 1 36  ? -6.633  3.877   1.192   1.00 9.82  ? 36  SER A CB  1 
ATOM   294  O  OG  . SER A 1 36  ? -6.360  2.842   2.107   1.00 10.05 ? 36  SER A OG  1 
ATOM   295  N  N   . GLY A 1 37  ? -7.252  5.313   4.278   1.00 9.80  ? 37  GLY A N   1 
ATOM   296  C  CA  . GLY A 1 37  ? -8.246  5.104   5.356   1.00 9.56  ? 37  GLY A CA  1 
ATOM   297  C  C   . GLY A 1 37  ? -8.657  3.631   5.329   1.00 9.07  ? 37  GLY A C   1 
ATOM   298  O  O   . GLY A 1 37  ? -9.813  3.328   5.671   1.00 10.91 ? 37  GLY A O   1 
ATOM   299  N  N   . TYR A 1 38  ? -7.759  2.727   4.956   1.00 8.95  ? 38  TYR A N   1 
ATOM   300  C  CA  . TYR A 1 38  ? -8.043  1.264   4.918   1.00 9.20  ? 38  TYR A CA  1 
ATOM   301  C  C   . TYR A 1 38  ? -9.121  0.886   3.902   1.00 9.62  ? 38  TYR A C   1 
ATOM   302  O  O   . TYR A 1 38  ? -9.839  -0.096  4.120   1.00 9.52  ? 38  TYR A O   1 
ATOM   303  C  CB  . TYR A 1 38  ? -8.453  0.743   6.310   1.00 9.35  ? 38  TYR A CB  1 
ATOM   304  C  CG  . TYR A 1 38  ? -7.595  1.127   7.493   1.00 9.06  ? 38  TYR A CG  1 
ATOM   305  C  CD1 . TYR A 1 38  ? -6.192  1.012   7.404   1.00 9.43  ? 38  TYR A CD1 1 
ATOM   306  C  CD2 . TYR A 1 38  ? -8.156  1.492   8.702   1.00 10.76 ? 38  TYR A CD2 1 
ATOM   307  C  CE1 . TYR A 1 38  ? -5.387  1.311   8.517   1.00 10.84 ? 38  TYR A CE1 1 
ATOM   308  C  CE2 . TYR A 1 38  ? -7.357  1.815   9.806   1.00 11.00 ? 38  TYR A CE2 1 
ATOM   309  C  CZ  . TYR A 1 38  ? -5.968  1.721   9.703   1.00 11.37 ? 38  TYR A CZ  1 
ATOM   310  O  OH  . TYR A 1 38  ? -5.172  2.019   10.791  1.00 12.34 ? 38  TYR A OH  1 
ATOM   311  N  N   . ASN A 1 39  ? -9.236  1.653   2.824   1.00 8.68  ? 39  ASN A N   1 
ATOM   312  C  CA  . ASN A 1 39  ? -10.260 1.434   1.790   1.00 9.18  ? 39  ASN A CA  1 
ATOM   313  C  C   . ASN A 1 39  ? -9.655  0.826   0.516   1.00 9.09  ? 39  ASN A C   1 
ATOM   314  O  O   . ASN A 1 39  ? -8.843  1.486   -0.159  1.00 9.09  ? 39  ASN A O   1 
ATOM   315  C  CB  . ASN A 1 39  ? -10.911 2.828   1.526   1.00 10.09 ? 39  ASN A CB  1 
ATOM   316  C  CG  . ASN A 1 39  ? -12.063 2.710   0.525   1.00 11.19 ? 39  ASN A CG  1 
ATOM   317  O  OD1 . ASN A 1 39  ? -12.511 1.637   0.132   1.00 11.34 ? 39  ASN A OD1 1 
ATOM   318  N  ND2 . ASN A 1 39  ? -12.603 3.883   0.185   1.00 11.50 ? 39  ASN A ND2 1 
ATOM   319  N  N   . THR A 1 40  ? -10.084 -0.374  0.152   1.00 8.26  ? 40  THR A N   1 
ATOM   320  C  CA  . THR A 1 40  ? -9.516  -0.998  -1.054  1.00 8.88  ? 40  THR A CA  1 
ATOM   321  C  C   . THR A 1 40  ? -10.002 -0.372  -2.356  1.00 9.60  ? 40  THR A C   1 
ATOM   322  O  O   . THR A 1 40  ? -9.317  -0.616  -3.370  1.00 11.49 ? 40  THR A O   1 
ATOM   323  C  CB  . THR A 1 40  ? -9.808  -2.566  -1.044  1.00 8.78  ? 40  THR A CB  1 
ATOM   324  O  OG1 . THR A 1 40  ? -11.263 -2.691  -1.148  1.00 9.03  ? 40  THR A OG1 1 
ATOM   325  C  CG2 . THR A 1 40  ? -9.333  -3.260  0.228   1.00 9.86  ? 40  THR A CG2 1 
ATOM   326  N  N   . ARG A 1 41  ? -11.097 0.334   -2.326  1.00 9.61  ? 41  ARG A N   1 
ATOM   327  C  CA  . ARG A 1 41  ? -11.592 0.845   -3.650  1.00 13.22 ? 41  ARG A CA  1 
ATOM   328  C  C   . ARG A 1 41  ? -11.115 2.259   -3.931  1.00 12.98 ? 41  ARG A C   1 
ATOM   329  O  O   . ARG A 1 41  ? -11.482 2.821   -4.983  1.00 15.00 ? 41  ARG A O   1 
ATOM   330  C  CB  . ARG A 1 41  ? -13.128 0.661   -3.747  1.00 17.38 ? 41  ARG A CB  1 
ATOM   331  C  CG  . ARG A 1 41  ? -13.943 1.763   -3.122  1.00 21.69 ? 41  ARG A CG  1 
ATOM   332  C  CD  . ARG A 1 41  ? -15.430 1.586   -3.239  1.00 27.03 ? 41  ARG A CD  1 
ATOM   333  N  NE  . ARG A 1 41  ? -15.896 1.278   -4.572  1.00 29.47 ? 41  ARG A NE  1 
ATOM   334  C  CZ  . ARG A 1 41  ? -16.159 2.084   -5.594  1.00 30.34 ? 41  ARG A CZ  1 
ATOM   335  N  NH1 . ARG A 1 41  ? -16.058 3.412   -5.539  1.00 30.63 ? 41  ARG A NH1 1 
ATOM   336  N  NH2 . ARG A 1 41  ? -16.505 1.537   -6.776  1.00 30.67 ? 41  ARG A NH2 1 
ATOM   337  N  N   . ALA A 1 42  ? -10.312 2.828   -3.053  1.00 12.42 ? 42  ALA A N   1 
ATOM   338  C  CA  . ALA A 1 42  ? -9.830  4.193   -3.225  1.00 12.89 ? 42  ALA A CA  1 
ATOM   339  C  C   . ALA A 1 42  ? -8.969  4.334   -4.493  1.00 12.39 ? 42  ALA A C   1 
ATOM   340  O  O   . ALA A 1 42  ? -8.085  3.539   -4.770  1.00 11.11 ? 42  ALA A O   1 
ATOM   341  C  CB  . ALA A 1 42  ? -8.976  4.594   -2.009  1.00 12.72 ? 42  ALA A CB  1 
ATOM   342  N  N   . THR A 1 43  ? -9.201  5.469   -5.153  1.00 12.76 ? 43  THR A N   1 
ATOM   343  C  CA  . THR A 1 43  ? -8.421  5.841   -6.338  1.00 13.52 ? 43  THR A CA  1 
ATOM   344  C  C   . THR A 1 43  ? -8.166  7.358   -6.262  1.00 15.21 ? 43  THR A C   1 
ATOM   345  O  O   . THR A 1 43  ? -9.009  8.127   -5.758  1.00 16.67 ? 43  THR A O   1 
ATOM   346  C  CB  . THR A 1 43  ? -9.064  5.496   -7.725  1.00 16.42 ? 43  THR A CB  1 
ATOM   347  O  OG1 . THR A 1 43  ? -10.326 6.292   -7.760  1.00 19.77 ? 43  THR A OG1 1 
ATOM   348  C  CG2 . THR A 1 43  ? -9.357  4.022   -7.984  1.00 16.77 ? 43  THR A CG2 1 
ATOM   349  N  N   . ASN A 1 44  ? -6.995  7.759   -6.740  1.00 13.33 ? 44  ASN A N   1 
ATOM   350  C  CA  . ASN A 1 44  ? -6.624  9.182   -6.757  1.00 14.31 ? 44  ASN A CA  1 
ATOM   351  C  C   . ASN A 1 44  ? -5.941  9.464   -8.098  1.00 12.60 ? 44  ASN A C   1 
ATOM   352  O  O   . ASN A 1 44  ? -4.884  8.915   -8.331  1.00 12.20 ? 44  ASN A O   1 
ATOM   353  C  CB  . ASN A 1 44  ? -5.698  9.531   -5.574  1.00 16.66 ? 44  ASN A CB  1 
ATOM   354  C  CG  . ASN A 1 44  ? -5.093  10.926  -5.773  1.00 20.88 ? 44  ASN A CG  1 
ATOM   355  O  OD1 . ASN A 1 44  ? -5.915  11.846  -5.740  1.00 23.53 ? 44  ASN A OD1 1 
ATOM   356  N  ND2 . ASN A 1 44  ? -3.798  11.099  -6.006  1.00 22.51 ? 44  ASN A ND2 1 
ATOM   357  N  N   . TYR A 1 45  ? -6.557  10.297  -8.919  1.00 12.57 ? 45  TYR A N   1 
ATOM   358  C  CA  . TYR A 1 45  ? -5.957  10.675  -10.211 1.00 12.46 ? 45  TYR A CA  1 
ATOM   359  C  C   . TYR A 1 45  ? -5.026  11.868  -9.955  1.00 13.30 ? 45  TYR A C   1 
ATOM   360  O  O   . TYR A 1 45  ? -5.416  12.812  -9.272  1.00 15.07 ? 45  TYR A O   1 
ATOM   361  C  CB  . TYR A 1 45  ? -7.100  11.064  -11.177 1.00 13.11 ? 45  TYR A CB  1 
ATOM   362  C  CG  . TYR A 1 45  ? -6.600  11.592  -12.498 1.00 13.47 ? 45  TYR A CG  1 
ATOM   363  C  CD1 . TYR A 1 45  ? -5.760  10.782  -13.265 1.00 14.30 ? 45  TYR A CD1 1 
ATOM   364  C  CD2 . TYR A 1 45  ? -6.905  12.883  -12.949 1.00 15.14 ? 45  TYR A CD2 1 
ATOM   365  C  CE1 . TYR A 1 45  ? -5.276  11.233  -14.495 1.00 14.94 ? 45  TYR A CE1 1 
ATOM   366  C  CE2 . TYR A 1 45  ? -6.426  13.366  -14.179 1.00 15.03 ? 45  TYR A CE2 1 
ATOM   367  C  CZ  . TYR A 1 45  ? -5.619  12.499  -14.934 1.00 15.30 ? 45  TYR A CZ  1 
ATOM   368  O  OH  . TYR A 1 45  ? -5.060  12.883  -16.136 1.00 17.76 ? 45  TYR A OH  1 
ATOM   369  N  N   . ASN A 1 46  ? -3.804  11.834  -10.469 1.00 12.60 ? 46  ASN A N   1 
ATOM   370  C  CA  . ASN A 1 46  ? -2.792  12.900  -10.339 1.00 13.11 ? 46  ASN A CA  1 
ATOM   371  C  C   . ASN A 1 46  ? -2.856  13.642  -11.686 1.00 14.17 ? 46  ASN A C   1 
ATOM   372  O  O   . ASN A 1 46  ? -2.194  13.206  -12.673 1.00 13.61 ? 46  ASN A O   1 
ATOM   373  C  CB  . ASN A 1 46  ? -1.404  12.318  -10.102 1.00 14.56 ? 46  ASN A CB  1 
ATOM   374  C  CG  . ASN A 1 46  ? -1.434  11.478  -8.834  1.00 17.65 ? 46  ASN A CG  1 
ATOM   375  O  OD1 . ASN A 1 46  ? -1.702  12.051  -7.737  1.00 20.69 ? 46  ASN A OD1 1 
ATOM   376  N  ND2 . ASN A 1 46  ? -1.271  10.182  -8.953  1.00 17.61 ? 46  ASN A ND2 1 
ATOM   377  N  N   . ALA A 1 47  ? -3.678  14.676  -11.717 1.00 13.75 ? 47  ALA A N   1 
ATOM   378  C  CA  . ALA A 1 47  ? -3.824  15.431  -12.982 1.00 14.78 ? 47  ALA A CA  1 
ATOM   379  C  C   . ALA A 1 47  ? -2.502  15.986  -13.508 1.00 14.59 ? 47  ALA A C   1 
ATOM   380  O  O   . ALA A 1 47  ? -2.340  16.100  -14.736 1.00 15.41 ? 47  ALA A O   1 
ATOM   381  C  CB  . ALA A 1 47  ? -4.807  16.597  -12.783 1.00 15.35 ? 47  ALA A CB  1 
ATOM   382  N  N   . GLY A 1 48  ? -1.603  16.358  -12.628 1.00 14.59 ? 48  GLY A N   1 
ATOM   383  C  CA  . GLY A 1 48  ? -0.305  16.906  -13.022 1.00 15.40 ? 48  GLY A CA  1 
ATOM   384  C  C   . GLY A 1 48  ? 0.534   15.961  -13.866 1.00 14.59 ? 48  GLY A C   1 
ATOM   385  O  O   . GLY A 1 48  ? 1.303   16.468  -14.714 1.00 15.21 ? 48  GLY A O   1 
ATOM   386  N  N   . ASP A 1 49  ? 0.445   14.650  -13.683 1.00 12.80 ? 49  ASP A N   1 
ATOM   387  C  CA  . ASP A 1 49  ? 1.303   13.751  -14.488 1.00 12.65 ? 49  ASP A CA  1 
ATOM   388  C  C   . ASP A 1 49  ? 0.529   12.618  -15.169 1.00 10.57 ? 49  ASP A C   1 
ATOM   389  O  O   . ASP A 1 49  ? 1.170   11.773  -15.766 1.00 11.43 ? 49  ASP A O   1 
ATOM   390  C  CB  . ASP A 1 49  ? 2.512   13.248  -13.693 1.00 13.37 ? 49  ASP A CB  1 
ATOM   391  C  CG  . ASP A 1 49  ? 2.176   12.020  -12.866 1.00 17.26 ? 49  ASP A CG  1 
ATOM   392  O  OD1 . ASP A 1 49  ? 1.042   11.826  -12.495 1.00 16.81 ? 49  ASP A OD1 1 
ATOM   393  O  OD2 . ASP A 1 49  ? 3.021   11.136  -12.613 1.00 23.44 ? 49  ASP A OD2 1 
ATOM   394  N  N   . ARG A 1 50  ? -0.774  12.634  -15.111 1.00 10.71 ? 50  ARG A N   1 
ATOM   395  C  CA  . ARG A 1 50  ? -1.641  11.658  -15.763 1.00 11.76 ? 50  ARG A CA  1 
ATOM   396  C  C   . ARG A 1 50  ? -1.582  10.227  -15.215 1.00 11.90 ? 50  ARG A C   1 
ATOM   397  O  O   . ARG A 1 50  ? -2.133  9.304   -15.867 1.00 14.47 ? 50  ARG A O   1 
ATOM   398  C  CB  . ARG A 1 50  ? -1.476  11.691  -17.278 1.00 13.85 ? 50  ARG A CB  1 
ATOM   399  C  CG  . ARG A 1 50  ? -1.727  13.132  -17.824 1.00 16.82 ? 50  ARG A CG  1 
ATOM   400  C  CD  . ARG A 1 50  ? -1.610  13.106  -19.305 1.00 22.58 ? 50  ARG A CD  1 
ATOM   401  N  NE  . ARG A 1 50  ? -2.031  14.311  -19.952 1.00 26.60 ? 50  ARG A NE  1 
ATOM   402  C  CZ  . ARG A 1 50  ? -3.095  15.084  -20.057 1.00 28.59 ? 50  ARG A CZ  1 
ATOM   403  N  NH1 . ARG A 1 50  ? -4.268  14.954  -19.417 1.00 28.68 ? 50  ARG A NH1 1 
ATOM   404  N  NH2 . ARG A 1 50  ? -3.028  16.043  -21.014 1.00 27.60 ? 50  ARG A NH2 1 
ATOM   405  N  N   . SER A 1 51  ? -1.051  10.090  -14.011 1.00 10.43 ? 51  SER A N   1 
ATOM   406  C  CA  . SER A 1 51  ? -1.044  8.722   -13.398 1.00 10.30 ? 51  SER A CA  1 
ATOM   407  C  C   . SER A 1 51  ? -2.190  8.674   -12.377 1.00 10.46 ? 51  SER A C   1 
ATOM   408  O  O   . SER A 1 51  ? -2.763  9.694   -11.931 1.00 9.67  ? 51  SER A O   1 
ATOM   409  C  CB  . SER A 1 51  ? 0.270   8.497   -12.673 1.00 11.49 ? 51  SER A CB  1 
ATOM   410  O  OG  . SER A 1 51  ? 0.468   9.381   -11.563 1.00 10.69 ? 51  SER A OG  1 
ATOM   411  N  N   . THR A 1 52  ? -2.444  7.430   -11.936 1.00 8.91  ? 52  THR A N   1 
ATOM   412  C  CA  . THR A 1 52  ? -3.479  7.182   -10.913 1.00 8.52  ? 52  THR A CA  1 
ATOM   413  C  C   . THR A 1 52  ? -2.919  6.260   -9.812  1.00 7.19  ? 52  THR A C   1 
ATOM   414  O  O   . THR A 1 52  ? -2.084  5.390   -10.096 1.00 8.53  ? 52  THR A O   1 
ATOM   415  C  CB  . THR A 1 52  ? -4.731  6.492   -11.573 1.00 10.18 ? 52  THR A CB  1 
ATOM   416  O  OG1 . THR A 1 52  ? -5.235  7.399   -12.606 1.00 10.65 ? 52  THR A OG1 1 
ATOM   417  C  CG2 . THR A 1 52  ? -5.880  6.245   -10.572 1.00 10.10 ? 52  THR A CG2 1 
ATOM   418  N  N   . ASP A 1 53  ? -3.353  6.570   -8.589  1.00 8.14  ? 53  ASP A N   1 
ATOM   419  C  CA  . ASP A 1 53  ? -2.960  5.762   -7.390  1.00 7.72  ? 53  ASP A CA  1 
ATOM   420  C  C   . ASP A 1 53  ? -4.157  4.820   -7.107  1.00 7.80  ? 53  ASP A C   1 
ATOM   421  O  O   . ASP A 1 53  ? -5.317  5.292   -7.089  1.00 8.87  ? 53  ASP A O   1 
ATOM   422  C  CB  . ASP A 1 53  ? -2.671  6.603   -6.150  1.00 10.33 ? 53  ASP A CB  1 
ATOM   423  C  CG  . ASP A 1 53  ? -1.597  7.683   -6.433  1.00 11.50 ? 53  ASP A CG  1 
ATOM   424  O  OD1 . ASP A 1 53  ? -0.613  7.342   -7.061  1.00 13.80 ? 53  ASP A OD1 1 
ATOM   425  O  OD2 . ASP A 1 53  ? -1.835  8.801   -5.954  1.00 15.24 ? 53  ASP A OD2 1 
ATOM   426  N  N   . TYR A 1 54  ? -3.855  3.544   -6.884  1.00 6.76  ? 54  TYR A N   1 
ATOM   427  C  CA  . TYR A 1 54  ? -4.904  2.575   -6.686  1.00 6.89  ? 54  TYR A CA  1 
ATOM   428  C  C   . TYR A 1 54  ? -4.901  1.774   -5.405  1.00 8.17  ? 54  TYR A C   1 
ATOM   429  O  O   . TYR A 1 54  ? -3.841  1.216   -5.052  1.00 8.74  ? 54  TYR A O   1 
ATOM   430  C  CB  . TYR A 1 54  ? -4.823  1.498   -7.817  1.00 6.67  ? 54  TYR A CB  1 
ATOM   431  C  CG  . TYR A 1 54  ? -5.131  2.046   -9.214  1.00 7.52  ? 54  TYR A CG  1 
ATOM   432  C  CD1 . TYR A 1 54  ? -4.116  2.606   -10.003 1.00 8.48  ? 54  TYR A CD1 1 
ATOM   433  C  CD2 . TYR A 1 54  ? -6.458  1.982   -9.721  1.00 7.94  ? 54  TYR A CD2 1 
ATOM   434  C  CE1 . TYR A 1 54  ? -4.417  3.066   -11.309 1.00 8.25  ? 54  TYR A CE1 1 
ATOM   435  C  CE2 . TYR A 1 54  ? -6.749  2.455   -11.008 1.00 8.88  ? 54  TYR A CE2 1 
ATOM   436  C  CZ  . TYR A 1 54  ? -5.727  3.002   -11.766 1.00 9.19  ? 54  TYR A CZ  1 
ATOM   437  O  OH  . TYR A 1 54  ? -5.993  3.465   -13.056 1.00 10.07 ? 54  TYR A OH  1 
ATOM   438  N  N   . GLY A 1 55  ? -6.098  1.674   -4.811  1.00 8.13  ? 55  GLY A N   1 
ATOM   439  C  CA  . GLY A 1 55  ? -6.271  0.743   -3.689  1.00 8.47  ? 55  GLY A CA  1 
ATOM   440  C  C   . GLY A 1 55  ? -5.832  1.149   -2.324  1.00 7.46  ? 55  GLY A C   1 
ATOM   441  O  O   . GLY A 1 55  ? -5.503  2.316   -2.036  1.00 7.50  ? 55  GLY A O   1 
ATOM   442  N  N   . ILE A 1 56  ? -5.801  0.125   -1.452  1.00 7.31  ? 56  ILE A N   1 
ATOM   443  C  CA  . ILE A 1 56  ? -5.494  0.374   -0.018  1.00 7.59  ? 56  ILE A CA  1 
ATOM   444  C  C   . ILE A 1 56  ? -4.129  1.002   0.246   1.00 7.67  ? 56  ILE A C   1 
ATOM   445  O  O   . ILE A 1 56  ? -4.018  1.759   1.233   1.00 8.70  ? 56  ILE A O   1 
ATOM   446  C  CB  . ILE A 1 56  ? -5.748  -0.974  0.748   1.00 8.18  ? 56  ILE A CB  1 
ATOM   447  C  CG1 . ILE A 1 56  ? -5.939  -0.641  2.256   1.00 10.88 ? 56  ILE A CG1 1 
ATOM   448  C  CG2 . ILE A 1 56  ? -4.678  -2.036  0.497   1.00 7.18  ? 56  ILE A CG2 1 
ATOM   449  C  CD1 . ILE A 1 56  ? -6.623  -1.839  2.993   1.00 14.49 ? 56  ILE A CD1 1 
ATOM   450  N  N   . PHE A 1 57  ? -3.186  0.707   -0.645  1.00 6.78  ? 57  PHE A N   1 
ATOM   451  C  CA  . PHE A 1 57  ? -1.830  1.281   -0.455  1.00 8.27  ? 57  PHE A CA  1 
ATOM   452  C  C   . PHE A 1 57  ? -1.593  2.418   -1.455  1.00 9.08  ? 57  PHE A C   1 
ATOM   453  O  O   . PHE A 1 57  ? -0.462  2.948   -1.467  1.00 9.94  ? 57  PHE A O   1 
ATOM   454  C  CB  . PHE A 1 57  ? -0.731  0.226   -0.623  1.00 9.65  ? 57  PHE A CB  1 
ATOM   455  C  CG  . PHE A 1 57  ? -0.766  -0.840  0.460   1.00 10.95 ? 57  PHE A CG  1 
ATOM   456  C  CD1 . PHE A 1 57  ? -0.598  -0.530  1.789   1.00 11.34 ? 57  PHE A CD1 1 
ATOM   457  C  CD2 . PHE A 1 57  ? -0.931  -2.173  0.033   1.00 12.83 ? 57  PHE A CD2 1 
ATOM   458  C  CE1 . PHE A 1 57  ? -0.644  -1.555  2.739   1.00 13.99 ? 57  PHE A CE1 1 
ATOM   459  C  CE2 . PHE A 1 57  ? -0.961  -3.196  0.963   1.00 13.74 ? 57  PHE A CE2 1 
ATOM   460  C  CZ  . PHE A 1 57  ? -0.813  -2.873  2.334   1.00 13.12 ? 57  PHE A CZ  1 
ATOM   461  N  N   . GLN A 1 58  ? -2.581  2.773   -2.268  1.00 8.55  ? 58  GLN A N   1 
ATOM   462  C  CA  . GLN A 1 58  ? -2.401  3.884   -3.230  1.00 8.89  ? 58  GLN A CA  1 
ATOM   463  C  C   . GLN A 1 58  ? -1.139  3.716   -4.080  1.00 9.50  ? 58  GLN A C   1 
ATOM   464  O  O   . GLN A 1 58  ? -0.290  4.631   -4.202  1.00 10.62 ? 58  GLN A O   1 
ATOM   465  C  CB  . GLN A 1 58  ? -2.437  5.248   -2.513  1.00 9.24  ? 58  GLN A CB  1 
ATOM   466  C  CG  . GLN A 1 58  ? -3.820  5.564   -1.967  1.00 10.41 ? 58  GLN A CG  1 
ATOM   467  C  CD  . GLN A 1 58  ? -4.828  5.837   -3.067  1.00 10.98 ? 58  GLN A CD  1 
ATOM   468  O  OE1 . GLN A 1 58  ? -4.876  6.989   -3.541  1.00 11.11 ? 58  GLN A OE1 1 
ATOM   469  N  NE2 . GLN A 1 58  ? -5.607  4.855   -3.485  1.00 10.59 ? 58  GLN A NE2 1 
ATOM   470  N  N   . ILE A 1 59  ? -1.056  2.584   -4.731  1.00 8.36  ? 59  ILE A N   1 
ATOM   471  C  CA  . ILE A 1 59  ? 0.092   2.238   -5.608  1.00 9.56  ? 59  ILE A CA  1 
ATOM   472  C  C   . ILE A 1 59  ? -0.102  2.924   -6.966  1.00 8.95  ? 59  ILE A C   1 
ATOM   473  O  O   . ILE A 1 59  ? -1.189  2.841   -7.567  1.00 9.09  ? 59  ILE A O   1 
ATOM   474  C  CB  . ILE A 1 59  ? 0.211   0.682   -5.696  1.00 10.27 ? 59  ILE A CB  1 
ATOM   475  C  CG1 . ILE A 1 59  ? 0.747   0.187   -4.314  1.00 11.16 ? 59  ILE A CG1 1 
ATOM   476  C  CG2 . ILE A 1 59  ? 1.164   0.266   -6.845  1.00 10.53 ? 59  ILE A CG2 1 
ATOM   477  C  CD1 . ILE A 1 59  ? 0.688   -1.346  -4.081  1.00 13.78 ? 59  ILE A CD1 1 
ATOM   478  N  N   . ASN A 1 60  ? 0.959   3.557   -7.429  1.00 8.05  ? 60  ASN A N   1 
ATOM   479  C  CA  . ASN A 1 60  ? 0.910   4.347   -8.648  1.00 9.11  ? 60  ASN A CA  1 
ATOM   480  C  C   . ASN A 1 60  ? 1.149   3.593   -9.943  1.00 8.20  ? 60  ASN A C   1 
ATOM   481  O  O   . ASN A 1 60  ? 2.048   2.770   -10.097 1.00 9.71  ? 60  ASN A O   1 
ATOM   482  C  CB  . ASN A 1 60  ? 1.949   5.487   -8.456  1.00 9.80  ? 60  ASN A CB  1 
ATOM   483  C  CG  . ASN A 1 60  ? 1.847   6.555   -9.541  1.00 11.33 ? 60  ASN A CG  1 
ATOM   484  O  OD1 . ASN A 1 60  ? 2.574   6.454   -10.539 1.00 13.52 ? 60  ASN A OD1 1 
ATOM   485  N  ND2 . ASN A 1 60  ? 0.942   7.507   -9.381  1.00 11.16 ? 60  ASN A ND2 1 
ATOM   486  N  N   . SER A 1 61  ? 0.301   3.975   -10.905 1.00 8.48  ? 61  SER A N   1 
ATOM   487  C  CA  . SER A 1 61  ? 0.305   3.385   -12.250 1.00 9.93  ? 61  SER A CA  1 
ATOM   488  C  C   . SER A 1 61  ? 1.527   3.701   -13.105 1.00 10.18 ? 61  SER A C   1 
ATOM   489  O  O   . SER A 1 61  ? 1.695   2.987   -14.112 1.00 11.05 ? 61  SER A O   1 
ATOM   490  C  CB  . SER A 1 61  ? -0.984  3.787   -13.028 1.00 8.74  ? 61  SER A CB  1 
ATOM   491  O  OG  . SER A 1 61  ? -0.926  5.167   -13.290 1.00 10.79 ? 61  SER A OG  1 
ATOM   492  N  N   . ARG A 1 62  ? 2.333   4.689   -12.735 1.00 10.42 ? 62  ARG A N   1 
ATOM   493  C  CA  . ARG A 1 62  ? 3.494   4.963   -13.610 1.00 11.73 ? 62  ARG A CA  1 
ATOM   494  C  C   . ARG A 1 62  ? 4.503   3.846   -13.530 1.00 11.87 ? 62  ARG A C   1 
ATOM   495  O  O   . ARG A 1 62  ? 5.260   3.571   -14.494 1.00 13.05 ? 62  ARG A O   1 
ATOM   496  C  CB  . ARG A 1 62  ? 4.107   6.334   -13.274 1.00 14.76 ? 62  ARG A CB  1 
ATOM   497  C  CG  . ARG A 1 62  ? 5.321   6.621   -14.218 1.00 18.27 ? 62  ARG A CG  1 
ATOM   498  C  CD  . ARG A 1 62  ? 5.618   8.101   -14.172 1.00 21.00 ? 62  ARG A CD  1 
ATOM   499  N  NE  . ARG A 1 62  ? 4.467   8.895   -14.674 1.00 23.58 ? 62  ARG A NE  1 
ATOM   500  C  CZ  . ARG A 1 62  ? 4.171   8.875   -15.975 1.00 24.23 ? 62  ARG A CZ  1 
ATOM   501  N  NH1 . ARG A 1 62  ? 5.005   8.250   -16.814 1.00 26.39 ? 62  ARG A NH1 1 
ATOM   502  N  NH2 . ARG A 1 62  ? 3.017   9.375   -16.439 1.00 24.80 ? 62  ARG A NH2 1 
ATOM   503  N  N   . TYR A 1 63  ? 4.569   3.130   -12.412 1.00 11.21 ? 63  TYR A N   1 
ATOM   504  C  CA  . TYR A 1 63  ? 5.567   2.089   -12.286 1.00 12.16 ? 63  TYR A CA  1 
ATOM   505  C  C   . TYR A 1 63  ? 5.141   0.696   -11.946 1.00 11.82 ? 63  TYR A C   1 
ATOM   506  O  O   . TYR A 1 63  ? 5.823   -0.288  -12.252 1.00 12.37 ? 63  TYR A O   1 
ATOM   507  C  CB  . TYR A 1 63  ? 6.503   2.505   -11.043 1.00 17.32 ? 63  TYR A CB  1 
ATOM   508  C  CG  . TYR A 1 63  ? 7.105   3.890   -11.226 1.00 20.65 ? 63  TYR A CG  1 
ATOM   509  C  CD1 . TYR A 1 63  ? 8.167   4.053   -12.093 1.00 24.02 ? 63  TYR A CD1 1 
ATOM   510  C  CD2 . TYR A 1 63  ? 6.574   5.007   -10.592 1.00 23.04 ? 63  TYR A CD2 1 
ATOM   511  C  CE1 . TYR A 1 63  ? 8.720   5.323   -12.310 1.00 25.37 ? 63  TYR A CE1 1 
ATOM   512  C  CE2 . TYR A 1 63  ? 7.092   6.293   -10.804 1.00 25.29 ? 63  TYR A CE2 1 
ATOM   513  C  CZ  . TYR A 1 63  ? 8.166   6.409   -11.666 1.00 26.00 ? 63  TYR A CZ  1 
ATOM   514  O  OH  . TYR A 1 63  ? 8.746   7.632   -11.916 1.00 30.21 ? 63  TYR A OH  1 
ATOM   515  N  N   . TRP A 1 64  ? 3.986   0.605   -11.244 1.00 10.42 ? 64  TRP A N   1 
ATOM   516  C  CA  . TRP A 1 64  ? 3.623   -0.693  -10.655 1.00 9.72  ? 64  TRP A CA  1 
ATOM   517  C  C   . TRP A 1 64  ? 2.514   -1.506  -11.220 1.00 9.67  ? 64  TRP A C   1 
ATOM   518  O  O   . TRP A 1 64  ? 2.537   -2.741  -10.997 1.00 10.44 ? 64  TRP A O   1 
ATOM   519  C  CB  . TRP A 1 64  ? 3.384   -0.435  -9.131  1.00 8.36  ? 64  TRP A CB  1 
ATOM   520  C  CG  . TRP A 1 64  ? 4.512   0.310   -8.462  1.00 9.14  ? 64  TRP A CG  1 
ATOM   521  C  CD1 . TRP A 1 64  ? 4.494   1.579   -7.990  1.00 9.73  ? 64  TRP A CD1 1 
ATOM   522  C  CD2 . TRP A 1 64  ? 5.860   -0.179  -8.254  1.00 9.59  ? 64  TRP A CD2 1 
ATOM   523  N  NE1 . TRP A 1 64  ? 5.735   1.956   -7.529  1.00 11.06 ? 64  TRP A NE1 1 
ATOM   524  C  CE2 . TRP A 1 64  ? 6.567   0.874   -7.654  1.00 10.44 ? 64  TRP A CE2 1 
ATOM   525  C  CE3 . TRP A 1 64  ? 6.483   -1.400  -8.478  1.00 10.97 ? 64  TRP A CE3 1 
ATOM   526  C  CZ2 . TRP A 1 64  ? 7.934   0.755   -7.279  1.00 12.36 ? 64  TRP A CZ2 1 
ATOM   527  C  CZ3 . TRP A 1 64  ? 7.833   -1.513  -8.093  1.00 11.41 ? 64  TRP A CZ3 1 
ATOM   528  C  CH2 . TRP A 1 64  ? 8.553   -0.465  -7.511  1.00 10.25 ? 64  TRP A CH2 1 
ATOM   529  N  N   . CYS A 1 65  ? 1.528   -0.898  -11.863 1.00 9.52  ? 65  CYS A N   1 
ATOM   530  C  CA  . CYS A 1 65  ? 0.437   -1.739  -12.433 1.00 8.65  ? 65  CYS A CA  1 
ATOM   531  C  C   . CYS A 1 65  ? 0.086   -1.111  -13.786 1.00 9.50  ? 65  CYS A C   1 
ATOM   532  O  O   . CYS A 1 65  ? 0.470   0.041   -13.965 1.00 10.15 ? 65  CYS A O   1 
ATOM   533  C  CB  . CYS A 1 65  ? -0.790  -1.765  -11.535 1.00 8.89  ? 65  CYS A CB  1 
ATOM   534  S  SG  . CYS A 1 65  ? -1.534  -0.171  -11.126 1.00 9.16  ? 65  CYS A SG  1 
ATOM   535  N  N   . ASN A 1 66  ? -0.615  -1.868  -14.608 1.00 8.78  ? 66  ASN A N   1 
ATOM   536  C  CA  . ASN A 1 66  ? -0.974  -1.283  -15.940 1.00 8.77  ? 66  ASN A CA  1 
ATOM   537  C  C   . ASN A 1 66  ? -2.443  -0.852  -15.966 1.00 7.52  ? 66  ASN A C   1 
ATOM   538  O  O   . ASN A 1 66  ? -3.318  -1.663  -15.679 1.00 7.72  ? 66  ASN A O   1 
ATOM   539  C  CB  . ASN A 1 66  ? -0.715  -2.306  -17.049 1.00 9.01  ? 66  ASN A CB  1 
ATOM   540  C  CG  . ASN A 1 66  ? -1.009  -1.672  -18.411 1.00 9.67  ? 66  ASN A CG  1 
ATOM   541  O  OD1 . ASN A 1 66  ? -0.628  -0.536  -18.716 1.00 11.91 ? 66  ASN A OD1 1 
ATOM   542  N  ND2 . ASN A 1 66  ? -1.745  -2.485  -19.177 1.00 11.84 ? 66  ASN A ND2 1 
ATOM   543  N  N   . ASP A 1 67  ? -2.639  0.414   -16.346 1.00 7.99  ? 67  ASP A N   1 
ATOM   544  C  CA  . ASP A 1 67  ? -4.004  0.937   -16.542 1.00 9.04  ? 67  ASP A CA  1 
ATOM   545  C  C   . ASP A 1 67  ? -4.141  1.374   -18.027 1.00 9.86  ? 67  ASP A C   1 
ATOM   546  O  O   . ASP A 1 67  ? -5.231  1.863   -18.388 1.00 11.33 ? 67  ASP A O   1 
ATOM   547  C  CB  . ASP A 1 67  ? -4.454  1.954   -15.542 1.00 8.50  ? 67  ASP A CB  1 
ATOM   548  C  CG  . ASP A 1 67  ? -3.694  3.260   -15.561 1.00 9.62  ? 67  ASP A CG  1 
ATOM   549  O  OD1 . ASP A 1 67  ? -2.746  3.440   -16.383 1.00 9.51  ? 67  ASP A OD1 1 
ATOM   550  O  OD2 . ASP A 1 67  ? -4.050  4.073   -14.692 1.00 10.66 ? 67  ASP A OD2 1 
ATOM   551  N  N   . GLY A 1 68  ? -3.105  1.262   -18.827 1.00 9.89  ? 68  GLY A N   1 
ATOM   552  C  CA  . GLY A 1 68  ? -3.200  1.649   -20.245 1.00 11.69 ? 68  GLY A CA  1 
ATOM   553  C  C   . GLY A 1 68  ? -3.149  3.113   -20.563 1.00 12.79 ? 68  GLY A C   1 
ATOM   554  O  O   . GLY A 1 68  ? -2.533  3.461   -21.593 1.00 16.17 ? 68  GLY A O   1 
ATOM   555  N  N   . LYS A 1 69  ? -3.705  3.981   -19.757 1.00 13.53 ? 69  LYS A N   1 
ATOM   556  C  CA  . LYS A 1 69  ? -3.783  5.416   -20.029 1.00 13.26 ? 69  LYS A CA  1 
ATOM   557  C  C   . LYS A 1 69  ? -2.677  6.254   -19.415 1.00 14.26 ? 69  LYS A C   1 
ATOM   558  O  O   . LYS A 1 69  ? -2.721  7.499   -19.628 1.00 15.84 ? 69  LYS A O   1 
ATOM   559  C  CB  . LYS A 1 69  ? -5.134  5.985   -19.605 1.00 13.38 ? 69  LYS A CB  1 
ATOM   560  C  CG  . LYS A 1 69  ? -5.402  5.812   -18.109 1.00 13.45 ? 69  LYS A CG  1 
ATOM   561  C  CD  . LYS A 1 69  ? -6.726  6.490   -17.709 1.00 16.49 ? 69  LYS A CD  1 
ATOM   562  C  CE  . LYS A 1 69  ? -6.980  6.285   -16.238 1.00 19.62 ? 69  LYS A CE  1 
ATOM   563  N  NZ  . LYS A 1 69  ? -8.418  6.292   -15.885 1.00 23.26 ? 69  LYS A NZ  1 
ATOM   564  N  N   . THR A 1 70  ? -1.754  5.669   -18.694 1.00 12.60 ? 70  THR A N   1 
ATOM   565  C  CA  . THR A 1 70  ? -0.660  6.497   -18.134 1.00 13.39 ? 70  THR A CA  1 
ATOM   566  C  C   . THR A 1 70  ? 0.470   6.491   -19.154 1.00 13.93 ? 70  THR A C   1 
ATOM   567  O  O   . THR A 1 70  ? 0.961   5.421   -19.516 1.00 14.43 ? 70  THR A O   1 
ATOM   568  C  CB  . THR A 1 70  ? -0.134  5.881   -16.771 1.00 12.42 ? 70  THR A CB  1 
ATOM   569  O  OG1 . THR A 1 70  ? -1.279  5.669   -15.901 1.00 12.47 ? 70  THR A OG1 1 
ATOM   570  C  CG2 . THR A 1 70  ? 0.934   6.740   -16.084 1.00 12.26 ? 70  THR A CG2 1 
ATOM   571  N  N   . PRO A 1 71  ? 0.929   7.637   -19.602 1.00 15.16 ? 71  PRO A N   1 
ATOM   572  C  CA  . PRO A 1 71  ? 2.038   7.670   -20.574 1.00 16.17 ? 71  PRO A CA  1 
ATOM   573  C  C   . PRO A 1 71  ? 3.361   7.300   -19.915 1.00 17.25 ? 71  PRO A C   1 
ATOM   574  O  O   . PRO A 1 71  ? 3.610   7.657   -18.747 1.00 18.39 ? 71  PRO A O   1 
ATOM   575  C  CB  . PRO A 1 71  ? 2.126   9.125   -21.059 1.00 15.62 ? 71  PRO A CB  1 
ATOM   576  C  CG  . PRO A 1 71  ? 1.056   9.870   -20.334 1.00 17.32 ? 71  PRO A CG  1 
ATOM   577  C  CD  . PRO A 1 71  ? 0.471   8.974   -19.229 1.00 16.10 ? 71  PRO A CD  1 
ATOM   578  N  N   . GLY A 1 72  ? 4.173   6.634   -20.694 1.00 18.56 ? 72  GLY A N   1 
ATOM   579  C  CA  . GLY A 1 72  ? 5.515   6.186   -20.382 1.00 19.63 ? 72  GLY A CA  1 
ATOM   580  C  C   . GLY A 1 72  ? 5.561   5.291   -19.161 1.00 19.68 ? 72  GLY A C   1 
ATOM   581  O  O   . GLY A 1 72  ? 6.531   5.206   -18.374 1.00 23.63 ? 72  GLY A O   1 
ATOM   582  N  N   . ALA A 1 73  ? 4.521   4.541   -18.926 1.00 17.89 ? 73  ALA A N   1 
ATOM   583  C  CA  . ALA A 1 73  ? 4.520   3.703   -17.693 1.00 16.22 ? 73  ALA A CA  1 
ATOM   584  C  C   . ALA A 1 73  ? 5.049   2.310   -17.890 1.00 16.81 ? 73  ALA A C   1 
ATOM   585  O  O   . ALA A 1 73  ? 5.123   1.776   -19.031 1.00 16.42 ? 73  ALA A O   1 
ATOM   586  C  CB  . ALA A 1 73  ? 3.032   3.668   -17.265 1.00 16.83 ? 73  ALA A CB  1 
ATOM   587  N  N   . VAL A 1 74  ? 5.385   1.703   -16.747 1.00 13.49 ? 74  VAL A N   1 
ATOM   588  C  CA  . VAL A 1 74  ? 5.802   0.300   -16.715 1.00 13.00 ? 74  VAL A CA  1 
ATOM   589  C  C   . VAL A 1 74  ? 4.843   -0.418  -15.738 1.00 11.93 ? 74  VAL A C   1 
ATOM   590  O  O   . VAL A 1 74  ? 4.033   0.276   -15.125 1.00 13.72 ? 74  VAL A O   1 
ATOM   591  C  CB  . VAL A 1 74  ? 7.291   0.048   -16.428 1.00 12.85 ? 74  VAL A CB  1 
ATOM   592  C  CG1 . VAL A 1 74  ? 8.046   0.647   -17.613 1.00 14.55 ? 74  VAL A CG1 1 
ATOM   593  C  CG2 . VAL A 1 74  ? 7.731   0.676   -15.132 1.00 13.79 ? 74  VAL A CG2 1 
ATOM   594  N  N   . ASN A 1 75  ? 4.992   -1.714  -15.656 1.00 12.66 ? 75  ASN A N   1 
ATOM   595  C  CA  . ASN A 1 75  ? 4.100   -2.514  -14.804 1.00 11.86 ? 75  ASN A CA  1 
ATOM   596  C  C   . ASN A 1 75  ? 4.941   -3.577  -14.074 1.00 11.56 ? 75  ASN A C   1 
ATOM   597  O  O   . ASN A 1 75  ? 4.853   -4.769  -14.377 1.00 11.36 ? 75  ASN A O   1 
ATOM   598  C  CB  . ASN A 1 75  ? 3.106   -3.131  -15.809 1.00 11.88 ? 75  ASN A CB  1 
ATOM   599  C  CG  . ASN A 1 75  ? 2.169   -4.118  -15.193 1.00 11.91 ? 75  ASN A CG  1 
ATOM   600  O  OD1 . ASN A 1 75  ? 2.063   -4.185  -13.945 1.00 11.78 ? 75  ASN A OD1 1 
ATOM   601  N  ND2 . ASN A 1 75  ? 1.472   -4.935  -15.990 1.00 13.80 ? 75  ASN A ND2 1 
ATOM   602  N  N   . ALA A 1 76  ? 5.662   -3.080  -13.068 1.00 12.20 ? 76  ALA A N   1 
ATOM   603  C  CA  . ALA A 1 76  ? 6.567   -3.974  -12.350 1.00 12.66 ? 76  ALA A CA  1 
ATOM   604  C  C   . ALA A 1 76  ? 5.892   -5.048  -11.534 1.00 13.35 ? 76  ALA A C   1 
ATOM   605  O  O   . ALA A 1 76  ? 6.562   -6.085  -11.287 1.00 13.29 ? 76  ALA A O   1 
ATOM   606  C  CB  . ALA A 1 76  ? 7.571   -3.117  -11.584 1.00 12.24 ? 76  ALA A CB  1 
ATOM   607  N  N   . CYS A 1 77  ? 4.634   -4.871  -11.094 1.00 11.16 ? 77  CYS A N   1 
ATOM   608  C  CA  . CYS A 1 77  ? 3.968   -5.932  -10.344 1.00 11.68 ? 77  CYS A CA  1 
ATOM   609  C  C   . CYS A 1 77  ? 3.328   -6.948  -11.305 1.00 11.35 ? 77  CYS A C   1 
ATOM   610  O  O   . CYS A 1 77  ? 2.850   -7.983  -10.836 1.00 12.20 ? 77  CYS A O   1 
ATOM   611  C  CB  . CYS A 1 77  ? 2.875   -5.373  -9.413  1.00 10.02 ? 77  CYS A CB  1 
ATOM   612  S  SG  . CYS A 1 77  ? 3.681   -4.397  -8.081  1.00 9.76  ? 77  CYS A SG  1 
ATOM   613  N  N   . HIS A 1 78  ? 3.322   -6.619  -12.587 1.00 10.93 ? 78  HIS A N   1 
ATOM   614  C  CA  . HIS A 1 78  ? 2.679   -7.549  -13.549 1.00 13.07 ? 78  HIS A CA  1 
ATOM   615  C  C   . HIS A 1 78  ? 1.201   -7.724  -13.243 1.00 11.99 ? 78  HIS A C   1 
ATOM   616  O  O   . HIS A 1 78  ? 0.660   -8.827  -13.191 1.00 13.01 ? 78  HIS A O   1 
ATOM   617  C  CB  . HIS A 1 78  ? 3.351   -8.987  -13.530 1.00 14.95 ? 78  HIS A CB  1 
ATOM   618  C  CG  . HIS A 1 78  ? 4.833   -8.786  -13.712 1.00 20.10 ? 78  HIS A CG  1 
ATOM   619  N  ND1 . HIS A 1 78  ? 5.829   -9.279  -12.874 1.00 22.98 ? 78  HIS A ND1 1 
ATOM   620  C  CD2 . HIS A 1 78  ? 5.444   -8.004  -14.637 1.00 19.54 ? 78  HIS A CD2 1 
ATOM   621  C  CE1 . HIS A 1 78  ? 6.996   -8.872  -13.348 1.00 21.88 ? 78  HIS A CE1 1 
ATOM   622  N  NE2 . HIS A 1 78  ? 6.799   -8.073  -14.405 1.00 24.09 ? 78  HIS A NE2 1 
ATOM   623  N  N   . LEU A 1 79  ? 0.506   -6.601  -13.054 1.00 11.62 ? 79  LEU A N   1 
ATOM   624  C  CA  . LEU A 1 79  ? -0.931  -6.704  -12.752 1.00 11.66 ? 79  LEU A CA  1 
ATOM   625  C  C   . LEU A 1 79  ? -1.708  -5.612  -13.494 1.00 9.77  ? 79  LEU A C   1 
ATOM   626  O  O   . LEU A 1 79  ? -1.158  -4.519  -13.650 1.00 10.56 ? 79  LEU A O   1 
ATOM   627  C  CB  . LEU A 1 79  ? -1.141  -6.369  -11.237 1.00 12.40 ? 79  LEU A CB  1 
ATOM   628  C  CG  . LEU A 1 79  ? -0.608  -7.273  -10.172 1.00 15.24 ? 79  LEU A CG  1 
ATOM   629  C  CD1 . LEU A 1 79  ? -0.842  -6.652  -8.774  1.00 15.79 ? 79  LEU A CD1 1 
ATOM   630  C  CD2 . LEU A 1 79  ? -1.458  -8.583  -10.238 1.00 14.82 ? 79  LEU A CD2 1 
ATOM   631  N  N   . SER A 1 80  ? -2.964  -5.912  -13.779 1.00 8.29  ? 80  SER A N   1 
ATOM   632  C  CA  . SER A 1 80  ? -3.850  -4.827  -14.275 1.00 8.71  ? 80  SER A CA  1 
ATOM   633  C  C   . SER A 1 80  ? -4.071  -3.971  -13.007 1.00 9.03  ? 80  SER A C   1 
ATOM   634  O  O   . SER A 1 80  ? -4.164  -4.509  -11.865 1.00 8.78  ? 80  SER A O   1 
ATOM   635  C  CB  . SER A 1 80  ? -5.180  -5.434  -14.686 1.00 9.61  ? 80  SER A CB  1 
ATOM   636  O  OG  . SER A 1 80  ? -6.166  -4.387  -14.716 1.00 12.18 ? 80  SER A OG  1 
ATOM   637  N  N   . CYS A 1 81  ? -4.215  -2.647  -13.098 1.00 8.92  ? 81  CYS A N   1 
ATOM   638  C  CA  . CYS A 1 81  ? -4.476  -1.805  -11.900 1.00 9.09  ? 81  CYS A CA  1 
ATOM   639  C  C   . CYS A 1 81  ? -5.830  -2.233  -11.300 1.00 8.63  ? 81  CYS A C   1 
ATOM   640  O  O   . CYS A 1 81  ? -6.013  -2.011  -10.085 1.00 9.16  ? 81  CYS A O   1 
ATOM   641  C  CB  . CYS A 1 81  ? -4.424  -0.308  -12.178 1.00 7.55  ? 81  CYS A CB  1 
ATOM   642  S  SG  . CYS A 1 81  ? -2.745  0.198   -12.731 1.00 8.66  ? 81  CYS A SG  1 
ATOM   643  N  N   . SER A 1 82  ? -6.710  -2.842  -12.070 1.00 8.34  ? 82  SER A N   1 
ATOM   644  C  CA  . SER A 1 82  ? -8.009  -3.331  -11.537 1.00 8.44  ? 82  SER A CA  1 
ATOM   645  C  C   . SER A 1 82  ? -7.777  -4.304  -10.379 1.00 8.97  ? 82  SER A C   1 
ATOM   646  O  O   . SER A 1 82  ? -8.608  -4.331  -9.443  1.00 9.10  ? 82  SER A O   1 
ATOM   647  C  CB  . SER A 1 82  ? -8.784  -4.032  -12.661 1.00 10.87 ? 82  SER A CB  1 
ATOM   648  O  OG  . SER A 1 82  ? -10.021 -4.612  -12.219 1.00 12.43 ? 82  SER A OG  1 
ATOM   649  N  N   . ALA A 1 83  ? -6.690  -5.042  -10.435 1.00 9.10  ? 83  ALA A N   1 
ATOM   650  C  CA  . ALA A 1 83  ? -6.373  -6.022  -9.368  1.00 9.43  ? 83  ALA A CA  1 
ATOM   651  C  C   . ALA A 1 83  ? -6.202  -5.356  -8.009  1.00 9.26  ? 83  ALA A C   1 
ATOM   652  O  O   . ALA A 1 83  ? -6.460  -6.030  -6.980  1.00 9.69  ? 83  ALA A O   1 
ATOM   653  C  CB  . ALA A 1 83  ? -5.128  -6.851  -9.690  1.00 7.76  ? 83  ALA A CB  1 
ATOM   654  N  N   . LEU A 1 84  ? -5.827  -4.111  -8.010  1.00 8.74  ? 84  LEU A N   1 
ATOM   655  C  CA  . LEU A 1 84  ? -5.623  -3.369  -6.762  1.00 8.72  ? 84  LEU A CA  1 
ATOM   656  C  C   . LEU A 1 84  ? -6.897  -2.737  -6.218  1.00 10.22 ? 84  LEU A C   1 
ATOM   657  O  O   . LEU A 1 84  ? -6.734  -1.958  -5.248  1.00 10.79 ? 84  LEU A O   1 
ATOM   658  C  CB  . LEU A 1 84  ? -4.501  -2.332  -6.985  1.00 8.20  ? 84  LEU A CB  1 
ATOM   659  C  CG  . LEU A 1 84  ? -3.178  -2.876  -7.499  1.00 9.30  ? 84  LEU A CG  1 
ATOM   660  C  CD1 . LEU A 1 84  ? -2.223  -1.727  -7.805  1.00 12.12 ? 84  LEU A CD1 1 
ATOM   661  C  CD2 . LEU A 1 84  ? -2.606  -3.851  -6.489  1.00 11.75 ? 84  LEU A CD2 1 
ATOM   662  N  N   . LEU A 1 85  ? -8.044  -3.046  -6.815  1.00 8.80  ? 85  LEU A N   1 
ATOM   663  C  CA  . LEU A 1 85  ? -9.308  -2.466  -6.322  1.00 8.47  ? 85  LEU A CA  1 
ATOM   664  C  C   . LEU A 1 85  ? -10.212 -3.589  -5.791  1.00 9.29  ? 85  LEU A C   1 
ATOM   665  O  O   . LEU A 1 85  ? -11.403 -3.341  -5.575  1.00 9.71  ? 85  LEU A O   1 
ATOM   666  C  CB  . LEU A 1 85  ? -9.996  -1.674  -7.465  1.00 8.59  ? 85  LEU A CB  1 
ATOM   667  C  CG  . LEU A 1 85  ? -9.164  -0.464  -7.952  1.00 9.13  ? 85  LEU A CG  1 
ATOM   668  C  CD1 . LEU A 1 85  ? -9.886  0.201   -9.136  1.00 11.48 ? 85  LEU A CD1 1 
ATOM   669  C  CD2 . LEU A 1 85  ? -8.983  0.535   -6.816  1.00 11.14 ? 85  LEU A CD2 1 
ATOM   670  N  N   . GLN A 1 86  ? -9.674  -4.778  -5.656  1.00 9.19  ? 86  GLN A N   1 
ATOM   671  C  CA  . GLN A 1 86  ? -10.523 -5.914  -5.150  1.00 9.37  ? 86  GLN A CA  1 
ATOM   672  C  C   . GLN A 1 86  ? -10.681 -5.845  -3.630  1.00 10.40 ? 86  GLN A C   1 
ATOM   673  O  O   . GLN A 1 86  ? -9.850  -5.192  -2.946  1.00 10.40 ? 86  GLN A O   1 
ATOM   674  C  CB  . GLN A 1 86  ? -9.814  -7.231  -5.462  1.00 10.03 ? 86  GLN A CB  1 
ATOM   675  C  CG  . GLN A 1 86  ? -9.595  -7.507  -6.949  1.00 11.74 ? 86  GLN A CG  1 
ATOM   676  C  CD  . GLN A 1 86  ? -8.804  -8.796  -7.122  1.00 13.71 ? 86  GLN A CD  1 
ATOM   677  O  OE1 . GLN A 1 86  ? -9.356  -9.910  -7.079  1.00 15.40 ? 86  GLN A OE1 1 
ATOM   678  N  NE2 . GLN A 1 86  ? -7.499  -8.723  -7.308  1.00 13.82 ? 86  GLN A NE2 1 
ATOM   679  N  N   . ASP A 1 87  ? -11.703 -6.520  -3.110  1.00 8.87  ? 87  ASP A N   1 
ATOM   680  C  CA  . ASP A 1 87  ? -11.881 -6.571  -1.656  1.00 10.14 ? 87  ASP A CA  1 
ATOM   681  C  C   . ASP A 1 87  ? -10.782 -7.485  -1.071  1.00 11.18 ? 87  ASP A C   1 
ATOM   682  O  O   . ASP A 1 87  ? -10.430 -7.256  0.079   1.00 13.53 ? 87  ASP A O   1 
ATOM   683  C  CB  . ASP A 1 87  ? -13.267 -7.086  -1.229  1.00 11.62 ? 87  ASP A CB  1 
ATOM   684  C  CG  . ASP A 1 87  ? -14.363 -6.033  -1.382  1.00 13.18 ? 87  ASP A CG  1 
ATOM   685  O  OD1 . ASP A 1 87  ? -14.200 -4.861  -1.702  1.00 11.91 ? 87  ASP A OD1 1 
ATOM   686  O  OD2 . ASP A 1 87  ? -15.531 -6.461  -1.116  1.00 15.26 ? 87  ASP A OD2 1 
ATOM   687  N  N   . ASN A 1 88  ? -10.359 -8.505  -1.796  1.00 11.22 ? 88  ASN A N   1 
ATOM   688  C  CA  . ASN A 1 88  ? -9.313  -9.438  -1.328  1.00 11.78 ? 88  ASN A CA  1 
ATOM   689  C  C   . ASN A 1 88  ? -7.981  -8.700  -1.632  1.00 10.59 ? 88  ASN A C   1 
ATOM   690  O  O   . ASN A 1 88  ? -7.766  -8.367  -2.805  1.00 11.58 ? 88  ASN A O   1 
ATOM   691  C  CB  . ASN A 1 88  ? -9.396  -10.764 -2.070  1.00 14.58 ? 88  ASN A CB  1 
ATOM   692  C  CG  . ASN A 1 88  ? -8.280  -11.697 -1.569  1.00 19.22 ? 88  ASN A CG  1 
ATOM   693  O  OD1 . ASN A 1 88  ? -7.148  -11.523 -1.923  1.00 18.02 ? 88  ASN A OD1 1 
ATOM   694  N  ND2 . ASN A 1 88  ? -8.610  -12.677 -0.708  1.00 22.37 ? 88  ASN A ND2 1 
ATOM   695  N  N   . ILE A 1 89  ? -7.168  -8.514  -0.597  1.00 8.98  ? 89  ILE A N   1 
ATOM   696  C  CA  . ILE A 1 89  ? -5.918  -7.747  -0.781  1.00 9.87  ? 89  ILE A CA  1 
ATOM   697  C  C   . ILE A 1 89  ? -4.686  -8.542  -1.104  1.00 9.51  ? 89  ILE A C   1 
ATOM   698  O  O   . ILE A 1 89  ? -3.571  -7.938  -1.109  1.00 9.84  ? 89  ILE A O   1 
ATOM   699  C  CB  . ILE A 1 89  ? -5.703  -6.814  0.478   1.00 10.77 ? 89  ILE A CB  1 
ATOM   700  C  CG1 . ILE A 1 89  ? -5.390  -7.641  1.766   1.00 12.27 ? 89  ILE A CG1 1 
ATOM   701  C  CG2 . ILE A 1 89  ? -6.917  -5.872  0.667   1.00 11.51 ? 89  ILE A CG2 1 
ATOM   702  C  CD1 . ILE A 1 89  ? -4.907  -6.667  2.912   1.00 14.08 ? 89  ILE A CD1 1 
ATOM   703  N  N   . ALA A 1 90  ? -4.816  -9.813  -1.433  1.00 8.86  ? 90  ALA A N   1 
ATOM   704  C  CA  . ALA A 1 90  ? -3.622  -10.629 -1.738  1.00 9.59  ? 90  ALA A CA  1 
ATOM   705  C  C   . ALA A 1 90  ? -2.763  -10.036 -2.857  1.00 8.89  ? 90  ALA A C   1 
ATOM   706  O  O   . ALA A 1 90  ? -1.541  -9.946  -2.719  1.00 9.13  ? 90  ALA A O   1 
ATOM   707  C  CB  . ALA A 1 90  ? -4.043  -12.055 -2.074  1.00 9.54  ? 90  ALA A CB  1 
ATOM   708  N  N   . ASP A 1 91  ? -3.445  -9.582  -3.934  1.00 8.83  ? 91  ASP A N   1 
ATOM   709  C  CA  . ASP A 1 91  ? -2.629  -9.017  -5.049  1.00 9.75  ? 91  ASP A CA  1 
ATOM   710  C  C   . ASP A 1 91  ? -1.970  -7.688  -4.648  1.00 9.46  ? 91  ASP A C   1 
ATOM   711  O  O   . ASP A 1 91  ? -0.815  -7.420  -5.045  1.00 9.65  ? 91  ASP A O   1 
ATOM   712  C  CB  . ASP A 1 91  ? -3.500  -8.850  -6.318  1.00 12.46 ? 91  ASP A CB  1 
ATOM   713  C  CG  . ASP A 1 91  ? -3.845  -10.182 -6.968  1.00 15.34 ? 91  ASP A CG  1 
ATOM   714  O  OD1 . ASP A 1 91  ? -2.966  -11.074 -6.944  1.00 16.80 ? 91  ASP A OD1 1 
ATOM   715  O  OD2 . ASP A 1 91  ? -4.968  -10.390 -7.445  1.00 17.00 ? 91  ASP A OD2 1 
ATOM   716  N  N   . ALA A 1 92  ? -2.706  -6.851  -3.915  1.00 8.87  ? 92  ALA A N   1 
ATOM   717  C  CA  . ALA A 1 92  ? -2.164  -5.549  -3.482  1.00 9.59  ? 92  ALA A CA  1 
ATOM   718  C  C   . ALA A 1 92  ? -0.950  -5.783  -2.575  1.00 9.11  ? 92  ALA A C   1 
ATOM   719  O  O   . ALA A 1 92  ? 0.055   -5.048  -2.641  1.00 9.93  ? 92  ALA A O   1 
ATOM   720  C  CB  . ALA A 1 92  ? -3.265  -4.738  -2.777  1.00 9.74  ? 92  ALA A CB  1 
ATOM   721  N  N   . VAL A 1 93  ? -1.045  -6.802  -1.707  1.00 8.60  ? 93  VAL A N   1 
ATOM   722  C  CA  . VAL A 1 93  ? 0.080   -7.104  -0.791  1.00 8.60  ? 93  VAL A CA  1 
ATOM   723  C  C   . VAL A 1 93  ? 1.275   -7.609  -1.624  1.00 8.95  ? 93  VAL A C   1 
ATOM   724  O  O   . VAL A 1 93  ? 2.423   -7.186  -1.385  1.00 9.30  ? 93  VAL A O   1 
ATOM   725  C  CB  . VAL A 1 93  ? -0.392  -8.077  0.306   1.00 9.53  ? 93  VAL A CB  1 
ATOM   726  C  CG1 . VAL A 1 93  ? 0.755   -8.806  0.969   1.00 10.82 ? 93  VAL A CG1 1 
ATOM   727  C  CG2 . VAL A 1 93  ? -1.267  -7.337  1.332   1.00 10.80 ? 93  VAL A CG2 1 
ATOM   728  N  N   . ALA A 1 94  ? 1.006   -8.507  -2.574  1.00 8.68  ? 94  ALA A N   1 
ATOM   729  C  CA  . ALA A 1 94  ? 2.157   -9.000  -3.392  1.00 8.83  ? 94  ALA A CA  1 
ATOM   730  C  C   . ALA A 1 94  ? 2.843   -7.808  -4.076  1.00 8.50  ? 94  ALA A C   1 
ATOM   731  O  O   . ALA A 1 94  ? 4.071   -7.775  -4.226  1.00 9.66  ? 94  ALA A O   1 
ATOM   732  C  CB  . ALA A 1 94  ? 1.657   -10.034 -4.400  1.00 9.25  ? 94  ALA A CB  1 
ATOM   733  N  N   . CYS A 1 95  ? 2.037   -6.846  -4.495  1.00 7.65  ? 95  CYS A N   1 
ATOM   734  C  CA  . CYS A 1 95  ? 2.585   -5.669  -5.207  1.00 8.01  ? 95  CYS A CA  1 
ATOM   735  C  C   . CYS A 1 95  ? 3.348   -4.775  -4.247  1.00 7.48  ? 95  CYS A C   1 
ATOM   736  O  O   . CYS A 1 95  ? 4.448   -4.300  -4.600  1.00 8.96  ? 95  CYS A O   1 
ATOM   737  C  CB  . CYS A 1 95  ? 1.483   -4.996  -6.027  1.00 8.91  ? 95  CYS A CB  1 
ATOM   738  S  SG  . CYS A 1 95  ? 2.066   -3.622  -7.085  1.00 9.53  ? 95  CYS A SG  1 
ATOM   739  N  N   . ALA A 1 96  ? 2.744   -4.535  -3.088  1.00 7.12  ? 96  ALA A N   1 
ATOM   740  C  CA  . ALA A 1 96  ? 3.445   -3.696  -2.083  1.00 8.14  ? 96  ALA A CA  1 
ATOM   741  C  C   . ALA A 1 96  ? 4.821   -4.296  -1.736  1.00 7.67  ? 96  ALA A C   1 
ATOM   742  O  O   . ALA A 1 96  ? 5.778   -3.542  -1.512  1.00 9.02  ? 96  ALA A O   1 
ATOM   743  C  CB  . ALA A 1 96  ? 2.562   -3.553  -0.843  1.00 8.26  ? 96  ALA A CB  1 
ATOM   744  N  N   . LYS A 1 97  ? 4.861   -5.636  -1.674  1.00 7.91  ? 97  LYS A N   1 
ATOM   745  C  CA  . LYS A 1 97  ? 6.140   -6.338  -1.364  1.00 8.91  ? 97  LYS A CA  1 
ATOM   746  C  C   . LYS A 1 97  ? 7.114   -6.037  -2.501  1.00 9.11  ? 97  LYS A C   1 
ATOM   747  O  O   . LYS A 1 97  ? 8.306   -5.788  -2.265  1.00 9.49  ? 97  LYS A O   1 
ATOM   748  C  CB  . LYS A 1 97  ? 5.951   -7.850  -1.222  1.00 8.82  ? 97  LYS A CB  1 
ATOM   749  C  CG  . LYS A 1 97  ? 5.226   -8.254  0.072   1.00 9.81  ? 97  LYS A CG  1 
ATOM   750  C  CD  . LYS A 1 97  ? 4.956   -9.774  0.107   1.00 9.12  ? 97  LYS A CD  1 
ATOM   751  C  CE  . LYS A 1 97  ? 4.349   -10.194 1.445   1.00 9.91  ? 97  LYS A CE  1 
ATOM   752  N  NZ  . LYS A 1 97  ? 4.052   -11.634 1.463   1.00 12.22 ? 97  LYS A NZ  1 
ATOM   753  N  N   . ARG A 1 98  ? 6.629   -6.070  -3.734  1.00 8.86  ? 98  ARG A N   1 
ATOM   754  C  CA  . ARG A 1 98  ? 7.525   -5.749  -4.886  1.00 9.01  ? 98  ARG A CA  1 
ATOM   755  C  C   . ARG A 1 98  ? 8.032   -4.326  -4.782  1.00 8.95  ? 98  ARG A C   1 
ATOM   756  O  O   . ARG A 1 98  ? 9.237   -4.045  -4.990  1.00 9.54  ? 98  ARG A O   1 
ATOM   757  C  CB  . ARG A 1 98  ? 6.770   -5.965  -6.214  1.00 9.74  ? 98  ARG A CB  1 
ATOM   758  C  CG  . ARG A 1 98  ? 7.533   -5.382  -7.425  1.00 11.60 ? 98  ARG A CG  1 
ATOM   759  C  CD  . ARG A 1 98  ? 8.808   -6.184  -7.669  1.00 12.29 ? 98  ARG A CD  1 
ATOM   760  N  NE  . ARG A 1 98  ? 9.597   -5.579  -8.748  1.00 14.15 ? 98  ARG A NE  1 
ATOM   761  C  CZ  . ARG A 1 98  ? 10.435  -4.560  -8.642  1.00 15.87 ? 98  ARG A CZ  1 
ATOM   762  N  NH1 . ARG A 1 98  ? 10.703  -3.962  -7.460  1.00 16.37 ? 98  ARG A NH1 1 
ATOM   763  N  NH2 . ARG A 1 98  ? 11.127  -4.106  -9.709  1.00 17.31 ? 98  ARG A NH2 1 
ATOM   764  N  N   . VAL A 1 99  ? 7.143   -3.386  -4.439  1.00 8.45  ? 99  VAL A N   1 
ATOM   765  C  CA  . VAL A 1 99  ? 7.558   -1.965  -4.333  1.00 8.75  ? 99  VAL A CA  1 
ATOM   766  C  C   . VAL A 1 99  ? 8.766   -1.826  -3.406  1.00 8.93  ? 99  VAL A C   1 
ATOM   767  O  O   . VAL A 1 99  ? 9.744   -1.146  -3.755  1.00 10.37 ? 99  VAL A O   1 
ATOM   768  C  CB  . VAL A 1 99  ? 6.399   -1.058  -3.833  1.00 9.01  ? 99  VAL A CB  1 
ATOM   769  C  CG1 . VAL A 1 99  ? 6.869   0.379   -3.503  1.00 8.75  ? 99  VAL A CG1 1 
ATOM   770  C  CG2 . VAL A 1 99  ? 5.216   -1.070  -4.820  1.00 8.66  ? 99  VAL A CG2 1 
ATOM   771  N  N   . VAL A 1 100 ? 8.672   -2.413  -2.222  1.00 9.14  ? 100 VAL A N   1 
ATOM   772  C  CA  . VAL A 1 100 ? 9.775   -2.252  -1.246  1.00 9.35  ? 100 VAL A CA  1 
ATOM   773  C  C   . VAL A 1 100 ? 11.017  -3.062  -1.574  1.00 11.41 ? 100 VAL A C   1 
ATOM   774  O  O   . VAL A 1 100 ? 12.005  -2.843  -0.825  1.00 11.89 ? 100 VAL A O   1 
ATOM   775  C  CB  . VAL A 1 100 ? 9.284   -2.381  0.216   1.00 8.40  ? 100 VAL A CB  1 
ATOM   776  C  CG1 . VAL A 1 100 ? 8.188   -1.361  0.502   1.00 9.23  ? 100 VAL A CG1 1 
ATOM   777  C  CG2 . VAL A 1 100 ? 8.809   -3.805  0.520   1.00 9.41  ? 100 VAL A CG2 1 
ATOM   778  N  N   . ARG A 1 101 ? 11.002  -3.892  -2.598  1.00 9.91  ? 101 ARG A N   1 
ATOM   779  C  CA  . ARG A 1 101 ? 12.227  -4.596  -3.011  1.00 12.27 ? 101 ARG A CA  1 
ATOM   780  C  C   . ARG A 1 101 ? 13.126  -3.625  -3.787  1.00 13.59 ? 101 ARG A C   1 
ATOM   781  O  O   . ARG A 1 101 ? 14.333  -3.979  -3.973  1.00 14.67 ? 101 ARG A O   1 
ATOM   782  C  CB  . ARG A 1 101 ? 11.950  -5.861  -3.784  1.00 11.57 ? 101 ARG A CB  1 
ATOM   783  C  CG  . ARG A 1 101 ? 11.408  -6.977  -2.880  1.00 13.74 ? 101 ARG A CG  1 
ATOM   784  C  CD  . ARG A 1 101 ? 11.491  -8.318  -3.517  1.00 15.09 ? 101 ARG A CD  1 
ATOM   785  N  NE  . ARG A 1 101 ? 10.709  -8.505  -4.734  1.00 15.40 ? 101 ARG A NE  1 
ATOM   786  C  CZ  . ARG A 1 101 ? 9.427   -8.874  -4.747  1.00 14.59 ? 101 ARG A CZ  1 
ATOM   787  N  NH1 . ARG A 1 101 ? 8.673   -9.070  -3.658  1.00 16.03 ? 101 ARG A NH1 1 
ATOM   788  N  NH2 . ARG A 1 101 ? 8.883   -9.079  -5.940  1.00 15.40 ? 101 ARG A NH2 1 
ATOM   789  N  N   . ASP A 1 102 ? 12.615  -2.468  -4.191  1.00 13.12 ? 102 ASP A N   1 
ATOM   790  C  CA  . ASP A 1 102 ? 13.476  -1.444  -4.867  1.00 12.98 ? 102 ASP A CA  1 
ATOM   791  C  C   . ASP A 1 102 ? 14.211  -0.682  -3.753  1.00 12.27 ? 102 ASP A C   1 
ATOM   792  O  O   . ASP A 1 102 ? 13.828  -0.737  -2.585  1.00 12.23 ? 102 ASP A O   1 
ATOM   793  C  CB  . ASP A 1 102 ? 12.660  -0.507  -5.739  1.00 12.87 ? 102 ASP A CB  1 
ATOM   794  C  CG  . ASP A 1 102 ? 12.544  -1.023  -7.188  1.00 13.20 ? 102 ASP A CG  1 
ATOM   795  O  OD1 . ASP A 1 102 ? 12.906  -2.168  -7.447  1.00 16.34 ? 102 ASP A OD1 1 
ATOM   796  O  OD2 . ASP A 1 102 ? 12.052  -0.235  -7.993  1.00 16.58 ? 102 ASP A OD2 1 
ATOM   797  N  N   . PRO A 1 103 ? 15.279  0.023   -4.098  1.00 14.01 ? 103 PRO A N   1 
ATOM   798  C  CA  . PRO A 1 103 ? 16.117  0.692   -3.094  1.00 13.59 ? 103 PRO A CA  1 
ATOM   799  C  C   . PRO A 1 103 ? 15.497  1.623   -2.102  1.00 13.95 ? 103 PRO A C   1 
ATOM   800  O  O   . PRO A 1 103 ? 15.922  1.629   -0.910  1.00 14.18 ? 103 PRO A O   1 
ATOM   801  C  CB  . PRO A 1 103 ? 17.208  1.403   -3.916  1.00 15.76 ? 103 PRO A CB  1 
ATOM   802  C  CG  . PRO A 1 103 ? 17.235  0.684   -5.230  1.00 15.55 ? 103 PRO A CG  1 
ATOM   803  C  CD  . PRO A 1 103 ? 15.860  0.096   -5.452  1.00 14.50 ? 103 PRO A CD  1 
ATOM   804  N  N   . GLN A 1 104 ? 14.513  2.419   -2.488  1.00 12.49 ? 104 GLN A N   1 
ATOM   805  C  CA  . GLN A 1 104 ? 13.875  3.348   -1.545  1.00 12.50 ? 104 GLN A CA  1 
ATOM   806  C  C   . GLN A 1 104 ? 13.108  2.611   -0.454  1.00 11.01 ? 104 GLN A C   1 
ATOM   807  O  O   . GLN A 1 104 ? 12.845  3.236   0.604   1.00 11.51 ? 104 GLN A O   1 
ATOM   808  C  CB  . GLN A 1 104 ? 12.819  4.235   -2.242  1.00 16.40 ? 104 GLN A CB  1 
ATOM   809  C  CG  . GLN A 1 104 ? 13.375  5.249   -3.199  1.00 21.78 ? 104 GLN A CG  1 
ATOM   810  C  CD  . GLN A 1 104 ? 12.211  6.195   -3.560  1.00 23.04 ? 104 GLN A CD  1 
ATOM   811  O  OE1 . GLN A 1 104 ? 11.288  5.881   -4.325  1.00 24.30 ? 104 GLN A OE1 1 
ATOM   812  N  NE2 . GLN A 1 104 ? 12.315  7.353   -2.927  1.00 23.06 ? 104 GLN A NE2 1 
ATOM   813  N  N   . GLY A 1 105 ? 12.716  1.384   -0.708  1.00 10.52 ? 105 GLY A N   1 
ATOM   814  C  CA  . GLY A 1 105 ? 11.965  0.635   0.350   1.00 10.00 ? 105 GLY A CA  1 
ATOM   815  C  C   . GLY A 1 105 ? 10.656  1.390   0.611   1.00 9.66  ? 105 GLY A C   1 
ATOM   816  O  O   . GLY A 1 105 ? 10.018  1.820   -0.323  1.00 11.18 ? 105 GLY A O   1 
ATOM   817  N  N   . ILE A 1 106 ? 10.292  1.522   1.876   1.00 10.01 ? 106 ILE A N   1 
ATOM   818  C  CA  . ILE A 1 106 ? 9.065   2.167   2.318   1.00 10.89 ? 106 ILE A CA  1 
ATOM   819  C  C   . ILE A 1 106 ? 9.031   3.630   1.962   1.00 10.72 ? 106 ILE A C   1 
ATOM   820  O  O   . ILE A 1 106 ? 7.937   4.247   1.971   1.00 11.12 ? 106 ILE A O   1 
ATOM   821  C  CB  . ILE A 1 106 ? 8.893   1.861   3.868   1.00 12.73 ? 106 ILE A CB  1 
ATOM   822  C  CG1 . ILE A 1 106 ? 7.488   2.291   4.366   1.00 15.50 ? 106 ILE A CG1 1 
ATOM   823  C  CG2 . ILE A 1 106 ? 10.030  2.478   4.696   1.00 14.03 ? 106 ILE A CG2 1 
ATOM   824  C  CD1 . ILE A 1 106 ? 6.342   1.349   3.939   1.00 15.25 ? 106 ILE A CD1 1 
ATOM   825  N  N   . ARG A 1 107 ? 10.189  4.237   1.704   1.00 9.78  ? 107 ARG A N   1 
ATOM   826  C  CA  . ARG A 1 107 ? 10.226  5.662   1.341   1.00 10.99 ? 107 ARG A CA  1 
ATOM   827  C  C   . ARG A 1 107 ? 9.579   5.922   -0.021  1.00 10.88 ? 107 ARG A C   1 
ATOM   828  O  O   . ARG A 1 107 ? 9.444   7.109   -0.384  1.00 12.49 ? 107 ARG A O   1 
ATOM   829  C  CB  . ARG A 1 107 ? 11.674  6.215   1.355   1.00 11.76 ? 107 ARG A CB  1 
ATOM   830  C  CG  . ARG A 1 107 ? 12.146  6.336   2.832   1.00 13.38 ? 107 ARG A CG  1 
ATOM   831  C  CD  . ARG A 1 107 ? 13.649  6.370   2.910   1.00 15.09 ? 107 ARG A CD  1 
ATOM   832  N  NE  . ARG A 1 107 ? 14.094  6.661   4.266   1.00 16.12 ? 107 ARG A NE  1 
ATOM   833  C  CZ  . ARG A 1 107 ? 14.025  5.974   5.392   1.00 18.26 ? 107 ARG A CZ  1 
ATOM   834  N  NH1 . ARG A 1 107 ? 13.507  4.760   5.555   1.00 14.98 ? 107 ARG A NH1 1 
ATOM   835  N  NH2 . ARG A 1 107 ? 14.527  6.620   6.491   1.00 18.52 ? 107 ARG A NH2 1 
ATOM   836  N  N   . ALA A 1 108 ? 9.166   4.873   -0.724  1.00 10.28 ? 108 ALA A N   1 
ATOM   837  C  CA  . ALA A 1 108 ? 8.500   5.005   -2.013  1.00 12.25 ? 108 ALA A CA  1 
ATOM   838  C  C   . ALA A 1 108 ? 7.179   5.770   -1.843  1.00 12.15 ? 108 ALA A C   1 
ATOM   839  O  O   . ALA A 1 108 ? 6.676   6.323   -2.835  1.00 13.72 ? 108 ALA A O   1 
ATOM   840  C  CB  . ALA A 1 108 ? 8.168   3.653   -2.621  1.00 12.27 ? 108 ALA A CB  1 
ATOM   841  N  N   . TRP A 1 109 ? 6.658   5.757   -0.631  1.00 11.60 ? 109 TRP A N   1 
ATOM   842  C  CA  . TRP A 1 109 ? 5.403   6.479   -0.325  1.00 11.78 ? 109 TRP A CA  1 
ATOM   843  C  C   . TRP A 1 109 ? 5.737   7.754   0.407   1.00 12.71 ? 109 TRP A C   1 
ATOM   844  O  O   . TRP A 1 109 ? 6.216   7.671   1.561   1.00 12.01 ? 109 TRP A O   1 
ATOM   845  C  CB  . TRP A 1 109 ? 4.486   5.586   0.501   1.00 11.39 ? 109 TRP A CB  1 
ATOM   846  C  CG  . TRP A 1 109 ? 3.781   4.444   -0.182  1.00 10.48 ? 109 TRP A CG  1 
ATOM   847  C  CD1 . TRP A 1 109 ? 2.565   4.488   -0.846  1.00 12.51 ? 109 TRP A CD1 1 
ATOM   848  C  CD2 . TRP A 1 109 ? 4.252   3.094   -0.290  1.00 9.67  ? 109 TRP A CD2 1 
ATOM   849  N  NE1 . TRP A 1 109 ? 2.259   3.225   -1.303  1.00 11.33 ? 109 TRP A NE1 1 
ATOM   850  C  CE2 . TRP A 1 109 ? 3.276   2.343   -0.997  1.00 10.30 ? 109 TRP A CE2 1 
ATOM   851  C  CE3 . TRP A 1 109 ? 5.394   2.461   0.191   1.00 10.57 ? 109 TRP A CE3 1 
ATOM   852  C  CZ2 . TRP A 1 109 ? 3.413   0.985   -1.229  1.00 8.51  ? 109 TRP A CZ2 1 
ATOM   853  C  CZ3 . TRP A 1 109 ? 5.547   1.108   -0.045  1.00 10.04 ? 109 TRP A CZ3 1 
ATOM   854  C  CH2 . TRP A 1 109 ? 4.566   0.376   -0.754  1.00 10.98 ? 109 TRP A CH2 1 
ATOM   855  N  N   . VAL A 1 110 ? 5.492   8.936   -0.159  1.00 13.52 ? 110 VAL A N   1 
ATOM   856  C  CA  . VAL A 1 110 ? 5.846   10.166  0.600   1.00 15.01 ? 110 VAL A CA  1 
ATOM   857  C  C   . VAL A 1 110 ? 4.969   10.311  1.826   1.00 13.65 ? 110 VAL A C   1 
ATOM   858  O  O   . VAL A 1 110 ? 5.454   10.865  2.853   1.00 15.84 ? 110 VAL A O   1 
ATOM   859  C  CB  . VAL A 1 110 ? 5.914   11.366  -0.366  1.00 19.94 ? 110 VAL A CB  1 
ATOM   860  C  CG1 . VAL A 1 110 ? 4.638   11.517  -1.152  1.00 22.51 ? 110 VAL A CG1 1 
ATOM   861  C  CG2 . VAL A 1 110 ? 6.266   12.652  0.404   1.00 20.73 ? 110 VAL A CG2 1 
ATOM   862  N  N   . ALA A 1 111 ? 3.756   9.818   1.830   1.00 12.75 ? 111 ALA A N   1 
ATOM   863  C  CA  . ALA A 1 111 ? 2.876   9.871   3.014   1.00 13.50 ? 111 ALA A CA  1 
ATOM   864  C  C   . ALA A 1 111 ? 3.536   9.171   4.222   1.00 13.14 ? 111 ALA A C   1 
ATOM   865  O  O   . ALA A 1 111 ? 3.309   9.574   5.391   1.00 13.02 ? 111 ALA A O   1 
ATOM   866  C  CB  . ALA A 1 111 ? 1.553   9.155   2.780   1.00 14.57 ? 111 ALA A CB  1 
ATOM   867  N  N   . TRP A 1 112 ? 4.340   8.133   3.907   1.00 10.98 ? 112 TRP A N   1 
ATOM   868  C  CA  . TRP A 1 112 ? 5.007   7.427   5.040   1.00 9.74  ? 112 TRP A CA  1 
ATOM   869  C  C   . TRP A 1 112 ? 6.011   8.371   5.691   1.00 10.32 ? 112 TRP A C   1 
ATOM   870  O  O   . TRP A 1 112 ? 6.085   8.460   6.924   1.00 10.74 ? 112 TRP A O   1 
ATOM   871  C  CB  . TRP A 1 112 ? 5.620   6.106   4.596   1.00 10.26 ? 112 TRP A CB  1 
ATOM   872  C  CG  . TRP A 1 112 ? 6.326   5.396   5.708   1.00 9.52  ? 112 TRP A CG  1 
ATOM   873  C  CD1 . TRP A 1 112 ? 5.767   4.531   6.585   1.00 10.24 ? 112 TRP A CD1 1 
ATOM   874  C  CD2 . TRP A 1 112 ? 7.704   5.534   6.064   1.00 10.52 ? 112 TRP A CD2 1 
ATOM   875  N  NE1 . TRP A 1 112 ? 6.721   4.111   7.506   1.00 9.99  ? 112 TRP A NE1 1 
ATOM   876  C  CE2 . TRP A 1 112 ? 7.920   4.675   7.210   1.00 11.11 ? 112 TRP A CE2 1 
ATOM   877  C  CE3 . TRP A 1 112 ? 8.772   6.273   5.551   1.00 10.59 ? 112 TRP A CE3 1 
ATOM   878  C  CZ2 . TRP A 1 112 ? 9.157   4.609   7.840   1.00 11.37 ? 112 TRP A CZ2 1 
ATOM   879  C  CZ3 . TRP A 1 112 ? 10.029  6.164   6.158   1.00 11.14 ? 112 TRP A CZ3 1 
ATOM   880  C  CH2 . TRP A 1 112 ? 10.192  5.345   7.283   1.00 11.70 ? 112 TRP A CH2 1 
ATOM   881  N  N   . ARG A 1 113 ? 6.769   9.083   4.865   1.00 10.66 ? 113 ARG A N   1 
ATOM   882  C  CA  . ARG A 1 113 ? 7.747   10.033  5.433   1.00 11.33 ? 113 ARG A CA  1 
ATOM   883  C  C   . ARG A 1 113 ? 7.057   11.110  6.266   1.00 11.73 ? 113 ARG A C   1 
ATOM   884  O  O   . ARG A 1 113 ? 7.465   11.480  7.397   1.00 12.10 ? 113 ARG A O   1 
ATOM   885  C  CB  . ARG A 1 113 ? 8.534   10.722  4.296   1.00 14.93 ? 113 ARG A CB  1 
ATOM   886  C  CG  . ARG A 1 113 ? 9.467   9.773   3.548   1.00 18.51 ? 113 ARG A CG  1 
ATOM   887  C  CD  . ARG A 1 113 ? 10.174  10.544  2.463   1.00 25.12 ? 113 ARG A CD  1 
ATOM   888  N  NE  . ARG A 1 113 ? 10.199  9.773   1.227   1.00 30.89 ? 113 ARG A NE  1 
ATOM   889  C  CZ  . ARG A 1 113 ? 10.260  10.364  0.013   1.00 34.79 ? 113 ARG A CZ  1 
ATOM   890  N  NH1 . ARG A 1 113 ? 10.264  11.715  -0.087  1.00 34.80 ? 113 ARG A NH1 1 
ATOM   891  N  NH2 . ARG A 1 113 ? 10.338  9.578   -1.063  1.00 33.66 ? 113 ARG A NH2 1 
ATOM   892  N  N   . ASN A 1 114 ? 5.947   11.638  5.744   1.00 10.99 ? 114 ASN A N   1 
ATOM   893  C  CA  . ASN A 1 114 ? 5.240   12.716  6.431   1.00 11.45 ? 114 ASN A CA  1 
ATOM   894  C  C   . ASN A 1 114 ? 4.516   12.319  7.712   1.00 12.47 ? 114 ASN A C   1 
ATOM   895  O  O   . ASN A 1 114 ? 4.471   13.089  8.673   1.00 12.42 ? 114 ASN A O   1 
ATOM   896  C  CB  . ASN A 1 114 ? 4.134   13.301  5.528   1.00 13.49 ? 114 ASN A CB  1 
ATOM   897  C  CG  . ASN A 1 114 ? 4.614   13.895  4.231   1.00 16.17 ? 114 ASN A CG  1 
ATOM   898  O  OD1 . ASN A 1 114 ? 5.771   14.216  4.120   1.00 17.18 ? 114 ASN A OD1 1 
ATOM   899  N  ND2 . ASN A 1 114 ? 3.691   14.006  3.265   1.00 19.55 ? 114 ASN A ND2 1 
ATOM   900  N  N   . ARG A 1 115 ? 3.900   11.133  7.663   1.00 10.42 ? 115 ARG A N   1 
ATOM   901  C  CA  . ARG A 1 115 ? 3.028   10.682  8.726   1.00 11.73 ? 115 ARG A CA  1 
ATOM   902  C  C   . ARG A 1 115 ? 3.482   9.571   9.635   1.00 10.17 ? 115 ARG A C   1 
ATOM   903  O  O   . ARG A 1 115 ? 2.856   9.426   10.694  1.00 11.64 ? 115 ARG A O   1 
ATOM   904  C  CB  . ARG A 1 115 ? 1.683   10.204  8.073   1.00 13.62 ? 115 ARG A CB  1 
ATOM   905  C  CG  . ARG A 1 115 ? 1.070   11.198  7.076   1.00 17.17 ? 115 ARG A CG  1 
ATOM   906  C  CD  . ARG A 1 115 ? 0.280   12.227  7.811   1.00 21.07 ? 115 ARG A CD  1 
ATOM   907  N  NE  . ARG A 1 115 ? -0.388  13.165  6.896   1.00 22.70 ? 115 ARG A NE  1 
ATOM   908  C  CZ  . ARG A 1 115 ? -1.247  14.084  7.374   1.00 23.81 ? 115 ARG A CZ  1 
ATOM   909  N  NH1 . ARG A 1 115 ? -1.511  14.151  8.665   1.00 23.22 ? 115 ARG A NH1 1 
ATOM   910  N  NH2 . ARG A 1 115 ? -1.806  14.915  6.484   1.00 24.65 ? 115 ARG A NH2 1 
ATOM   911  N  N   . CYS A 1 116 ? 4.452   8.816   9.200   1.00 9.21  ? 116 CYS A N   1 
ATOM   912  C  CA  . CYS A 1 116 ? 4.864   7.625   9.943   1.00 9.59  ? 116 CYS A CA  1 
ATOM   913  C  C   . CYS A 1 116 ? 6.305   7.587   10.391  1.00 9.41  ? 116 CYS A C   1 
ATOM   914  O  O   . CYS A 1 116 ? 6.602   7.089   11.500  1.00 11.21 ? 116 CYS A O   1 
ATOM   915  C  CB  . CYS A 1 116 ? 4.581   6.346   9.075   1.00 8.96  ? 116 CYS A CB  1 
ATOM   916  S  SG  . CYS A 1 116 ? 2.875   6.282   8.443   1.00 10.53 ? 116 CYS A SG  1 
ATOM   917  N  N   . GLN A 1 117 ? 7.196   8.053   9.549   1.00 9.05  ? 117 GLN A N   1 
ATOM   918  C  CA  . GLN A 1 117 ? 8.633   8.004   9.898   1.00 10.62 ? 117 GLN A CA  1 
ATOM   919  C  C   . GLN A 1 117 ? 8.924   8.715   11.222  1.00 11.81 ? 117 GLN A C   1 
ATOM   920  O  O   . GLN A 1 117 ? 8.480   9.832   11.477  1.00 11.98 ? 117 GLN A O   1 
ATOM   921  C  CB  . GLN A 1 117 ? 9.409   8.622   8.732   1.00 10.44 ? 117 GLN A CB  1 
ATOM   922  C  CG  . GLN A 1 117 ? 10.919  8.516   8.952   1.00 12.86 ? 117 GLN A CG  1 
ATOM   923  C  CD  . GLN A 1 117 ? 11.676  9.221   7.863   1.00 18.44 ? 117 GLN A CD  1 
ATOM   924  O  OE1 . GLN A 1 117 ? 12.921  9.159   7.801   1.00 23.14 ? 117 GLN A OE1 1 
ATOM   925  N  NE2 . GLN A 1 117 ? 10.998  9.918   6.970   1.00 18.71 ? 117 GLN A NE2 1 
ATOM   926  N  N   . ASN A 1 118 ? 9.699   8.026   12.018  1.00 12.74 ? 118 ASN A N   1 
ATOM   927  C  CA  . ASN A 1 118 ? 10.142  8.525   13.342  1.00 15.41 ? 118 ASN A CA  1 
ATOM   928  C  C   . ASN A 1 118 ? 8.987   8.850   14.261  1.00 16.77 ? 118 ASN A C   1 
ATOM   929  O  O   . ASN A 1 118 ? 9.183   9.727   15.155  1.00 21.04 ? 118 ASN A O   1 
ATOM   930  C  CB  . ASN A 1 118 ? 11.109  9.713   13.218  1.00 18.87 ? 118 ASN A CB  1 
ATOM   931  C  CG  . ASN A 1 118 ? 12.373  9.312   12.481  1.00 21.61 ? 118 ASN A CG  1 
ATOM   932  O  OD1 . ASN A 1 118 ? 12.762  10.085  11.594  1.00 26.33 ? 118 ASN A OD1 1 
ATOM   933  N  ND2 . ASN A 1 118 ? 12.980  8.174   12.714  1.00 21.61 ? 118 ASN A ND2 1 
ATOM   934  N  N   . ARG A 1 119 ? 7.852   8.213   14.122  1.00 13.95 ? 119 ARG A N   1 
ATOM   935  C  CA  . ARG A 1 119 ? 6.725   8.469   15.034  1.00 14.15 ? 119 ARG A CA  1 
ATOM   936  C  C   . ARG A 1 119 ? 6.526   7.176   15.851  1.00 13.31 ? 119 ARG A C   1 
ATOM   937  O  O   . ARG A 1 119 ? 7.071   6.134   15.447  1.00 13.50 ? 119 ARG A O   1 
ATOM   938  C  CB  . ARG A 1 119 ? 5.375   8.683   14.338  1.00 13.85 ? 119 ARG A CB  1 
ATOM   939  C  CG  . ARG A 1 119 ? 5.416   9.696   13.216  1.00 17.64 ? 119 ARG A CG  1 
ATOM   940  C  CD  . ARG A 1 119 ? 5.081   11.062  13.576  1.00 19.10 ? 119 ARG A CD  1 
ATOM   941  N  NE  . ARG A 1 119 ? 4.959   11.876  12.339  1.00 19.56 ? 119 ARG A NE  1 
ATOM   942  C  CZ  . ARG A 1 119 ? 4.298   13.037  12.362  1.00 19.28 ? 119 ARG A CZ  1 
ATOM   943  N  NH1 . ARG A 1 119 ? 3.661   13.384  13.506  1.00 21.56 ? 119 ARG A NH1 1 
ATOM   944  N  NH2 . ARG A 1 119 ? 4.201   13.805  11.308  1.00 17.19 ? 119 ARG A NH2 1 
ATOM   945  N  N   . ASP A 1 120 ? 5.706   7.327   16.893  1.00 13.01 ? 120 ASP A N   1 
ATOM   946  C  CA  . ASP A 1 120 ? 5.366   6.140   17.708  1.00 13.47 ? 120 ASP A CA  1 
ATOM   947  C  C   . ASP A 1 120 ? 4.246   5.465   16.900  1.00 13.83 ? 120 ASP A C   1 
ATOM   948  O  O   . ASP A 1 120 ? 3.124   5.964   16.983  1.00 16.93 ? 120 ASP A O   1 
ATOM   949  C  CB  . ASP A 1 120 ? 4.875   6.597   19.077  1.00 14.93 ? 120 ASP A CB  1 
ATOM   950  C  CG  . ASP A 1 120 ? 4.524   5.388   19.940  1.00 17.96 ? 120 ASP A CG  1 
ATOM   951  O  OD1 . ASP A 1 120 ? 4.587   4.248   19.439  1.00 18.79 ? 120 ASP A OD1 1 
ATOM   952  O  OD2 . ASP A 1 120 ? 4.244   5.706   21.122  1.00 17.46 ? 120 ASP A OD2 1 
ATOM   953  N  N   . VAL A 1 121 ? 4.514   4.440   16.135  1.00 12.31 ? 121 VAL A N   1 
ATOM   954  C  CA  . VAL A 1 121 ? 3.451   3.811   15.309  1.00 12.94 ? 121 VAL A CA  1 
ATOM   955  C  C   . VAL A 1 121 ? 2.786   2.620   16.021  1.00 14.54 ? 121 VAL A C   1 
ATOM   956  O  O   . VAL A 1 121 ? 1.956   1.925   15.446  1.00 13.05 ? 121 VAL A O   1 
ATOM   957  C  CB  . VAL A 1 121 ? 4.030   3.386   13.943  1.00 12.26 ? 121 VAL A CB  1 
ATOM   958  C  CG1 . VAL A 1 121 ? 4.322   4.618   13.104  1.00 13.40 ? 121 VAL A CG1 1 
ATOM   959  C  CG2 . VAL A 1 121 ? 5.249   2.493   14.078  1.00 13.57 ? 121 VAL A CG2 1 
ATOM   960  N  N   . ARG A 1 122 ? 3.145   2.396   17.286  1.00 15.55 ? 122 ARG A N   1 
ATOM   961  C  CA  . ARG A 1 122 ? 2.522   1.233   17.984  1.00 17.62 ? 122 ARG A CA  1 
ATOM   962  C  C   . ARG A 1 122 ? 1.014   1.377   18.045  1.00 17.48 ? 122 ARG A C   1 
ATOM   963  O  O   . ARG A 1 122 ? 0.275   0.372   18.107  1.00 16.50 ? 122 ARG A O   1 
ATOM   964  C  CB  . ARG A 1 122 ? 3.117   1.147   19.408  1.00 21.93 ? 122 ARG A CB  1 
ATOM   965  C  CG  . ARG A 1 122 ? 4.641   1.039   19.397  1.00 25.91 ? 122 ARG A CG  1 
ATOM   966  C  CD  . ARG A 1 122 ? 5.163   1.125   20.807  1.00 31.24 ? 122 ARG A CD  1 
ATOM   967  N  NE  . ARG A 1 122 ? 5.022   2.472   21.374  1.00 34.46 ? 122 ARG A NE  1 
ATOM   968  C  CZ  . ARG A 1 122 ? 5.441   2.769   22.621  1.00 37.12 ? 122 ARG A CZ  1 
ATOM   969  N  NH1 . ARG A 1 122 ? 6.023   1.803   23.362  1.00 37.90 ? 122 ARG A NH1 1 
ATOM   970  N  NH2 . ARG A 1 122 ? 5.285   3.993   23.131  1.00 35.83 ? 122 ARG A NH2 1 
ATOM   971  N  N   . GLN A 1 123 ? 0.509   2.587   18.068  1.00 17.25 ? 123 GLN A N   1 
ATOM   972  C  CA  . GLN A 1 123 ? -0.903  2.883   18.172  1.00 18.89 ? 123 GLN A CA  1 
ATOM   973  C  C   . GLN A 1 123 ? -1.736  2.129   17.119  1.00 18.46 ? 123 GLN A C   1 
ATOM   974  O  O   . GLN A 1 123 ? -2.889  1.741   17.360  1.00 18.47 ? 123 GLN A O   1 
ATOM   975  C  CB  . GLN A 1 123 ? -1.230  4.380   18.043  1.00 23.90 ? 123 GLN A CB  1 
ATOM   976  C  CG  . GLN A 1 123 ? -0.910  5.001   16.703  1.00 29.15 ? 123 GLN A CG  1 
ATOM   977  C  CD  . GLN A 1 123 ? -1.210  6.471   16.559  1.00 33.22 ? 123 GLN A CD  1 
ATOM   978  O  OE1 . GLN A 1 123 ? -2.342  6.890   16.272  1.00 36.20 ? 123 GLN A OE1 1 
ATOM   979  N  NE2 . GLN A 1 123 ? -0.165  7.291   16.733  1.00 35.32 ? 123 GLN A NE2 1 
ATOM   980  N  N   . TYR A 1 124 ? -1.108  1.970   15.943  1.00 14.88 ? 124 TYR A N   1 
ATOM   981  C  CA  . TYR A 1 124 ? -1.838  1.312   14.857  1.00 14.26 ? 124 TYR A CA  1 
ATOM   982  C  C   . TYR A 1 124 ? -2.095  -0.175  15.088  1.00 14.92 ? 124 TYR A C   1 
ATOM   983  O  O   . TYR A 1 124 ? -3.041  -0.705  14.463  1.00 14.27 ? 124 TYR A O   1 
ATOM   984  C  CB  . TYR A 1 124 ? -1.142  1.557   13.519  1.00 12.73 ? 124 TYR A CB  1 
ATOM   985  C  CG  . TYR A 1 124 ? -1.098  3.052   13.220  1.00 13.27 ? 124 TYR A CG  1 
ATOM   986  C  CD1 . TYR A 1 124 ? -2.215  3.751   12.757  1.00 14.72 ? 124 TYR A CD1 1 
ATOM   987  C  CD2 . TYR A 1 124 ? 0.075   3.763   13.403  1.00 14.27 ? 124 TYR A CD2 1 
ATOM   988  C  CE1 . TYR A 1 124 ? -2.156  5.121   12.512  1.00 15.56 ? 124 TYR A CE1 1 
ATOM   989  C  CE2 . TYR A 1 124 ? 0.149   5.135   13.146  1.00 15.34 ? 124 TYR A CE2 1 
ATOM   990  C  CZ  . TYR A 1 124 ? -0.976  5.807   12.697  1.00 14.68 ? 124 TYR A CZ  1 
ATOM   991  O  OH  . TYR A 1 124 ? -0.839  7.160   12.472  1.00 16.52 ? 124 TYR A OH  1 
ATOM   992  N  N   . VAL A 1 125 ? -1.323  -0.847  15.895  1.00 13.06 ? 125 VAL A N   1 
ATOM   993  C  CA  . VAL A 1 125 ? -1.526  -2.281  16.134  1.00 14.09 ? 125 VAL A CA  1 
ATOM   994  C  C   . VAL A 1 125 ? -1.940  -2.602  17.581  1.00 15.11 ? 125 VAL A C   1 
ATOM   995  O  O   . VAL A 1 125 ? -2.193  -3.810  17.829  1.00 15.27 ? 125 VAL A O   1 
ATOM   996  C  CB  . VAL A 1 125 ? -0.269  -3.110  15.754  1.00 13.78 ? 125 VAL A CB  1 
ATOM   997  C  CG1 . VAL A 1 125 ? 0.009   -3.067  14.241  1.00 14.82 ? 125 VAL A CG1 1 
ATOM   998  C  CG2 . VAL A 1 125 ? 0.941   -2.687  16.581  1.00 14.79 ? 125 VAL A CG2 1 
ATOM   999  N  N   . GLN A 1 126 ? -2.001  -1.615  18.430  1.00 15.96 ? 126 GLN A N   1 
ATOM   1000 C  CA  . GLN A 1 126 ? -2.336  -1.893  19.856  1.00 18.58 ? 126 GLN A CA  1 
ATOM   1001 C  C   . GLN A 1 126 ? -3.701  -2.557  19.978  1.00 16.11 ? 126 GLN A C   1 
ATOM   1002 O  O   . GLN A 1 126 ? -4.738  -2.198  19.404  1.00 15.95 ? 126 GLN A O   1 
ATOM   1003 C  CB  . GLN A 1 126 ? -2.080  -0.691  20.742  1.00 23.82 ? 126 GLN A CB  1 
ATOM   1004 C  CG  . GLN A 1 126 ? -2.995  0.483   20.680  1.00 32.12 ? 126 GLN A CG  1 
ATOM   1005 C  CD  . GLN A 1 126 ? -2.521  1.765   21.344  1.00 36.48 ? 126 GLN A CD  1 
ATOM   1006 O  OE1 . GLN A 1 126 ? -3.155  2.848   21.226  1.00 39.43 ? 126 GLN A OE1 1 
ATOM   1007 N  NE2 . GLN A 1 126 ? -1.382  1.706   22.045  1.00 38.32 ? 126 GLN A NE2 1 
ATOM   1008 N  N   . GLY A 1 127 ? -3.695  -3.621  20.772  1.00 15.99 ? 127 GLY A N   1 
ATOM   1009 C  CA  . GLY A 1 127 ? -4.805  -4.464  21.134  1.00 14.90 ? 127 GLY A CA  1 
ATOM   1010 C  C   . GLY A 1 127 ? -5.369  -5.358  20.061  1.00 15.11 ? 127 GLY A C   1 
ATOM   1011 O  O   . GLY A 1 127 ? -6.453  -5.946  20.280  1.00 15.70 ? 127 GLY A O   1 
ATOM   1012 N  N   . CYS A 1 128 ? -4.647  -5.521  18.946  1.00 13.16 ? 128 CYS A N   1 
ATOM   1013 C  CA  . CYS A 1 128 ? -5.177  -6.318  17.847  1.00 13.30 ? 128 CYS A CA  1 
ATOM   1014 C  C   . CYS A 1 128 ? -4.806  -7.791  17.942  1.00 14.46 ? 128 CYS A C   1 
ATOM   1015 O  O   . CYS A 1 128 ? -5.303  -8.560  17.081  1.00 15.53 ? 128 CYS A O   1 
ATOM   1016 C  CB  . CYS A 1 128 ? -4.687  -5.785  16.467  1.00 11.59 ? 128 CYS A CB  1 
ATOM   1017 S  SG  . CYS A 1 128 ? -5.226  -4.074  16.138  1.00 11.96 ? 128 CYS A SG  1 
ATOM   1018 N  N   . GLY A 1 129 ? -3.924  -8.109  18.860  1.00 15.23 ? 129 GLY A N   1 
ATOM   1019 C  CA  . GLY A 1 129 ? -3.526  -9.532  18.987  1.00 18.17 ? 129 GLY A CA  1 
ATOM   1020 C  C   . GLY A 1 129 ? -2.523  -9.994  17.966  1.00 19.23 ? 129 GLY A C   1 
ATOM   1021 O  O   . GLY A 1 129 ? -2.496  -11.200 17.670  1.00 21.37 ? 129 GLY A O   1 
ATOM   1022 N  N   . VAL A 1 130 ? -1.713  -9.109  17.453  1.00 19.11 ? 130 VAL A N   1 
ATOM   1023 C  CA  . VAL A 1 130 ? -0.663  -9.388  16.477  1.00 21.12 ? 130 VAL A CA  1 
ATOM   1024 C  C   . VAL A 1 130 ? 0.718   -9.144  17.115  1.00 23.55 ? 130 VAL A C   1 
ATOM   1025 O  O   . VAL A 1 130 ? 0.829   -8.761  18.303  1.00 25.34 ? 130 VAL A O   1 
ATOM   1026 C  CB  . VAL A 1 130 ? -0.830  -8.517  15.220  1.00 20.77 ? 130 VAL A CB  1 
ATOM   1027 C  CG1 . VAL A 1 130 ? -2.104  -8.828  14.458  1.00 19.51 ? 130 VAL A CG1 1 
ATOM   1028 C  CG2 . VAL A 1 130 ? -0.798  -7.020  15.551  1.00 20.49 ? 130 VAL A CG2 1 
ATOM   1029 O  OXT . VAL A 1 130 ? 1.681   -9.334  16.360  1.00 26.62 ? 130 VAL A OXT 1 
HETATM 1030 C  C1  . NAG B 2 .   ? 0.823   10.134  -5.654  1.00 38.93 ? 1   NAG B C1  1 
HETATM 1031 C  C2  . NAG B 2 .   ? 2.133   10.866  -5.852  1.00 39.76 ? 1   NAG B C2  1 
HETATM 1032 C  C3  . NAG B 2 .   ? 3.138   9.865   -6.397  1.00 37.76 ? 1   NAG B C3  1 
HETATM 1033 C  C4  . NAG B 2 .   ? 3.273   8.684   -5.468  1.00 36.29 ? 1   NAG B C4  1 
HETATM 1034 C  C5  . NAG B 2 .   ? 1.902   8.116   -5.055  1.00 37.03 ? 1   NAG B C5  1 
HETATM 1035 C  C6  . NAG B 2 .   ? 1.946   7.003   -4.028  1.00 36.53 ? 1   NAG B C6  1 
HETATM 1036 C  C7  . NAG B 2 .   ? 2.361   13.255  -6.006  1.00 43.06 ? 1   NAG B C7  1 
HETATM 1037 C  C8  . NAG B 2 .   ? 2.251   14.509  -6.828  1.00 43.05 ? 1   NAG B C8  1 
HETATM 1038 N  N2  . NAG B 2 .   ? 2.039   12.110  -6.621  1.00 41.77 ? 1   NAG B N2  1 
HETATM 1039 O  O1  . NAG B 2 .   ? -0.153  10.964  -5.136  1.00 38.80 ? 1   NAG B O1  1 
HETATM 1040 O  O3  . NAG B 2 .   ? 4.419   10.522  -6.494  1.00 38.13 ? 1   NAG B O3  1 
HETATM 1041 O  O4  . NAG B 2 .   ? 4.013   7.552   -6.066  1.00 27.49 ? 1   NAG B O4  1 
HETATM 1042 O  O5  . NAG B 2 .   ? 1.114   9.226   -4.560  1.00 39.25 ? 1   NAG B O5  1 
HETATM 1043 O  O6  . NAG B 2 .   ? 0.750   6.835   -3.265  1.00 34.05 ? 1   NAG B O6  1 
HETATM 1044 O  O7  . NAG B 2 .   ? 2.727   13.321  -4.829  1.00 43.67 ? 1   NAG B O7  1 
HETATM 1045 C  C1  . NAG B 2 .   ? 5.377   7.361   -6.049  1.00 25.18 ? 2   NAG B C1  1 
HETATM 1046 C  C2  . NAG B 2 .   ? 5.677   5.886   -6.206  1.00 23.36 ? 2   NAG B C2  1 
HETATM 1047 C  C3  . NAG B 2 .   ? 7.179   5.716   -6.349  1.00 23.62 ? 2   NAG B C3  1 
HETATM 1048 C  C4  . NAG B 2 .   ? 7.731   6.633   -7.443  1.00 25.46 ? 2   NAG B C4  1 
HETATM 1049 C  C5  . NAG B 2 .   ? 7.313   8.075   -7.090  1.00 26.24 ? 2   NAG B C5  1 
HETATM 1050 C  C6  . NAG B 2 .   ? 7.882   9.195   -7.912  1.00 29.00 ? 2   NAG B C6  1 
HETATM 1051 C  C7  . NAG B 2 .   ? 4.181   4.233   -5.207  1.00 18.58 ? 2   NAG B C7  1 
HETATM 1052 C  C8  . NAG B 2 .   ? 3.814   3.555   -3.917  1.00 17.13 ? 2   NAG B C8  1 
HETATM 1053 N  N2  . NAG B 2 .   ? 5.152   5.119   -5.077  1.00 19.57 ? 2   NAG B N2  1 
HETATM 1054 O  O3  . NAG B 2 .   ? 7.453   4.347   -6.642  1.00 21.54 ? 2   NAG B O3  1 
HETATM 1055 O  O4  . NAG B 2 .   ? 9.213   6.649   -7.350  1.00 25.27 ? 2   NAG B O4  1 
HETATM 1056 O  O5  . NAG B 2 .   ? 5.882   8.060   -7.206  1.00 26.18 ? 2   NAG B O5  1 
HETATM 1057 O  O6  . NAG B 2 .   ? 8.253   8.780   -9.226  1.00 32.98 ? 2   NAG B O6  1 
HETATM 1058 O  O7  . NAG B 2 .   ? 3.591   3.961   -6.247  1.00 15.90 ? 2   NAG B O7  1 
HETATM 1059 C  C1  . NAG B 2 .   ? 9.960   6.085   -8.383  1.00 26.66 ? 3   NAG B C1  1 
HETATM 1060 C  C2  . NAG B 2 .   ? 11.392  6.571   -8.290  1.00 27.71 ? 3   NAG B C2  1 
HETATM 1061 C  C3  . NAG B 2 .   ? 12.223  5.814   -9.306  1.00 28.15 ? 3   NAG B C3  1 
HETATM 1062 C  C4  . NAG B 2 .   ? 12.026  4.342   -9.213  1.00 27.95 ? 3   NAG B C4  1 
HETATM 1063 C  C5  . NAG B 2 .   ? 10.540  3.930   -9.193  1.00 26.14 ? 3   NAG B C5  1 
HETATM 1064 C  C6  . NAG B 2 .   ? 10.256  2.479   -8.903  1.00 24.90 ? 3   NAG B C6  1 
HETATM 1065 C  C7  . NAG B 2 .   ? 11.807  8.844   -7.589  1.00 30.43 ? 3   NAG B C7  1 
HETATM 1066 C  C8  . NAG B 2 .   ? 11.864  10.298  -7.966  1.00 30.65 ? 3   NAG B C8  1 
HETATM 1067 N  N2  . NAG B 2 .   ? 11.486  8.011   -8.545  1.00 28.92 ? 3   NAG B N2  1 
HETATM 1068 O  O3  . NAG B 2 .   ? 13.603  6.151   -9.000  1.00 29.47 ? 3   NAG B O3  1 
HETATM 1069 O  O4  . NAG B 2 .   ? 12.745  3.671   -10.218 1.00 33.85 ? 3   NAG B O4  1 
HETATM 1070 O  O5  . NAG B 2 .   ? 9.891   4.687   -8.168  1.00 25.90 ? 3   NAG B O5  1 
HETATM 1071 O  O6  . NAG B 2 .   ? 10.880  2.030   -7.686  1.00 23.07 ? 3   NAG B O6  1 
HETATM 1072 O  O7  . NAG B 2 .   ? 12.048  8.495   -6.433  1.00 32.14 ? 3   NAG B O7  1 
HETATM 1073 C  C1  . NAG B 2 .   ? 13.616  2.609   -9.925  1.00 39.55 ? 4   NAG B C1  1 
HETATM 1074 C  C2  . NAG B 2 .   ? 13.919  1.913   -11.238 1.00 42.00 ? 4   NAG B C2  1 
HETATM 1075 C  C3  . NAG B 2 .   ? 14.842  0.756   -10.952 1.00 43.28 ? 4   NAG B C3  1 
HETATM 1076 C  C4  . NAG B 2 .   ? 16.081  1.167   -10.175 1.00 43.36 ? 4   NAG B C4  1 
HETATM 1077 C  C5  . NAG B 2 .   ? 15.838  2.240   -9.103  1.00 42.88 ? 4   NAG B C5  1 
HETATM 1078 C  C6  . NAG B 2 .   ? 17.052  3.114   -8.777  1.00 42.93 ? 4   NAG B C6  1 
HETATM 1079 C  C7  . NAG B 2 .   ? 12.069  2.481   -12.690 1.00 45.84 ? 4   NAG B C7  1 
HETATM 1080 C  C8  . NAG B 2 .   ? 10.754  2.027   -13.277 1.00 45.31 ? 4   NAG B C8  1 
HETATM 1081 N  N2  . NAG B 2 .   ? 12.656  1.596   -11.884 1.00 44.26 ? 4   NAG B N2  1 
HETATM 1082 O  O3  . NAG B 2 .   ? 15.281  0.251   -12.250 1.00 44.29 ? 4   NAG B O3  1 
HETATM 1083 O  O4  . NAG B 2 .   ? 16.667  0.048   -9.486  1.00 44.17 ? 4   NAG B O4  1 
HETATM 1084 O  O5  . NAG B 2 .   ? 14.813  3.175   -9.449  1.00 41.06 ? 4   NAG B O5  1 
HETATM 1085 O  O6  . NAG B 2 .   ? 18.243  2.650   -9.402  1.00 44.50 ? 4   NAG B O6  1 
HETATM 1086 O  O7  . NAG B 2 .   ? 12.543  3.594   -12.965 1.00 46.55 ? 4   NAG B O7  1 
HETATM 1087 CL CL  . CL  C 3 .   ? -4.291  -8.718  -13.107 0.91 13.20 ? 131 CL  A CL  1 
HETATM 1088 CL CL  . CL  D 3 .   ? -2.915  -5.286  -17.809 0.79 10.79 ? 132 CL  A CL  1 
HETATM 1089 O  O   . HOH E 4 .   ? -9.338  3.219   13.294  1.00 20.86 ? 140 HOH A O   1 
HETATM 1090 O  O   . HOH E 4 .   ? -15.909 3.106   7.775   0.84 32.30 ? 141 HOH A O   1 
HETATM 1091 O  O   . HOH E 4 .   ? -3.769  8.456   13.517  1.00 40.34 ? 142 HOH A O   1 
HETATM 1092 O  O   . HOH E 4 .   ? -8.171  5.404   11.812  0.98 38.34 ? 143 HOH A O   1 
HETATM 1093 O  O   . HOH E 4 .   ? -15.148 1.306   9.087   1.00 37.02 ? 144 HOH A O   1 
HETATM 1094 O  O   . HOH E 4 .   ? -10.896 1.142   12.225  0.88 14.63 ? 145 HOH A O   1 
HETATM 1095 O  O   . HOH E 4 .   ? -6.404  3.692   12.841  1.00 14.29 ? 146 HOH A O   1 
HETATM 1096 O  O   . HOH E 4 .   ? -11.474 -6.785  15.211  1.00 26.41 ? 147 HOH A O   1 
HETATM 1097 O  O   . HOH E 4 .   ? -11.989 1.562   9.464   1.00 14.48 ? 148 HOH A O   1 
HETATM 1098 O  O   . HOH E 4 .   ? -8.926  7.855   7.694   0.93 35.11 ? 149 HOH A O   1 
HETATM 1099 O  O   . HOH E 4 .   ? -15.540 -0.997  8.106   0.70 26.21 ? 150 HOH A O   1 
HETATM 1100 O  O   . HOH E 4 .   ? -11.441 3.837   8.159   1.00 26.67 ? 151 HOH A O   1 
HETATM 1101 O  O   . HOH E 4 .   ? -13.861 -6.634  11.847  0.82 47.22 ? 152 HOH A O   1 
HETATM 1102 O  O   . HOH E 4 .   ? -5.972  12.976  5.805   0.80 53.23 ? 153 HOH A O   1 
HETATM 1103 O  O   . HOH E 4 .   ? 0.133   -4.428  20.707  0.81 67.65 ? 154 HOH A O   1 
HETATM 1104 O  O   . HOH E 4 .   ? 1.383   8.414   12.898  0.68 18.00 ? 155 HOH A O   1 
HETATM 1105 O  O   . HOH E 4 .   ? -6.880  8.555   6.434   1.00 38.06 ? 156 HOH A O   1 
HETATM 1106 O  O   . HOH E 4 .   ? -11.923 5.070   4.736   1.00 34.02 ? 157 HOH A O   1 
HETATM 1107 O  O   . HOH E 4 .   ? -1.326  -6.232  18.786  0.87 20.33 ? 158 HOH A O   1 
HETATM 1108 O  O   . HOH E 4 .   ? -12.968 -12.341 13.172  0.74 33.04 ? 159 HOH A O   1 
HETATM 1109 O  O   . HOH E 4 .   ? -9.987  8.725   4.634   0.91 48.29 ? 160 HOH A O   1 
HETATM 1110 O  O   . HOH E 4 .   ? -11.676 -9.972  12.389  0.92 30.82 ? 161 HOH A O   1 
HETATM 1111 O  O   . HOH E 4 .   ? -14.397 -4.716  7.160   1.00 40.08 ? 162 HOH A O   1 
HETATM 1112 O  O   . HOH E 4 .   ? -19.414 -6.321  4.401   0.87 20.76 ? 163 HOH A O   1 
HETATM 1113 O  O   . HOH E 4 .   ? -16.914 -2.156  3.627   1.00 15.62 ? 164 HOH A O   1 
HETATM 1114 O  O   . HOH E 4 .   ? -10.740 12.737  -1.108  0.76 46.98 ? 165 HOH A O   1 
HETATM 1115 O  O   . HOH E 4 .   ? -17.381 -0.019  1.061   1.00 14.13 ? 166 HOH A O   1 
HETATM 1116 O  O   . HOH E 4 .   ? 7.126   2.986   17.131  0.57 16.24 ? 167 HOH A O   1 
HETATM 1117 O  O   . HOH E 4 .   ? -2.645  11.643  4.301   0.76 44.38 ? 168 HOH A O   1 
HETATM 1118 O  O   . HOH E 4 .   ? -10.721 6.109   1.108   0.91 27.99 ? 169 HOH A O   1 
HETATM 1119 O  O   . HOH E 4 .   ? 6.787   11.575  10.221  0.89 14.70 ? 170 HOH A O   1 
HETATM 1120 O  O   . HOH E 4 .   ? -16.741 -6.567  3.923   0.74 50.10 ? 171 HOH A O   1 
HETATM 1121 O  O   . HOH E 4 .   ? 0.545   13.207  3.834   0.99 22.08 ? 172 HOH A O   1 
HETATM 1122 O  O   . HOH E 4 .   ? -7.608  8.226   0.017   0.99 48.03 ? 173 HOH A O   1 
HETATM 1123 O  O   . HOH E 4 .   ? 2.884   -5.876  15.977  0.65 52.09 ? 174 HOH A O   1 
HETATM 1124 O  O   . HOH E 4 .   ? -10.053 8.064   -1.188  0.98 44.56 ? 175 HOH A O   1 
HETATM 1125 O  O   . HOH E 4 .   ? -14.699 0.077   -0.208  1.00 13.03 ? 176 HOH A O   1 
HETATM 1126 O  O   . HOH E 4 .   ? -17.459 -4.990  -0.326  1.00 25.60 ? 177 HOH A O   1 
HETATM 1127 O  O   . HOH E 4 .   ? 6.849   -1.456  15.120  1.00 13.54 ? 178 HOH A O   1 
HETATM 1128 O  O   . HOH E 4 .   ? -16.563 -3.078  -1.586  1.00 42.88 ? 179 HOH A O   1 
HETATM 1129 O  O   . HOH E 4 .   ? 4.688   -3.828  14.574  1.00 12.48 ? 180 HOH A O   1 
HETATM 1130 O  O   . HOH E 4 .   ? -11.362 7.239   -3.729  0.84 36.00 ? 181 HOH A O   1 
HETATM 1131 O  O   . HOH E 4 .   ? 10.002  12.660  8.080   0.99 22.44 ? 182 HOH A O   1 
HETATM 1132 O  O   . HOH E 4 .   ? 8.281   4.452   11.642  1.00 21.24 ? 183 HOH A O   1 
HETATM 1133 O  O   . HOH E 4 .   ? -7.087  8.528   -2.725  0.79 51.61 ? 184 HOH A O   1 
HETATM 1134 O  O   . HOH E 4 .   ? -11.982 8.671   -6.754  0.68 48.99 ? 185 HOH A O   1 
HETATM 1135 O  O   . HOH E 4 .   ? 5.648   -6.436  14.702  0.70 18.51 ? 186 HOH A O   1 
HETATM 1136 O  O   . HOH E 4 .   ? -2.956  -13.004 12.063  0.85 20.76 ? 187 HOH A O   1 
HETATM 1137 O  O   . HOH E 4 .   ? -13.010 4.775   -6.245  0.94 35.37 ? 188 HOH A O   1 
HETATM 1138 O  O   . HOH E 4 .   ? -9.185  11.461  -8.169  0.91 28.80 ? 189 HOH A O   1 
HETATM 1139 O  O   . HOH E 4 .   ? -11.027 -8.846  2.177   1.00 25.48 ? 190 HOH A O   1 
HETATM 1140 O  O   . HOH E 4 .   ? -12.745 -10.308 0.927   0.98 32.38 ? 191 HOH A O   1 
HETATM 1141 O  O   . HOH E 4 .   ? -12.872 -3.141  -3.319  0.85 11.85 ? 192 HOH A O   1 
HETATM 1142 O  O   . HOH E 4 .   ? -0.996  -15.105 12.002  0.94 47.86 ? 193 HOH A O   1 
HETATM 1143 O  O   . HOH E 4 .   ? 4.492   -13.512 15.665  0.64 37.64 ? 194 HOH A O   1 
HETATM 1144 O  O   . HOH E 4 .   ? -2.728  8.868   -3.485  0.88 20.45 ? 195 HOH A O   1 
HETATM 1145 O  O   . HOH E 4 .   ? -4.960  15.870  -9.385  0.53 19.08 ? 196 HOH A O   1 
HETATM 1146 O  O   . HOH E 4 .   ? -0.442  8.621   -2.256  0.76 16.44 ? 197 HOH A O   1 
HETATM 1147 O  O   . HOH E 4 .   ? 12.152  12.347  5.319   0.99 42.75 ? 198 HOH A O   1 
HETATM 1148 O  O   . HOH E 4 .   ? 2.231   8.981   -0.778  1.00 12.10 ? 199 HOH A O   1 
HETATM 1149 O  O   . HOH E 4 .   ? 10.260  -1.029  10.537  1.00 10.06 ? 200 HOH A O   1 
HETATM 1150 O  O   . HOH E 4 .   ? 6.159   -11.399 13.684  0.59 49.63 ? 201 HOH A O   1 
HETATM 1151 O  O   . HOH E 4 .   ? -8.005  -10.078 2.025   1.00 15.75 ? 202 HOH A O   1 
HETATM 1152 O  O   . HOH E 4 .   ? -9.913  8.191   -10.844 1.00 45.15 ? 203 HOH A O   1 
HETATM 1153 O  O   . HOH E 4 .   ? -5.100  -12.966 5.209   0.80 23.89 ? 204 HOH A O   1 
HETATM 1154 O  O   . HOH E 4 .   ? -6.932  -12.547 3.101   0.80 34.25 ? 205 HOH A O   1 
HETATM 1155 O  O   . HOH E 4 .   ? -6.037  -2.430  -2.691  1.00 13.12 ? 206 HOH A O   1 
HETATM 1156 O  O   . HOH E 4 .   ? -0.941  15.919  -9.674  0.77 15.47 ? 207 HOH A O   1 
HETATM 1157 O  O   . HOH E 4 .   ? 3.762   -11.302 8.962   1.00 11.60 ? 208 HOH A O   1 
HETATM 1158 O  O   . HOH E 4 .   ? -12.875 -9.052  -4.465  1.00 10.53 ? 209 HOH A O   1 
HETATM 1159 O  O   . HOH E 4 .   ? -7.225  -4.852  -2.931  1.00 14.92 ? 210 HOH A O   1 
HETATM 1160 O  O   . HOH E 4 .   ? 4.266   8.982   -2.888  1.00 44.27 ? 211 HOH A O   1 
HETATM 1161 O  O   . HOH E 4 .   ? -2.670  19.693  -14.051 1.00 35.81 ? 212 HOH A O   1 
HETATM 1162 O  O   . HOH E 4 .   ? 4.018   -14.039 8.936   0.86 49.51 ? 213 HOH A O   1 
HETATM 1163 O  O   . HOH E 4 .   ? -3.153  -0.834  -3.200  1.00 10.89 ? 214 HOH A O   1 
HETATM 1164 O  O   . HOH E 4 .   ? -8.370  -16.981 1.565   0.96 47.24 ? 215 HOH A O   1 
HETATM 1165 O  O   . HOH E 4 .   ? 6.772   -12.289 9.704   0.72 30.32 ? 216 HOH A O   1 
HETATM 1166 O  O   . HOH E 4 .   ? -8.017  7.580   -13.128 0.86 18.25 ? 217 HOH A O   1 
HETATM 1167 O  O   . HOH E 4 .   ? 4.138   16.160  -9.832  0.73 57.39 ? 218 HOH A O   1 
HETATM 1168 O  O   . HOH E 4 .   ? -11.523 -4.635  -9.120  1.00 15.21 ? 219 HOH A O   1 
HETATM 1169 O  O   . HOH E 4 .   ? -5.875  -15.028 0.614   0.88 18.55 ? 220 HOH A O   1 
HETATM 1170 O  O   . HOH E 4 .   ? -11.893 -10.601 -6.569  0.95 23.77 ? 221 HOH A O   1 
HETATM 1171 O  O   . HOH E 4 .   ? -5.797  -6.936  -4.290  1.00 10.12 ? 222 HOH A O   1 
HETATM 1172 O  O   . HOH E 4 .   ? -8.545  4.603   -13.386 1.00 23.47 ? 223 HOH A O   1 
HETATM 1173 O  O   . HOH E 4 .   ? 8.038   8.484   -3.659  0.90 35.08 ? 224 HOH A O   1 
HETATM 1174 O  O   . HOH E 4 .   ? 2.634   11.289  -9.233  0.81 40.42 ? 225 HOH A O   1 
HETATM 1175 O  O   . HOH E 4 .   ? 10.434  -11.052 5.735   0.89 60.81 ? 226 HOH A O   1 
HETATM 1176 O  O   . HOH E 4 .   ? 1.404   19.381  -15.927 0.58 31.33 ? 227 HOH A O   1 
HETATM 1177 O  O   . HOH E 4 .   ? -6.177  -10.162 -4.545  0.85 13.48 ? 228 HOH A O   1 
HETATM 1178 O  O   . HOH E 4 .   ? -12.501 -13.868 -9.785  0.92 77.23 ? 229 HOH A O   1 
HETATM 1179 O  O   . HOH E 4 .   ? 11.839  10.189  -3.337  0.95 48.35 ? 230 HOH A O   1 
HETATM 1180 O  O   . HOH E 4 .   ? 14.261  8.190   -1.377  0.95 39.90 ? 231 HOH A O   1 
HETATM 1181 O  O   . HOH E 4 .   ? -8.064  -12.072 -6.089  0.85 52.43 ? 232 HOH A O   1 
HETATM 1182 O  O   . HOH E 4 .   ? -5.640  -15.335 -2.522  0.90 34.91 ? 233 HOH A O   1 
HETATM 1183 O  O   . HOH E 4 .   ? -5.007  17.836  -21.406 0.65 35.67 ? 234 HOH A O   1 
HETATM 1184 O  O   . HOH E 4 .   ? 12.696  -2.069  2.689   1.00 16.58 ? 235 HOH A O   1 
HETATM 1185 O  O   . HOH E 4 .   ? -9.853  -7.150  -10.967 1.00 15.01 ? 236 HOH A O   1 
HETATM 1186 O  O   . HOH E 4 .   ? -3.939  6.936   -14.874 1.00 13.05 ? 237 HOH A O   1 
HETATM 1187 O  O   . HOH E 4 .   ? -0.224  -12.102 -1.373  0.84 16.10 ? 238 HOH A O   1 
HETATM 1188 O  O   . HOH E 4 .   ? 3.765   9.139   -10.896 1.00 24.44 ? 239 HOH A O   1 
HETATM 1189 O  O   . HOH E 4 .   ? 6.097   10.705  -9.678  0.85 45.83 ? 240 HOH A O   1 
HETATM 1190 O  O   . HOH E 4 .   ? -3.953  9.239   -17.604 0.85 22.50 ? 241 HOH A O   1 
HETATM 1191 O  O   . HOH E 4 .   ? 2.546   -12.058 -0.833  1.00 17.91 ? 242 HOH A O   1 
HETATM 1192 O  O   . HOH E 4 .   ? 5.579   11.987  -12.273 0.67 33.30 ? 243 HOH A O   1 
HETATM 1193 O  O   . HOH E 4 .   ? 10.786  1.385   -3.116  0.79 9.80  ? 244 HOH A O   1 
HETATM 1194 O  O   . HOH E 4 .   ? 9.232   -13.586 3.105   0.90 55.15 ? 245 HOH A O   1 
HETATM 1195 O  O   . HOH E 4 .   ? 11.958  -10.055 3.911   1.00 21.37 ? 246 HOH A O   1 
HETATM 1196 O  O   . HOH E 4 .   ? 6.420   -16.018 3.320   1.00 36.35 ? 247 HOH A O   1 
HETATM 1197 O  O   . HOH E 4 .   ? -1.347  -13.222 -4.511  0.98 60.95 ? 248 HOH A O   1 
HETATM 1198 O  O   . HOH E 4 .   ? 6.460   -13.105 2.809   1.00 41.36 ? 249 HOH A O   1 
HETATM 1199 O  O   . HOH E 4 .   ? 10.722  3.204   -5.298  1.00 24.02 ? 250 HOH A O   1 
HETATM 1200 O  O   . HOH E 4 .   ? 14.405  -2.458  0.330   0.81 15.63 ? 251 HOH A O   1 
HETATM 1201 O  O   . HOH E 4 .   ? -10.107 -14.253 -9.465  1.00 54.38 ? 252 HOH A O   1 
HETATM 1202 O  O   . HOH E 4 .   ? -3.743  9.712   -20.450 1.00 35.01 ? 253 HOH A O   1 
HETATM 1203 O  O   . HOH E 4 .   ? -4.097  -13.933 -7.072  0.89 71.54 ? 254 HOH A O   1 
HETATM 1204 O  O   . HOH E 4 .   ? -2.032  11.532  -21.454 1.00 37.31 ? 255 HOH A O   1 
HETATM 1205 O  O   . HOH E 4 .   ? 13.764  2.973   -5.300  1.00 17.30 ? 256 HOH A O   1 
HETATM 1206 O  O   . HOH E 4 .   ? 4.556   -12.187 -3.277  0.76 28.26 ? 257 HOH A O   1 
HETATM 1207 O  O   . HOH E 4 .   ? 12.409  -9.695  1.308   0.77 60.03 ? 258 HOH A O   1 
HETATM 1208 O  O   . HOH E 4 .   ? 5.873   -9.844  -4.509  0.81 17.92 ? 259 HOH A O   1 
HETATM 1209 O  O   . HOH E 4 .   ? 0.553   -13.014 -6.222  0.72 42.61 ? 260 HOH A O   1 
HETATM 1210 O  O   . HOH E 4 .   ? 2.369   -8.570  -7.895  0.76 30.00 ? 261 HOH A O   1 
HETATM 1211 O  O   . HOH E 4 .   ? 11.014  8.545   -11.530 0.90 39.30 ? 262 HOH A O   1 
HETATM 1212 O  O   . HOH E 4 .   ? -2.606  -12.242 -10.051 0.80 55.66 ? 263 HOH A O   1 
HETATM 1213 O  O   . HOH E 4 .   ? 16.891  -2.663  -1.151  0.73 22.39 ? 264 HOH A O   1 
HETATM 1214 O  O   . HOH E 4 .   ? 15.154  4.972   -6.840  0.78 29.16 ? 265 HOH A O   1 
HETATM 1215 O  O   . HOH E 4 .   ? -0.196  2.099   -16.611 1.00 11.25 ? 266 HOH A O   1 
HETATM 1216 O  O   . HOH E 4 .   ? 15.404  -9.636  1.878   1.00 44.60 ? 267 HOH A O   1 
HETATM 1217 O  O   . HOH E 4 .   ? 1.820   1.212   -15.470 1.00 5.20  ? 268 HOH A O   1 
HETATM 1218 O  O   . HOH E 4 .   ? 12.082  -17.044 2.012   0.96 46.73 ? 269 HOH A O   1 
HETATM 1219 O  O   . HOH E 4 .   ? -2.642  -11.237 -12.397 1.00 26.88 ? 270 HOH A O   1 
HETATM 1220 O  O   . HOH E 4 .   ? -0.027  2.886   -19.176 1.00 13.29 ? 271 HOH A O   1 
HETATM 1221 O  O   . HOH E 4 .   ? 19.070  4.572   -6.647  1.00 29.73 ? 272 HOH A O   1 
HETATM 1222 O  O   . HOH E 4 .   ? 1.252   -10.617 -10.929 0.90 33.86 ? 273 HOH A O   1 
HETATM 1223 O  O   . HOH E 4 .   ? 8.363   7.411   -16.590 1.00 42.52 ? 274 HOH A O   1 
HETATM 1224 O  O   . HOH E 4 .   ? 17.246  -3.472  -3.843  1.00 34.53 ? 275 HOH A O   1 
HETATM 1225 O  O   . HOH E 4 .   ? 6.990   -11.223 -6.662  0.78 62.10 ? 276 HOH A O   1 
HETATM 1226 O  O   . HOH E 4 .   ? 20.299  6.845   -8.073  0.99 41.41 ? 277 HOH A O   1 
HETATM 1227 O  O   . HOH E 4 .   ? -3.407  4.872   -23.819 0.83 32.76 ? 278 HOH A O   1 
HETATM 1228 O  O   . HOH E 4 .   ? 1.924   0.043   -17.528 0.94 15.21 ? 279 HOH A O   1 
HETATM 1229 O  O   . HOH E 4 .   ? 11.659  -0.206  -10.605 1.00 49.28 ? 280 HOH A O   1 
HETATM 1230 O  O   . HOH E 4 .   ? 7.879   4.392   -15.738 0.84 26.61 ? 281 HOH A O   1 
HETATM 1231 O  O   . HOH E 4 .   ? -3.267  -9.355  -16.169 0.92 17.03 ? 282 HOH A O   1 
HETATM 1232 O  O   . HOH E 4 .   ? 6.658   -8.797  -9.704  0.97 47.28 ? 283 HOH A O   1 
HETATM 1233 O  O   . HOH E 4 .   ? -0.373  5.704   -22.150 1.00 54.58 ? 284 HOH A O   1 
HETATM 1234 O  O   . HOH E 4 .   ? -0.782  -7.039  -16.260 1.00 16.31 ? 285 HOH A O   1 
HETATM 1235 O  O   . HOH E 4 .   ? 11.904  -7.687  -7.181  0.93 29.11 ? 286 HOH A O   1 
HETATM 1236 O  O   . HOH E 4 .   ? 4.692   -10.801 -11.032 1.00 43.37 ? 287 HOH A O   1 
HETATM 1237 O  O   . HOH E 4 .   ? 0.581   1.004   -20.933 1.00 33.30 ? 288 HOH A O   1 
HETATM 1238 O  O   . HOH E 4 .   ? 2.846   3.887   -21.178 0.48 43.57 ? 289 HOH A O   1 
HETATM 1239 O  O   . HOH E 4 .   ? 3.679   7.773   -23.969 0.83 46.66 ? 290 HOH A O   1 
HETATM 1240 O  O   . HOH E 4 .   ? 1.942   -12.969 -13.436 0.71 33.34 ? 291 HOH A O   1 
HETATM 1241 O  O   . HOH E 4 .   ? 12.885  -11.459 -6.665  1.00 44.27 ? 292 HOH A O   1 
HETATM 1242 O  O   . HOH E 4 .   ? 9.618   -6.465  -11.689 1.00 27.57 ? 293 HOH A O   1 
HETATM 1243 O  O   . HOH E 4 .   ? 3.433   -1.564  -19.390 0.83 21.29 ? 294 HOH A O   1 
HETATM 1244 O  O   . HOH E 4 .   ? 20.286  -8.904  -2.768  1.00 59.33 ? 295 HOH A O   1 
HETATM 1245 O  O   . HOH E 4 .   ? 1.875   -4.119  -19.158 1.00 20.75 ? 296 HOH A O   1 
HETATM 1246 O  O   . HOH E 4 .   ? 10.790  -4.102  -12.793 0.91 31.93 ? 297 HOH A O   1 
HETATM 1247 O  O   . HOH E 4 .   ? -1.689  -8.816  -19.321 0.91 34.13 ? 298 HOH A O   1 
HETATM 1248 O  O   . HOH E 4 .   ? -0.130  -4.146  -21.892 0.62 46.19 ? 299 HOH A O   1 
HETATM 1249 O  O   . HOH E 4 .   ? 6.409   -3.325  -17.825 1.00 27.38 ? 300 HOH A O   1 
HETATM 1250 O  O   . HOH E 4 .   ? 1.616   -7.092  -17.827 1.00 52.50 ? 301 HOH A O   1 
HETATM 1251 O  O   . HOH E 4 .   ? 9.466   -9.018  -16.440 0.76 40.64 ? 302 HOH A O   1 
# 
